data_4V0N
#
_entry.id   4V0N
#
_cell.length_a   123.745
_cell.length_b   123.745
_cell.length_c   443.709
_cell.angle_alpha   90.00
_cell.angle_beta   90.00
_cell.angle_gamma   120.00
#
_symmetry.space_group_name_H-M   'P 31 2 1'
#
loop_
_entity.id
_entity.type
_entity.pdbx_description
1 polymer 'ARF-LIKE SMALL GTPASE'
2 polymer 'BARDET-BIEDL SYNDROME 1 PROTEIN'
3 non-polymer "GUANOSINE-5'-TRIPHOSPHATE"
4 non-polymer 'MAGNESIUM ION'
5 non-polymer 'MERCURY (II) ION'
#
loop_
_entity_poly.entity_id
_entity_poly.type
_entity_poly.pdbx_seq_one_letter_code
_entity_poly.pdbx_strand_id
1 'polypeptide(L)'
;GAASKKVNVLVVGLDNSGKTTIIERLKPRPRQAAEVAPTVGFTVDEVEKGPLTFTVFDMSGAGRYRTLWEQYYREADAVV
FVVDSADKLRMVVARDEMEHMLKHSNMRKVPILYFANKKDLPVAMPPVEIAQALGLDDIKDRPWQIVPSNGLTGEGVDKG
IDWLAERLS
;
A,C,E,G
2 'polypeptide(L)'
;MVHESNPNDYAAGDAGNASGRYTTGSNGIPPMLPSVRSVWLDAFNDPVAGISAYTPCVHTCNLFGDGENRLVIADEDRKL
KIWKGTQKASEHPLLDTPVAICSYISENTAPRLPALAVAAGSHIYIYRNLRPYYKFVLPPENVNTEEQDIWQKVMEGEIV
IGEAVAQLTRLQVRAGDAGVVLQTRSLQLMNIGDPDAKMAFVEHWQGQPLVATTVITCMDVVKQAIDEPDAVSCLVVGTE
SGRILILNPAGTAIVKNIWVGITPAMIAVQGELDVGYRITVAGRDGKLYHIRNGELSQTIIQLEAQPVGLVRLAKHVAVG
CMNDVVHAYTPTGHKSWSLYLPCHILAMQRMEVTGQRNTKALIVALSNGEVRVYNEKLLVSVHVSPNPVTALWFGRYGRE
DNTLLAITKSGALDIKMLPRTANLE
;
B,D,F,H
#
loop_
_chem_comp.id
_chem_comp.type
_chem_comp.name
_chem_comp.formula
GTP non-polymer GUANOSINE-5'-TRIPHOSPHATE 'C10 H16 N5 O14 P3'
HG non-polymer 'MERCURY (II) ION' 'Hg 2'
MG non-polymer 'MAGNESIUM ION' 'Mg 2'
#
# COMPACT_ATOMS: atom_id res chain seq x y z
N SER A 4 -0.33 -20.13 -61.38
CA SER A 4 -1.26 -20.00 -60.26
C SER A 4 -0.99 -18.71 -59.46
N LYS A 5 -1.60 -18.58 -58.29
CA LYS A 5 -1.31 -17.45 -57.38
C LYS A 5 -0.83 -17.98 -56.04
N LYS A 6 0.32 -17.47 -55.59
CA LYS A 6 0.97 -18.00 -54.40
C LYS A 6 0.57 -17.27 -53.11
N VAL A 7 0.10 -18.05 -52.15
CA VAL A 7 -0.24 -17.51 -50.83
C VAL A 7 0.34 -18.36 -49.71
N ASN A 8 0.68 -17.69 -48.61
CA ASN A 8 1.27 -18.33 -47.44
C ASN A 8 0.18 -18.73 -46.46
N VAL A 9 0.10 -20.02 -46.12
CA VAL A 9 -0.91 -20.43 -45.17
C VAL A 9 -0.28 -21.03 -43.89
N LEU A 10 -0.35 -20.25 -42.81
CA LEU A 10 0.18 -20.67 -41.52
C LEU A 10 -0.79 -21.60 -40.82
N VAL A 11 -0.35 -22.80 -40.49
CA VAL A 11 -1.26 -23.74 -39.82
C VAL A 11 -0.81 -24.03 -38.40
N VAL A 12 -1.64 -23.60 -37.44
CA VAL A 12 -1.29 -23.71 -36.04
C VAL A 12 -2.44 -24.25 -35.25
N GLY A 13 -2.12 -24.65 -34.01
CA GLY A 13 -3.03 -25.35 -33.13
C GLY A 13 -2.18 -26.12 -32.14
N LEU A 14 -2.77 -26.57 -31.04
CA LEU A 14 -1.97 -27.26 -30.04
C LEU A 14 -1.45 -28.57 -30.61
N ASP A 15 -0.51 -29.19 -29.91
CA ASP A 15 0.02 -30.48 -30.35
C ASP A 15 -1.10 -31.53 -30.30
N ASN A 16 -1.03 -32.48 -31.24
CA ASN A 16 -1.98 -33.60 -31.33
C ASN A 16 -3.41 -33.17 -31.67
N SER A 17 -3.57 -31.97 -32.19
CA SER A 17 -4.89 -31.49 -32.59
C SER A 17 -5.32 -32.05 -33.95
N GLY A 18 -4.35 -32.53 -34.73
CA GLY A 18 -4.67 -33.12 -36.03
C GLY A 18 -4.34 -32.18 -37.17
N LYS A 19 -3.32 -31.34 -36.97
CA LYS A 19 -2.90 -30.39 -37.99
C LYS A 19 -2.34 -31.07 -39.23
N THR A 20 -1.29 -31.88 -39.01
CA THR A 20 -0.60 -32.57 -40.10
C THR A 20 -1.58 -33.49 -40.85
N THR A 21 -2.37 -34.24 -40.09
CA THR A 21 -3.38 -35.12 -40.65
C THR A 21 -4.38 -34.39 -41.57
N ILE A 22 -4.86 -33.23 -41.16
CA ILE A 22 -5.77 -32.42 -42.00
C ILE A 22 -5.08 -31.88 -43.27
N ILE A 23 -3.78 -31.68 -43.19
CA ILE A 23 -3.02 -31.18 -44.32
C ILE A 23 -2.74 -32.28 -45.34
N GLU A 24 -2.63 -33.54 -44.85
CA GLU A 24 -2.46 -34.69 -45.73
C GLU A 24 -3.64 -34.85 -46.68
N ARG A 25 -4.86 -34.78 -46.14
CA ARG A 25 -6.06 -34.92 -46.96
C ARG A 25 -6.22 -33.85 -48.04
N LEU A 26 -5.25 -32.93 -48.15
CA LEU A 26 -5.25 -31.93 -49.22
C LEU A 26 -4.29 -32.29 -50.35
N LYS A 27 -3.54 -33.36 -50.15
CA LYS A 27 -2.63 -33.90 -51.15
C LYS A 27 -3.28 -34.99 -52.05
N PRO A 28 -2.69 -35.26 -53.24
CA PRO A 28 -3.13 -36.37 -54.09
C PRO A 28 -2.98 -37.71 -53.36
N ARG A 29 -3.98 -38.60 -53.46
CA ARG A 29 -3.95 -39.91 -52.77
C ARG A 29 -2.64 -40.72 -52.83
N PRO A 30 -1.87 -40.63 -53.94
CA PRO A 30 -0.54 -41.27 -53.91
C PRO A 30 0.48 -40.46 -53.10
N ARG A 31 0.33 -39.14 -53.04
CA ARG A 31 1.25 -38.28 -52.29
C ARG A 31 1.05 -38.44 -50.78
N GLN A 32 -0.18 -38.80 -50.39
CA GLN A 32 -0.59 -38.97 -48.98
C GLN A 32 0.02 -40.18 -48.27
N ALA A 33 0.29 -40.04 -46.98
CA ALA A 33 0.86 -41.14 -46.19
C ALA A 33 -0.17 -41.81 -45.27
N ALA A 34 0.19 -43.01 -44.80
CA ALA A 34 -0.69 -43.87 -43.99
C ALA A 34 -0.76 -43.39 -42.55
N GLU A 35 0.31 -43.66 -41.79
CA GLU A 35 0.45 -43.08 -40.46
C GLU A 35 1.03 -41.67 -40.61
N VAL A 36 0.85 -40.83 -39.59
CA VAL A 36 1.34 -39.44 -39.63
C VAL A 36 2.18 -39.09 -38.40
N ALA A 37 3.36 -38.52 -38.61
CA ALA A 37 4.29 -38.27 -37.52
C ALA A 37 3.96 -37.06 -36.66
N PRO A 38 4.15 -37.19 -35.34
CA PRO A 38 4.16 -36.01 -34.49
C PRO A 38 5.22 -35.05 -35.00
N THR A 39 4.80 -33.91 -35.56
CA THR A 39 5.66 -32.93 -36.21
C THR A 39 6.88 -32.51 -35.39
N VAL A 40 8.01 -32.33 -36.07
CA VAL A 40 9.24 -31.88 -35.44
C VAL A 40 9.65 -30.49 -35.97
N GLY A 41 9.46 -29.45 -35.17
CA GLY A 41 9.71 -28.08 -35.62
C GLY A 41 8.63 -27.57 -36.58
N PHE A 42 8.82 -27.84 -37.86
CA PHE A 42 7.85 -27.45 -38.88
C PHE A 42 8.22 -28.12 -40.21
N THR A 43 7.26 -28.11 -41.12
CA THR A 43 7.44 -28.69 -42.46
C THR A 43 6.68 -27.85 -43.48
N VAL A 44 7.41 -27.17 -44.36
CA VAL A 44 6.77 -26.46 -45.47
C VAL A 44 6.48 -27.40 -46.66
N ASP A 45 5.23 -27.41 -47.13
CA ASP A 45 4.82 -28.18 -48.31
C ASP A 45 3.97 -27.28 -49.20
N GLU A 46 3.46 -27.81 -50.30
CA GLU A 46 2.66 -27.01 -51.23
C GLU A 46 1.38 -27.72 -51.66
N VAL A 47 0.33 -26.95 -51.95
CA VAL A 47 -0.95 -27.53 -52.36
C VAL A 47 -1.66 -26.57 -53.30
N GLU A 48 -2.21 -27.10 -54.39
CA GLU A 48 -2.99 -26.26 -55.32
C GLU A 48 -4.45 -26.36 -54.92
N LYS A 49 -5.17 -25.26 -55.10
CA LYS A 49 -6.60 -25.28 -54.92
C LYS A 49 -7.11 -24.22 -55.88
N GLY A 50 -7.41 -24.67 -57.10
CA GLY A 50 -7.86 -23.82 -58.19
C GLY A 50 -6.77 -22.90 -58.67
N PRO A 51 -7.12 -21.63 -58.93
CA PRO A 51 -6.18 -20.59 -59.36
C PRO A 51 -5.18 -20.22 -58.26
N LEU A 52 -5.27 -20.91 -57.13
CA LEU A 52 -4.44 -20.65 -55.96
C LEU A 52 -3.57 -21.85 -55.60
N THR A 53 -2.31 -21.59 -55.31
CA THR A 53 -1.44 -22.59 -54.71
C THR A 53 -1.01 -22.16 -53.29
N PHE A 54 -1.34 -22.99 -52.30
CA PHE A 54 -1.07 -22.69 -50.89
C PHE A 54 0.33 -23.20 -50.52
N THR A 55 1.18 -22.29 -50.03
CA THR A 55 2.43 -22.70 -49.43
C THR A 55 2.14 -22.91 -47.95
N VAL A 56 2.16 -24.16 -47.51
CA VAL A 56 1.63 -24.51 -46.19
C VAL A 56 2.72 -24.74 -45.14
N PHE A 57 2.74 -23.87 -44.14
CA PHE A 57 3.64 -24.00 -43.00
C PHE A 57 2.97 -24.81 -41.86
N ASP A 58 3.36 -26.08 -41.74
CA ASP A 58 2.81 -27.00 -40.74
C ASP A 58 3.69 -27.00 -39.48
N MET A 59 3.22 -26.35 -38.43
CA MET A 59 3.98 -26.18 -37.19
C MET A 59 3.81 -27.31 -36.20
N SER A 60 4.80 -27.43 -35.30
CA SER A 60 4.65 -28.22 -34.09
C SER A 60 3.77 -27.46 -33.08
N GLY A 61 2.89 -28.18 -32.40
CA GLY A 61 1.99 -27.53 -31.47
C GLY A 61 2.38 -27.93 -30.07
N ALA A 62 3.53 -28.57 -29.94
CA ALA A 62 4.10 -28.93 -28.65
C ALA A 62 4.59 -27.67 -27.93
N GLY A 63 4.64 -27.77 -26.61
CA GLY A 63 5.06 -26.67 -25.75
C GLY A 63 6.38 -26.08 -26.19
N ARG A 64 7.41 -26.92 -26.22
CA ARG A 64 8.77 -26.52 -26.58
C ARG A 64 8.82 -25.65 -27.86
N TYR A 65 7.87 -25.87 -28.75
CA TYR A 65 7.93 -25.31 -30.10
C TYR A 65 6.99 -24.14 -30.38
N ARG A 66 6.10 -23.82 -29.44
CA ARG A 66 5.09 -22.78 -29.69
C ARG A 66 5.72 -21.44 -29.96
N THR A 67 6.94 -21.28 -29.46
CA THR A 67 7.73 -20.05 -29.64
C THR A 67 8.23 -19.83 -31.07
N LEU A 68 7.95 -20.80 -31.94
CA LEU A 68 8.38 -20.73 -33.32
C LEU A 68 7.30 -20.12 -34.21
N TRP A 69 6.06 -20.20 -33.76
CA TRP A 69 4.93 -19.67 -34.54
C TRP A 69 5.14 -18.21 -34.97
N GLU A 70 5.78 -17.41 -34.13
CA GLU A 70 5.92 -16.00 -34.46
C GLU A 70 6.87 -15.81 -35.62
N GLN A 71 7.70 -16.82 -35.89
CA GLN A 71 8.66 -16.73 -36.99
C GLN A 71 7.97 -16.57 -38.34
N TYR A 72 6.73 -17.02 -38.42
CA TYR A 72 6.02 -17.03 -39.68
C TYR A 72 4.89 -16.00 -39.79
N TYR A 73 4.70 -15.19 -38.75
CA TYR A 73 3.62 -14.21 -38.76
C TYR A 73 3.73 -13.15 -39.85
N ARG A 74 4.96 -12.69 -40.12
CA ARG A 74 5.19 -11.60 -41.06
C ARG A 74 4.69 -11.99 -42.45
N GLU A 75 4.96 -13.24 -42.82
CA GLU A 75 4.68 -13.79 -44.15
C GLU A 75 3.26 -14.27 -44.37
N ALA A 76 2.55 -14.62 -43.29
CA ALA A 76 1.21 -15.23 -43.37
C ALA A 76 0.21 -14.38 -44.13
N ASP A 77 -0.62 -15.05 -44.92
CA ASP A 77 -1.63 -14.36 -45.72
C ASP A 77 -2.95 -14.88 -45.26
N ALA A 78 -2.89 -15.91 -44.42
CA ALA A 78 -4.07 -16.53 -43.85
C ALA A 78 -3.61 -17.50 -42.77
N VAL A 79 -4.51 -17.85 -41.88
CA VAL A 79 -4.20 -18.77 -40.79
C VAL A 79 -5.25 -19.85 -40.71
N VAL A 80 -4.79 -21.10 -40.55
CA VAL A 80 -5.70 -22.18 -40.20
C VAL A 80 -5.41 -22.61 -38.76
N PHE A 81 -6.45 -22.65 -37.95
CA PHE A 81 -6.27 -22.95 -36.53
C PHE A 81 -7.01 -24.20 -36.08
N VAL A 82 -6.25 -25.26 -35.77
CA VAL A 82 -6.84 -26.56 -35.42
C VAL A 82 -6.97 -26.79 -33.91
N VAL A 83 -8.16 -27.25 -33.51
CA VAL A 83 -8.45 -27.56 -32.12
C VAL A 83 -9.04 -28.97 -32.13
N ASP A 84 -8.56 -29.79 -31.21
CA ASP A 84 -9.10 -31.13 -30.98
C ASP A 84 -10.45 -31.05 -30.25
N SER A 85 -11.55 -31.29 -30.97
CA SER A 85 -12.90 -31.10 -30.39
C SER A 85 -13.15 -31.93 -29.15
N ALA A 86 -12.36 -32.98 -28.98
CA ALA A 86 -12.54 -33.86 -27.85
C ALA A 86 -11.61 -33.46 -26.67
N ASP A 87 -10.74 -32.46 -26.87
CA ASP A 87 -9.84 -32.02 -25.81
C ASP A 87 -10.44 -30.86 -25.03
N LYS A 88 -11.39 -31.16 -24.15
CA LYS A 88 -12.10 -30.13 -23.41
C LYS A 88 -11.11 -29.44 -22.50
N LEU A 89 -10.24 -30.23 -21.87
CA LEU A 89 -9.23 -29.71 -20.95
C LEU A 89 -8.46 -28.49 -21.45
N ARG A 90 -7.77 -28.65 -22.58
CA ARG A 90 -6.83 -27.62 -23.03
C ARG A 90 -7.39 -26.49 -23.87
N MET A 91 -8.72 -26.33 -23.87
CA MET A 91 -9.33 -25.27 -24.66
C MET A 91 -8.78 -23.92 -24.28
N VAL A 92 -8.57 -23.71 -22.99
CA VAL A 92 -8.12 -22.40 -22.55
C VAL A 92 -6.68 -22.14 -23.03
N VAL A 93 -5.82 -23.15 -22.98
CA VAL A 93 -4.48 -23.03 -23.58
C VAL A 93 -4.60 -22.75 -25.08
N ALA A 94 -5.50 -23.47 -25.75
CA ALA A 94 -5.73 -23.21 -27.16
C ALA A 94 -6.04 -21.73 -27.34
N ARG A 95 -6.91 -21.20 -26.50
CA ARG A 95 -7.33 -19.81 -26.56
C ARG A 95 -6.18 -18.87 -26.23
N ASP A 96 -5.37 -19.25 -25.25
CA ASP A 96 -4.28 -18.40 -24.83
C ASP A 96 -3.31 -18.17 -25.98
N GLU A 97 -2.93 -19.24 -26.67
CA GLU A 97 -2.02 -19.12 -27.80
C GLU A 97 -2.60 -18.32 -28.98
N MET A 98 -3.87 -18.57 -29.27
CA MET A 98 -4.59 -17.88 -30.32
C MET A 98 -4.59 -16.39 -30.04
N GLU A 99 -4.81 -16.03 -28.78
CA GLU A 99 -4.87 -14.63 -28.39
C GLU A 99 -3.50 -13.98 -28.56
N HIS A 100 -2.44 -14.68 -28.16
CA HIS A 100 -1.07 -14.17 -28.34
C HIS A 100 -0.66 -14.01 -29.79
N MET A 101 -1.21 -14.85 -30.66
CA MET A 101 -1.00 -14.73 -32.10
C MET A 101 -1.67 -13.44 -32.63
N LEU A 102 -2.97 -13.31 -32.36
CA LEU A 102 -3.74 -12.15 -32.77
C LEU A 102 -3.13 -10.85 -32.27
N LYS A 103 -2.70 -10.87 -31.02
CA LYS A 103 -2.05 -9.74 -30.40
C LYS A 103 -0.80 -9.34 -31.17
N HIS A 104 -0.03 -10.34 -31.60
CA HIS A 104 1.32 -10.16 -32.16
C HIS A 104 1.36 -9.07 -33.20
N SER A 105 2.38 -8.22 -33.16
CA SER A 105 2.43 -7.05 -34.06
C SER A 105 2.76 -7.38 -35.52
N ASN A 106 3.27 -8.59 -35.78
CA ASN A 106 3.67 -9.01 -37.13
C ASN A 106 2.53 -9.64 -37.90
N MET A 107 1.56 -10.14 -37.15
CA MET A 107 0.41 -10.82 -37.71
C MET A 107 -0.57 -9.83 -38.33
N ARG A 108 -0.60 -9.74 -39.65
CA ARG A 108 -1.54 -8.83 -40.32
C ARG A 108 -2.94 -9.38 -40.16
N LYS A 109 -3.96 -8.59 -40.48
CA LYS A 109 -5.35 -9.01 -40.24
C LYS A 109 -5.91 -9.99 -41.28
N VAL A 110 -5.17 -11.06 -41.55
CA VAL A 110 -5.56 -12.09 -42.52
C VAL A 110 -6.66 -13.05 -41.98
N PRO A 111 -7.39 -13.74 -42.90
CA PRO A 111 -8.49 -14.63 -42.51
C PRO A 111 -8.03 -15.78 -41.62
N ILE A 112 -8.86 -16.20 -40.68
CA ILE A 112 -8.53 -17.37 -39.89
C ILE A 112 -9.62 -18.36 -40.10
N LEU A 113 -9.26 -19.60 -40.38
CA LEU A 113 -10.25 -20.66 -40.49
C LEU A 113 -9.95 -21.68 -39.41
N TYR A 114 -10.92 -21.87 -38.52
CA TYR A 114 -10.73 -22.77 -37.41
C TYR A 114 -11.36 -24.10 -37.74
N PHE A 115 -10.57 -25.15 -37.63
CA PHE A 115 -11.12 -26.48 -37.74
C PHE A 115 -11.48 -27.01 -36.38
N ALA A 116 -12.76 -27.29 -36.20
CA ALA A 116 -13.21 -28.05 -35.04
C ALA A 116 -12.97 -29.52 -35.36
N ASN A 117 -11.72 -29.94 -35.26
CA ASN A 117 -11.30 -31.26 -35.73
C ASN A 117 -11.76 -32.43 -34.86
N LYS A 118 -11.59 -33.65 -35.37
CA LYS A 118 -11.98 -34.85 -34.64
C LYS A 118 -13.44 -34.86 -34.19
N LYS A 119 -14.34 -34.30 -34.99
CA LYS A 119 -15.78 -34.29 -34.67
C LYS A 119 -16.35 -35.71 -34.48
N ASP A 120 -15.61 -36.69 -35.00
CA ASP A 120 -16.04 -38.09 -34.99
C ASP A 120 -15.95 -38.74 -33.61
N LEU A 121 -15.14 -38.17 -32.72
CA LEU A 121 -14.88 -38.79 -31.42
C LEU A 121 -16.13 -38.69 -30.56
N PRO A 122 -16.27 -39.60 -29.58
CA PRO A 122 -17.54 -39.69 -28.86
C PRO A 122 -17.81 -38.45 -28.02
N VAL A 123 -16.79 -37.90 -27.37
CA VAL A 123 -16.94 -36.75 -26.48
C VAL A 123 -16.75 -35.37 -27.17
N ALA A 124 -16.75 -35.35 -28.51
CA ALA A 124 -16.47 -34.12 -29.30
C ALA A 124 -17.35 -32.91 -29.00
N MET A 125 -16.72 -31.75 -28.94
CA MET A 125 -17.45 -30.52 -28.68
C MET A 125 -18.03 -29.96 -29.97
N PRO A 126 -19.31 -29.57 -29.94
CA PRO A 126 -19.95 -28.82 -31.02
C PRO A 126 -19.17 -27.55 -31.33
N PRO A 127 -19.00 -27.22 -32.61
CA PRO A 127 -18.38 -25.96 -33.09
C PRO A 127 -18.83 -24.71 -32.31
N VAL A 128 -20.10 -24.60 -31.95
CA VAL A 128 -20.56 -23.41 -31.23
C VAL A 128 -19.96 -23.32 -29.84
N GLU A 129 -19.91 -24.46 -29.14
CA GLU A 129 -19.31 -24.52 -27.81
C GLU A 129 -17.82 -24.16 -27.88
N ILE A 130 -17.15 -24.58 -28.96
CA ILE A 130 -15.74 -24.28 -29.16
C ILE A 130 -15.57 -22.78 -29.44
N ALA A 131 -16.50 -22.23 -30.22
CA ALA A 131 -16.46 -20.80 -30.52
C ALA A 131 -16.69 -19.95 -29.27
N GLN A 132 -17.37 -20.54 -28.28
CA GLN A 132 -17.49 -19.91 -26.97
C GLN A 132 -16.12 -19.88 -26.30
N ALA A 133 -15.54 -21.07 -26.10
CA ALA A 133 -14.26 -21.21 -25.44
C ALA A 133 -13.19 -20.30 -26.04
N LEU A 134 -13.13 -20.26 -27.36
CA LEU A 134 -12.12 -19.43 -27.97
C LEU A 134 -12.59 -17.99 -28.00
N GLY A 135 -13.88 -17.79 -27.77
CA GLY A 135 -14.46 -16.47 -27.77
C GLY A 135 -14.31 -15.81 -29.12
N LEU A 136 -14.58 -16.56 -30.17
CA LEU A 136 -14.28 -16.15 -31.53
C LEU A 136 -15.03 -14.92 -31.99
N ASP A 137 -16.20 -14.65 -31.42
CA ASP A 137 -17.02 -13.53 -31.89
C ASP A 137 -16.39 -12.18 -31.62
N ASP A 138 -15.50 -12.12 -30.64
CA ASP A 138 -14.76 -10.90 -30.34
C ASP A 138 -13.84 -10.53 -31.50
N ILE A 139 -13.54 -11.50 -32.35
CA ILE A 139 -12.74 -11.21 -33.53
C ILE A 139 -13.65 -10.49 -34.54
N LYS A 140 -13.43 -9.20 -34.70
CA LYS A 140 -14.31 -8.42 -35.56
C LYS A 140 -13.51 -7.59 -36.58
N ASP A 141 -12.26 -7.98 -36.81
CA ASP A 141 -11.38 -7.26 -37.73
C ASP A 141 -10.83 -8.14 -38.86
N ARG A 142 -11.14 -9.43 -38.79
CA ARG A 142 -10.67 -10.39 -39.77
C ARG A 142 -11.83 -11.29 -40.12
N PRO A 143 -11.86 -11.78 -41.36
CA PRO A 143 -12.84 -12.81 -41.69
C PRO A 143 -12.50 -14.12 -41.02
N TRP A 144 -13.47 -14.70 -40.32
CA TRP A 144 -13.21 -16.03 -39.80
C TRP A 144 -14.43 -16.90 -39.96
N GLN A 145 -14.21 -18.19 -39.75
CA GLN A 145 -15.22 -19.20 -39.90
C GLN A 145 -14.68 -20.44 -39.21
N ILE A 146 -15.59 -21.18 -38.58
CA ILE A 146 -15.24 -22.42 -37.92
C ILE A 146 -16.03 -23.56 -38.58
N VAL A 147 -15.32 -24.64 -38.94
CA VAL A 147 -15.88 -25.74 -39.72
C VAL A 147 -15.53 -27.07 -39.04
N PRO A 148 -16.54 -27.84 -38.62
CA PRO A 148 -16.24 -29.13 -37.98
C PRO A 148 -15.52 -30.06 -38.95
N SER A 149 -14.65 -30.95 -38.48
CA SER A 149 -13.90 -31.81 -39.41
C SER A 149 -13.43 -33.16 -38.84
N ASN A 150 -13.39 -34.18 -39.70
CA ASN A 150 -12.70 -35.44 -39.43
C ASN A 150 -11.45 -35.48 -40.30
N GLY A 151 -10.29 -35.49 -39.67
CA GLY A 151 -9.05 -35.36 -40.41
C GLY A 151 -8.57 -36.66 -40.98
N LEU A 152 -9.00 -37.77 -40.39
CA LEU A 152 -8.66 -39.09 -40.90
C LEU A 152 -9.30 -39.35 -42.26
N THR A 153 -10.61 -39.15 -42.31
CA THR A 153 -11.37 -39.33 -43.54
C THR A 153 -11.10 -38.20 -44.54
N GLY A 154 -11.01 -36.98 -44.04
CA GLY A 154 -10.88 -35.81 -44.88
C GLY A 154 -12.18 -35.02 -44.90
N GLU A 155 -13.17 -35.51 -44.18
CA GLU A 155 -14.46 -34.82 -44.06
C GLU A 155 -14.31 -33.36 -43.62
N GLY A 156 -14.98 -32.46 -44.33
CA GLY A 156 -15.02 -31.05 -43.97
C GLY A 156 -13.84 -30.25 -44.50
N VAL A 157 -12.68 -30.92 -44.56
CA VAL A 157 -11.42 -30.30 -44.93
C VAL A 157 -11.51 -29.50 -46.23
N ASP A 158 -12.13 -30.10 -47.24
CA ASP A 158 -12.29 -29.46 -48.54
C ASP A 158 -13.34 -28.35 -48.41
N LYS A 159 -14.42 -28.62 -47.68
CA LYS A 159 -15.47 -27.63 -47.45
C LYS A 159 -14.89 -26.36 -46.85
N GLY A 160 -14.11 -26.54 -45.78
CA GLY A 160 -13.42 -25.45 -45.13
C GLY A 160 -12.45 -24.70 -46.02
N ILE A 161 -11.48 -25.42 -46.60
CA ILE A 161 -10.42 -24.80 -47.41
C ILE A 161 -11.01 -23.97 -48.55
N ASP A 162 -12.14 -24.43 -49.10
CA ASP A 162 -12.85 -23.71 -50.14
C ASP A 162 -13.23 -22.32 -49.64
N TRP A 163 -13.82 -22.24 -48.45
CA TRP A 163 -14.13 -20.95 -47.83
C TRP A 163 -12.88 -20.10 -47.71
N LEU A 164 -11.82 -20.73 -47.22
CA LEU A 164 -10.53 -20.08 -47.00
C LEU A 164 -9.99 -19.50 -48.32
N ALA A 165 -10.21 -20.26 -49.40
CA ALA A 165 -9.70 -19.89 -50.73
C ALA A 165 -10.37 -18.64 -51.28
N GLU A 166 -11.70 -18.56 -51.10
CA GLU A 166 -12.47 -17.41 -51.54
C GLU A 166 -11.94 -16.12 -50.92
N ARG A 167 -11.68 -16.15 -49.62
CA ARG A 167 -11.22 -14.97 -48.90
C ARG A 167 -9.85 -14.57 -49.41
N LEU A 168 -9.11 -15.56 -49.91
CA LEU A 168 -7.76 -15.33 -50.45
C LEU A 168 -7.67 -14.95 -51.93
N SER A 169 -8.79 -14.67 -52.55
CA SER A 169 -8.81 -14.41 -53.99
C SER A 169 -9.16 -12.95 -54.31
N VAL B 36 -0.77 -9.80 -6.76
CA VAL B 36 -1.96 -8.96 -7.00
C VAL B 36 -3.06 -9.62 -7.87
N ARG B 37 -2.73 -9.99 -9.11
CA ARG B 37 -3.69 -10.73 -9.93
C ARG B 37 -3.49 -12.26 -9.82
N SER B 38 -4.27 -13.03 -10.58
CA SER B 38 -4.05 -14.47 -10.72
C SER B 38 -3.33 -14.76 -12.03
N VAL B 39 -2.17 -15.43 -11.98
CA VAL B 39 -1.41 -15.72 -13.20
C VAL B 39 -2.08 -16.80 -14.02
N TRP B 40 -2.95 -17.56 -13.39
CA TRP B 40 -3.45 -18.79 -13.98
C TRP B 40 -4.51 -18.57 -15.07
N LEU B 41 -4.58 -19.52 -16.01
CA LEU B 41 -5.69 -19.70 -16.94
C LEU B 41 -6.59 -20.75 -16.32
N ASP B 42 -7.90 -20.56 -16.31
CA ASP B 42 -8.75 -21.61 -15.72
C ASP B 42 -9.05 -22.75 -16.71
N ALA B 43 -8.50 -23.94 -16.47
CA ALA B 43 -8.59 -25.06 -17.44
C ALA B 43 -9.88 -25.82 -17.34
N PHE B 44 -10.16 -26.32 -16.15
CA PHE B 44 -11.32 -27.15 -15.91
C PHE B 44 -11.61 -27.25 -14.42
N ASN B 45 -12.89 -27.32 -14.11
CA ASN B 45 -13.34 -27.49 -12.74
C ASN B 45 -14.49 -28.47 -12.64
N ASP B 46 -14.34 -29.48 -11.78
CA ASP B 46 -15.40 -30.45 -11.52
C ASP B 46 -15.70 -30.39 -10.06
N PRO B 47 -16.77 -29.66 -9.71
CA PRO B 47 -17.26 -29.49 -8.35
C PRO B 47 -17.64 -30.83 -7.72
N VAL B 48 -18.07 -31.78 -8.55
CA VAL B 48 -18.60 -33.03 -8.04
C VAL B 48 -17.71 -34.24 -8.25
N ALA B 49 -16.42 -34.03 -8.49
CA ALA B 49 -15.49 -35.15 -8.39
C ALA B 49 -15.64 -35.65 -6.97
N GLY B 50 -15.33 -36.90 -6.71
CA GLY B 50 -15.65 -37.37 -5.38
C GLY B 50 -14.41 -37.46 -4.53
N ILE B 51 -13.52 -36.47 -4.64
CA ILE B 51 -12.15 -36.68 -4.17
C ILE B 51 -11.86 -36.24 -2.74
N SER B 52 -11.41 -37.20 -1.95
CA SER B 52 -11.05 -36.96 -0.55
C SER B 52 -9.58 -37.30 -0.38
N ALA B 53 -8.72 -36.33 -0.65
CA ALA B 53 -7.30 -36.59 -0.61
C ALA B 53 -6.51 -35.40 -0.13
N TYR B 54 -5.35 -35.65 0.44
CA TYR B 54 -4.45 -34.58 0.81
C TYR B 54 -3.21 -34.66 -0.05
N THR B 55 -2.38 -33.62 0.01
CA THR B 55 -1.22 -33.51 -0.87
C THR B 55 -0.37 -34.78 -1.06
N PRO B 56 -0.10 -35.53 0.04
CA PRO B 56 0.67 -36.78 -0.09
C PRO B 56 0.01 -37.92 -0.88
N CYS B 57 -1.30 -37.84 -1.12
CA CYS B 57 -1.99 -38.89 -1.86
C CYS B 57 -2.37 -38.44 -3.27
N VAL B 58 -1.69 -37.40 -3.74
CA VAL B 58 -1.93 -36.87 -5.08
C VAL B 58 -0.60 -36.78 -5.81
N HIS B 59 -0.65 -36.92 -7.13
CA HIS B 59 0.57 -37.12 -7.91
C HIS B 59 0.17 -37.02 -9.38
N THR B 60 1.11 -36.66 -10.25
CA THR B 60 0.94 -36.91 -11.68
C THR B 60 2.13 -37.71 -12.17
N CYS B 61 1.85 -38.60 -13.11
CA CYS B 61 2.84 -39.57 -13.53
C CYS B 61 2.71 -39.84 -15.01
N ASN B 62 3.74 -40.44 -15.60
CA ASN B 62 3.60 -40.98 -16.94
C ASN B 62 3.48 -42.48 -16.85
N LEU B 63 2.37 -42.96 -16.29
CA LEU B 63 2.17 -44.37 -16.04
C LEU B 63 2.34 -45.08 -17.34
N PHE B 64 1.50 -44.69 -18.29
CA PHE B 64 1.36 -45.38 -19.54
C PHE B 64 2.41 -44.98 -20.57
N GLY B 65 3.61 -44.57 -20.12
CA GLY B 65 4.67 -44.16 -21.04
C GLY B 65 4.33 -43.28 -22.26
N ASP B 66 3.04 -43.02 -22.52
CA ASP B 66 2.61 -42.38 -23.77
C ASP B 66 2.58 -40.84 -23.71
N GLY B 67 3.32 -40.28 -22.75
CA GLY B 67 3.52 -38.85 -22.66
C GLY B 67 2.41 -38.06 -22.02
N GLU B 68 1.17 -38.31 -22.46
CA GLU B 68 -0.01 -37.72 -21.85
C GLU B 68 -0.11 -38.17 -20.40
N ASN B 69 0.23 -37.27 -19.48
CA ASN B 69 0.30 -37.60 -18.06
C ASN B 69 -1.04 -37.78 -17.40
N ARG B 70 -1.05 -38.58 -16.33
CA ARG B 70 -2.30 -38.85 -15.64
C ARG B 70 -2.28 -38.47 -14.18
N LEU B 71 -3.46 -38.12 -13.66
CA LEU B 71 -3.62 -37.77 -12.26
C LEU B 71 -3.88 -39.01 -11.43
N VAL B 72 -3.07 -39.19 -10.40
CA VAL B 72 -3.13 -40.37 -9.55
C VAL B 72 -3.48 -40.05 -8.08
N ILE B 73 -4.63 -40.54 -7.64
CA ILE B 73 -5.10 -40.20 -6.32
C ILE B 73 -5.33 -41.44 -5.47
N ALA B 74 -4.80 -41.43 -4.25
CA ALA B 74 -5.14 -42.43 -3.26
C ALA B 74 -6.22 -41.89 -2.31
N ASP B 75 -7.50 -42.00 -2.69
CA ASP B 75 -8.57 -41.41 -1.86
C ASP B 75 -8.75 -42.20 -0.56
N GLU B 76 -9.38 -41.58 0.43
CA GLU B 76 -9.80 -42.27 1.64
C GLU B 76 -10.97 -43.20 1.33
N ASP B 77 -11.48 -43.09 0.10
CA ASP B 77 -12.41 -44.06 -0.50
C ASP B 77 -11.91 -45.49 -0.36
N ARG B 78 -10.63 -45.64 0.02
CA ARG B 78 -9.87 -46.87 -0.14
C ARG B 78 -9.87 -47.36 -1.61
N LYS B 79 -10.06 -46.40 -2.52
CA LYS B 79 -9.91 -46.59 -3.96
C LYS B 79 -8.74 -45.74 -4.49
N LEU B 80 -7.94 -46.32 -5.38
CA LEU B 80 -6.87 -45.63 -6.08
C LEU B 80 -7.45 -45.11 -7.40
N LYS B 81 -7.68 -43.80 -7.51
CA LYS B 81 -8.38 -43.20 -8.65
C LYS B 81 -7.40 -42.63 -9.65
N ILE B 82 -7.67 -42.84 -10.94
CA ILE B 82 -6.81 -42.32 -11.98
C ILE B 82 -7.60 -41.36 -12.88
N TRP B 83 -7.11 -40.13 -13.03
CA TRP B 83 -7.80 -39.15 -13.86
C TRP B 83 -6.98 -38.88 -15.14
N LYS B 84 -7.67 -38.82 -16.27
CA LYS B 84 -7.06 -38.42 -17.52
C LYS B 84 -7.97 -37.40 -18.21
N GLY B 85 -7.40 -36.25 -18.56
CA GLY B 85 -8.17 -35.17 -19.15
C GLY B 85 -9.18 -34.67 -18.14
N THR B 86 -10.40 -34.40 -18.57
CA THR B 86 -11.37 -33.87 -17.64
C THR B 86 -12.15 -34.93 -16.85
N GLN B 87 -11.93 -36.20 -17.16
CA GLN B 87 -12.73 -37.23 -16.50
C GLN B 87 -11.89 -38.31 -15.85
N LYS B 88 -12.44 -38.94 -14.83
CA LYS B 88 -11.81 -40.06 -14.15
C LYS B 88 -11.74 -41.23 -15.12
N ALA B 89 -10.55 -41.80 -15.29
CA ALA B 89 -10.36 -42.92 -16.19
C ALA B 89 -10.60 -44.28 -15.49
N SER B 90 -10.01 -44.47 -14.31
CA SER B 90 -10.06 -45.77 -13.68
C SER B 90 -10.02 -45.69 -12.13
N GLU B 91 -10.43 -46.79 -11.48
CA GLU B 91 -10.35 -46.90 -10.02
C GLU B 91 -9.89 -48.31 -9.70
N HIS B 92 -9.09 -48.44 -8.66
CA HIS B 92 -8.56 -49.72 -8.27
C HIS B 92 -8.61 -49.76 -6.75
N PRO B 93 -8.93 -50.92 -6.16
CA PRO B 93 -9.10 -51.05 -4.70
C PRO B 93 -7.81 -51.02 -3.89
N LEU B 94 -7.91 -50.51 -2.68
CA LEU B 94 -6.77 -50.46 -1.77
C LEU B 94 -7.12 -51.23 -0.53
N LEU B 95 -6.14 -51.90 0.06
CA LEU B 95 -6.47 -52.72 1.22
C LEU B 95 -6.78 -51.81 2.40
N ASP B 96 -5.82 -50.95 2.73
CA ASP B 96 -5.91 -50.11 3.92
C ASP B 96 -6.15 -48.68 3.45
N THR B 97 -6.45 -47.74 4.36
CA THR B 97 -6.52 -46.33 3.95
C THR B 97 -5.12 -45.74 3.85
N PRO B 98 -4.85 -45.04 2.76
CA PRO B 98 -3.51 -44.64 2.36
C PRO B 98 -2.94 -43.50 3.17
N VAL B 99 -1.62 -43.43 3.23
CA VAL B 99 -0.93 -42.36 3.93
C VAL B 99 -0.07 -41.51 2.99
N ALA B 100 0.45 -42.15 1.95
CA ALA B 100 1.39 -41.50 1.06
C ALA B 100 1.46 -42.28 -0.24
N ILE B 101 1.67 -41.59 -1.36
CA ILE B 101 2.07 -42.31 -2.57
C ILE B 101 3.21 -41.58 -3.25
N CYS B 102 4.27 -42.32 -3.55
CA CYS B 102 5.38 -41.76 -4.26
C CYS B 102 5.42 -42.51 -5.56
N SER B 103 6.31 -42.11 -6.45
CA SER B 103 6.43 -42.80 -7.70
C SER B 103 7.81 -42.60 -8.22
N TYR B 104 8.54 -43.70 -8.37
CA TYR B 104 9.97 -43.67 -8.66
C TYR B 104 10.34 -44.71 -9.72
N ILE B 105 11.59 -44.71 -10.14
CA ILE B 105 12.04 -45.75 -11.07
C ILE B 105 13.17 -46.50 -10.39
N SER B 106 12.99 -47.83 -10.33
CA SER B 106 13.87 -48.74 -9.60
C SER B 106 15.18 -48.95 -10.34
N GLU B 107 15.07 -49.33 -11.61
CA GLU B 107 16.26 -49.61 -12.38
C GLU B 107 16.19 -48.82 -13.66
N ASN B 108 17.35 -48.31 -14.08
CA ASN B 108 17.44 -47.47 -15.27
C ASN B 108 17.53 -48.33 -16.53
N THR B 109 17.47 -49.65 -16.32
CA THR B 109 17.59 -50.60 -17.41
C THR B 109 16.25 -50.81 -18.12
N ALA B 110 16.18 -50.31 -19.35
CA ALA B 110 14.98 -50.34 -20.20
C ALA B 110 13.66 -49.97 -19.50
N PRO B 111 13.67 -48.94 -18.63
CA PRO B 111 12.54 -48.79 -17.70
C PRO B 111 11.27 -48.39 -18.46
N ARG B 112 10.15 -49.02 -18.11
CA ARG B 112 8.87 -48.61 -18.71
C ARG B 112 7.69 -48.29 -17.76
N LEU B 113 7.91 -47.83 -16.53
CA LEU B 113 9.17 -47.43 -15.90
C LEU B 113 8.87 -47.11 -14.46
N PRO B 114 7.83 -46.27 -14.22
CA PRO B 114 7.77 -45.79 -12.84
C PRO B 114 7.10 -46.84 -11.97
N ALA B 115 7.25 -46.70 -10.67
CA ALA B 115 6.72 -47.71 -9.79
C ALA B 115 5.95 -47.04 -8.68
N LEU B 116 4.63 -47.02 -8.84
CA LEU B 116 3.79 -46.38 -7.84
C LEU B 116 3.92 -47.13 -6.52
N ALA B 117 4.29 -46.39 -5.48
CA ALA B 117 4.40 -46.95 -4.15
C ALA B 117 3.31 -46.33 -3.24
N VAL B 118 2.38 -47.15 -2.73
CA VAL B 118 1.35 -46.71 -1.81
C VAL B 118 1.67 -47.17 -0.41
N ALA B 119 1.96 -46.25 0.50
CA ALA B 119 2.15 -46.66 1.88
C ALA B 119 0.84 -46.55 2.64
N ALA B 120 0.64 -47.44 3.60
CA ALA B 120 -0.53 -47.45 4.48
C ALA B 120 -0.21 -48.28 5.72
N GLY B 121 -0.38 -47.67 6.89
CA GLY B 121 -0.12 -48.37 8.12
C GLY B 121 1.34 -48.77 8.24
N SER B 122 1.60 -50.03 7.94
CA SER B 122 2.93 -50.60 8.05
C SER B 122 3.35 -51.29 6.77
N HIS B 123 2.40 -51.36 5.84
CA HIS B 123 2.64 -51.95 4.53
C HIS B 123 3.18 -50.88 3.60
N ILE B 124 3.81 -51.31 2.51
CA ILE B 124 4.05 -50.44 1.38
C ILE B 124 3.77 -51.27 0.15
N TYR B 125 2.68 -51.00 -0.55
CA TYR B 125 2.41 -51.76 -1.74
C TYR B 125 3.07 -51.17 -2.97
N ILE B 126 4.10 -51.80 -3.52
CA ILE B 126 4.62 -51.40 -4.82
C ILE B 126 3.73 -51.85 -5.97
N TYR B 127 3.42 -50.97 -6.91
CA TYR B 127 2.65 -51.34 -8.09
C TYR B 127 3.48 -51.29 -9.37
N ARG B 128 3.09 -52.03 -10.41
CA ARG B 128 3.58 -51.87 -11.80
C ARG B 128 2.44 -52.27 -12.76
N ASN B 129 2.39 -51.66 -13.94
CA ASN B 129 1.24 -51.75 -14.86
C ASN B 129 -0.06 -51.59 -14.11
N LEU B 130 -0.13 -50.52 -13.32
CA LEU B 130 -1.18 -50.35 -12.29
C LEU B 130 -1.56 -51.58 -11.45
N ARG B 131 -1.06 -52.77 -11.82
CA ARG B 131 -1.29 -53.97 -11.03
C ARG B 131 -0.33 -54.00 -9.84
N PRO B 132 -0.77 -54.57 -8.72
CA PRO B 132 0.14 -54.69 -7.59
C PRO B 132 1.35 -55.53 -7.98
N TYR B 133 2.50 -55.23 -7.39
CA TYR B 133 3.70 -55.95 -7.77
C TYR B 133 4.47 -56.46 -6.57
N TYR B 134 4.40 -55.78 -5.44
CA TYR B 134 5.14 -56.29 -4.29
C TYR B 134 4.50 -55.72 -3.07
N LYS B 135 4.68 -56.37 -1.93
CA LYS B 135 4.04 -55.90 -0.73
C LYS B 135 5.02 -55.83 0.41
N PHE B 136 5.89 -54.84 0.38
CA PHE B 136 6.84 -54.69 1.48
C PHE B 136 6.15 -54.55 2.82
N VAL B 137 6.75 -55.13 3.84
CA VAL B 137 6.23 -54.92 5.17
C VAL B 137 7.37 -54.47 6.05
N LEU B 138 7.12 -53.38 6.75
CA LEU B 138 8.10 -52.89 7.69
C LEU B 138 8.18 -53.87 8.82
N PRO B 139 9.40 -54.11 9.31
CA PRO B 139 9.55 -54.97 10.48
C PRO B 139 8.92 -54.28 11.68
N PRO B 140 9.05 -54.88 12.87
CA PRO B 140 8.43 -54.18 13.99
C PRO B 140 9.46 -53.78 15.04
N GLU B 141 8.99 -53.05 16.04
CA GLU B 141 9.82 -52.76 17.20
C GLU B 141 9.36 -53.76 18.29
N ASN B 142 10.27 -54.16 19.19
CA ASN B 142 9.94 -55.14 20.23
C ASN B 142 9.43 -54.47 21.53
N VAL B 143 8.69 -55.18 22.37
CA VAL B 143 8.18 -54.60 23.64
C VAL B 143 8.82 -55.29 24.87
N ASN B 144 8.17 -55.33 26.04
CA ASN B 144 8.71 -56.15 27.15
C ASN B 144 7.77 -56.73 28.24
N THR B 145 6.55 -57.11 27.85
CA THR B 145 5.62 -57.73 28.81
C THR B 145 4.88 -58.96 28.24
N GLU B 146 4.20 -59.69 29.12
CA GLU B 146 3.88 -61.09 28.81
C GLU B 146 2.39 -61.40 28.59
N GLU B 147 2.05 -61.74 27.35
CA GLU B 147 0.81 -62.42 27.03
C GLU B 147 1.26 -63.89 27.06
N GLN B 148 1.05 -64.50 28.22
CA GLN B 148 1.57 -65.83 28.60
C GLN B 148 1.92 -66.80 27.47
N PRO B 209 2.10 -65.11 19.53
CA PRO B 209 3.29 -64.25 19.61
C PRO B 209 2.91 -62.76 19.73
N LEU B 210 3.85 -61.91 20.12
CA LEU B 210 3.59 -60.46 20.13
C LEU B 210 4.77 -59.64 19.65
N VAL B 211 4.48 -58.71 18.74
CA VAL B 211 5.44 -57.71 18.26
C VAL B 211 4.74 -56.34 18.23
N ALA B 212 5.50 -55.26 18.39
CA ALA B 212 4.94 -53.90 18.32
C ALA B 212 4.95 -53.31 16.89
N THR B 213 3.75 -53.19 16.34
CA THR B 213 3.54 -52.86 14.94
C THR B 213 3.78 -51.38 14.66
N THR B 214 4.68 -51.13 13.71
CA THR B 214 5.11 -49.76 13.42
C THR B 214 4.17 -49.08 12.44
N VAL B 215 4.14 -47.75 12.45
CA VAL B 215 3.23 -47.03 11.56
C VAL B 215 3.93 -45.98 10.69
N ILE B 216 3.64 -45.99 9.40
CA ILE B 216 4.30 -45.05 8.51
C ILE B 216 3.57 -43.73 8.54
N THR B 217 4.34 -42.67 8.72
CA THR B 217 3.82 -41.32 8.81
C THR B 217 3.98 -40.60 7.47
N CYS B 218 5.21 -40.54 6.97
CA CYS B 218 5.43 -39.90 5.67
C CYS B 218 6.37 -40.75 4.85
N MET B 219 6.30 -40.59 3.54
CA MET B 219 7.30 -41.19 2.68
C MET B 219 7.62 -40.36 1.45
N ASP B 220 8.88 -40.37 1.05
CA ASP B 220 9.33 -39.59 -0.11
C ASP B 220 10.48 -40.32 -0.80
N VAL B 221 10.99 -39.75 -1.91
CA VAL B 221 12.07 -40.40 -2.67
C VAL B 221 13.41 -39.66 -2.61
N VAL B 222 14.50 -40.38 -2.85
CA VAL B 222 15.81 -39.77 -2.96
C VAL B 222 16.40 -40.19 -4.29
N LYS B 223 17.00 -39.27 -5.05
CA LYS B 223 17.73 -39.66 -6.26
C LYS B 223 18.95 -40.47 -5.84
N GLN B 224 19.11 -41.63 -6.44
CA GLN B 224 20.18 -42.55 -6.05
C GLN B 224 21.53 -42.02 -6.46
N ALA B 225 21.62 -41.59 -7.72
CA ALA B 225 22.83 -40.97 -8.20
C ALA B 225 22.54 -39.97 -9.33
N ILE B 226 23.10 -38.80 -9.14
CA ILE B 226 23.09 -37.68 -10.08
C ILE B 226 21.77 -37.16 -10.70
N ASP B 227 20.95 -36.65 -9.79
CA ASP B 227 20.31 -35.33 -9.92
C ASP B 227 19.33 -35.06 -11.06
N GLU B 228 19.06 -36.06 -11.88
CA GLU B 228 18.17 -35.83 -13.01
C GLU B 228 16.74 -36.22 -12.65
N PRO B 229 15.76 -35.52 -13.23
CA PRO B 229 14.37 -35.96 -13.11
C PRO B 229 14.17 -37.23 -13.94
N ASP B 230 13.29 -38.12 -13.49
CA ASP B 230 13.17 -39.44 -14.08
C ASP B 230 14.55 -40.10 -14.07
N ALA B 231 15.12 -40.22 -12.87
CA ALA B 231 16.37 -40.95 -12.69
C ALA B 231 16.15 -41.99 -11.58
N VAL B 232 17.07 -42.94 -11.43
CA VAL B 232 16.88 -43.94 -10.38
C VAL B 232 16.83 -43.29 -9.01
N SER B 233 15.69 -43.49 -8.36
CA SER B 233 15.40 -42.91 -7.08
C SER B 233 15.00 -44.04 -6.14
N CYS B 234 15.01 -43.78 -4.84
CA CYS B 234 14.74 -44.80 -3.80
C CYS B 234 13.92 -44.25 -2.63
N LEU B 235 12.91 -44.99 -2.22
CA LEU B 235 11.94 -44.51 -1.24
C LEU B 235 12.53 -44.17 0.14
N VAL B 236 12.15 -43.01 0.66
CA VAL B 236 12.50 -42.59 2.02
C VAL B 236 11.24 -42.62 2.85
N VAL B 237 11.28 -43.27 4.02
CA VAL B 237 10.08 -43.54 4.83
C VAL B 237 10.20 -43.07 6.29
N GLY B 238 9.18 -42.35 6.74
CA GLY B 238 9.12 -41.95 8.12
C GLY B 238 8.24 -42.90 8.92
N THR B 239 8.72 -43.28 10.09
CA THR B 239 7.99 -44.23 10.91
C THR B 239 7.58 -43.48 12.14
N GLU B 240 6.35 -43.71 12.59
CA GLU B 240 5.83 -43.03 13.76
C GLU B 240 6.75 -43.26 14.94
N SER B 241 7.51 -44.36 14.87
CA SER B 241 8.50 -44.73 15.87
C SER B 241 9.53 -43.64 16.11
N GLY B 242 9.95 -42.97 15.03
CA GLY B 242 10.99 -41.96 15.09
C GLY B 242 12.13 -42.31 14.14
N ARG B 243 11.88 -43.20 13.20
CA ARG B 243 12.95 -43.65 12.33
C ARG B 243 12.82 -43.10 10.93
N ILE B 244 13.95 -42.88 10.28
CA ILE B 244 13.97 -42.54 8.87
C ILE B 244 14.61 -43.69 8.11
N LEU B 245 13.87 -44.30 7.19
CA LEU B 245 14.38 -45.46 6.48
C LEU B 245 14.60 -45.15 5.01
N ILE B 246 15.75 -45.56 4.48
CA ILE B 246 15.96 -45.51 3.04
C ILE B 246 16.06 -46.94 2.54
N LEU B 247 15.35 -47.24 1.46
CA LEU B 247 15.19 -48.61 1.00
C LEU B 247 15.93 -48.89 -0.32
N ASN B 248 15.93 -50.16 -0.72
CA ASN B 248 16.47 -50.63 -2.01
C ASN B 248 15.79 -49.90 -3.16
N PRO B 249 16.41 -49.86 -4.34
CA PRO B 249 15.69 -49.23 -5.46
C PRO B 249 14.33 -49.87 -5.83
N ALA B 250 14.03 -51.03 -5.28
CA ALA B 250 12.68 -51.54 -5.33
C ALA B 250 12.25 -51.59 -3.88
N GLY B 251 10.95 -51.51 -3.63
CA GLY B 251 10.46 -51.32 -2.27
C GLY B 251 10.73 -52.41 -1.27
N THR B 252 11.65 -53.31 -1.62
CA THR B 252 11.80 -54.60 -0.97
C THR B 252 12.47 -54.63 0.39
N ALA B 253 13.47 -53.79 0.64
CA ALA B 253 14.13 -53.87 1.95
C ALA B 253 14.73 -52.59 2.50
N ILE B 254 14.69 -52.45 3.81
CA ILE B 254 15.31 -51.31 4.49
C ILE B 254 16.82 -51.31 4.41
N VAL B 255 17.42 -50.48 3.56
CA VAL B 255 18.87 -50.45 3.42
C VAL B 255 19.56 -49.64 4.53
N LYS B 256 19.08 -48.42 4.79
CA LYS B 256 19.59 -47.58 5.87
C LYS B 256 18.44 -47.26 6.83
N ASN B 257 18.68 -47.36 8.12
CA ASN B 257 17.65 -47.04 9.11
C ASN B 257 18.22 -46.00 10.07
N ILE B 258 17.69 -44.78 10.01
CA ILE B 258 18.20 -43.72 10.86
C ILE B 258 17.28 -43.35 12.00
N TRP B 259 17.86 -43.39 13.20
CA TRP B 259 17.12 -43.07 14.40
C TRP B 259 17.12 -41.60 14.71
N VAL B 260 15.91 -41.07 14.82
CA VAL B 260 15.65 -39.73 15.31
C VAL B 260 14.79 -39.93 16.53
N GLY B 261 15.00 -39.13 17.57
CA GLY B 261 14.17 -39.27 18.76
C GLY B 261 12.67 -39.26 18.47
N ILE B 262 12.19 -38.16 17.90
CA ILE B 262 10.76 -37.91 17.83
C ILE B 262 10.10 -38.31 16.50
N THR B 263 8.77 -38.36 16.53
CA THR B 263 7.93 -38.64 15.38
C THR B 263 8.01 -37.58 14.31
N PRO B 264 8.44 -37.98 13.09
CA PRO B 264 8.50 -37.07 11.95
C PRO B 264 7.09 -36.63 11.55
N ALA B 265 6.89 -35.33 11.36
CA ALA B 265 5.59 -34.81 10.95
C ALA B 265 5.53 -34.63 9.43
N MET B 266 6.65 -34.24 8.84
CA MET B 266 6.82 -34.23 7.39
C MET B 266 8.31 -34.23 7.04
N ILE B 267 8.63 -34.68 5.83
CA ILE B 267 10.04 -34.77 5.47
C ILE B 267 10.24 -34.21 4.08
N ALA B 268 11.45 -33.70 3.84
CA ALA B 268 11.80 -33.23 2.53
C ALA B 268 13.21 -33.66 2.17
N VAL B 269 13.37 -34.00 0.90
CA VAL B 269 14.61 -34.57 0.43
C VAL B 269 15.29 -33.70 -0.61
N GLN B 270 16.57 -33.41 -0.37
CA GLN B 270 17.38 -32.76 -1.39
C GLN B 270 18.68 -33.54 -1.45
N GLY B 271 19.17 -33.73 -2.67
CA GLY B 271 20.45 -34.38 -2.87
C GLY B 271 20.44 -35.73 -3.54
N GLU B 272 21.60 -36.38 -3.53
CA GLU B 272 21.79 -37.68 -4.17
C GLU B 272 22.58 -38.67 -3.29
N LEU B 273 22.26 -39.96 -3.32
CA LEU B 273 22.95 -40.92 -2.44
C LEU B 273 24.41 -41.18 -2.81
N ASP B 274 24.76 -40.86 -4.04
CA ASP B 274 26.14 -40.94 -4.49
C ASP B 274 26.86 -39.62 -4.21
N VAL B 275 26.40 -38.54 -4.84
CA VAL B 275 26.98 -37.22 -4.62
C VAL B 275 26.87 -36.74 -3.17
N GLY B 276 25.65 -36.45 -2.71
CA GLY B 276 25.42 -36.01 -1.34
C GLY B 276 23.95 -35.66 -1.12
N TYR B 277 23.43 -35.88 0.08
CA TYR B 277 22.01 -35.67 0.31
C TYR B 277 21.72 -35.15 1.72
N ARG B 278 20.66 -34.35 1.81
CA ARG B 278 20.13 -33.87 3.08
C ARG B 278 18.67 -34.26 3.21
N ILE B 279 18.33 -34.81 4.36
CA ILE B 279 16.96 -35.13 4.65
C ILE B 279 16.54 -34.23 5.78
N THR B 280 15.57 -33.37 5.51
CA THR B 280 15.10 -32.45 6.52
C THR B 280 13.84 -33.01 7.13
N VAL B 281 13.78 -33.03 8.46
CA VAL B 281 12.64 -33.62 9.16
C VAL B 281 11.97 -32.62 10.08
N ALA B 282 10.71 -32.33 9.79
CA ALA B 282 9.95 -31.44 10.65
C ALA B 282 9.29 -32.29 11.68
N GLY B 283 9.65 -32.08 12.93
CA GLY B 283 9.13 -32.93 13.97
C GLY B 283 7.85 -32.41 14.56
N ARG B 284 7.01 -33.33 15.04
CA ARG B 284 5.83 -32.96 15.78
C ARG B 284 6.15 -32.18 17.05
N ASP B 285 7.37 -32.33 17.55
CA ASP B 285 7.80 -31.61 18.75
C ASP B 285 8.18 -30.16 18.47
N GLY B 286 7.77 -29.68 17.31
CA GLY B 286 8.05 -28.33 16.88
C GLY B 286 9.53 -28.08 16.64
N LYS B 287 10.29 -29.15 16.39
CA LYS B 287 11.71 -28.97 16.11
C LYS B 287 12.04 -29.40 14.67
N LEU B 288 13.15 -28.88 14.14
CA LEU B 288 13.62 -29.18 12.79
C LEU B 288 14.87 -30.02 12.82
N TYR B 289 14.81 -31.21 12.24
CA TYR B 289 15.94 -32.14 12.24
C TYR B 289 16.52 -32.36 10.86
N HIS B 290 17.84 -32.53 10.83
CA HIS B 290 18.55 -32.67 9.58
C HIS B 290 19.38 -33.94 9.54
N ILE B 291 19.36 -34.59 8.38
CA ILE B 291 20.18 -35.76 8.15
C ILE B 291 21.04 -35.52 6.92
N ARG B 292 22.35 -35.39 7.17
CA ARG B 292 23.33 -35.20 6.11
C ARG B 292 24.05 -36.54 5.83
N ASN B 293 23.89 -37.02 4.60
CA ASN B 293 24.53 -38.25 4.16
C ASN B 293 24.50 -39.34 5.23
N GLY B 294 23.31 -39.77 5.61
CA GLY B 294 23.16 -40.86 6.56
C GLY B 294 23.29 -40.51 8.02
N GLU B 295 23.94 -39.41 8.35
CA GLU B 295 24.14 -39.06 9.76
C GLU B 295 23.06 -38.11 10.30
N LEU B 296 22.60 -38.37 11.52
CA LEU B 296 21.66 -37.46 12.17
C LEU B 296 22.47 -36.31 12.73
N SER B 297 22.22 -35.10 12.22
CA SER B 297 22.98 -33.91 12.63
C SER B 297 22.74 -33.47 14.10
N GLN B 298 23.67 -32.67 14.63
CA GLN B 298 23.50 -32.12 15.98
C GLN B 298 22.79 -30.76 15.89
N THR B 299 22.75 -30.18 14.68
CA THR B 299 22.05 -28.93 14.44
C THR B 299 20.54 -29.15 14.55
N ILE B 300 19.96 -28.78 15.68
CA ILE B 300 18.53 -28.96 15.89
C ILE B 300 17.88 -27.58 16.07
N ILE B 301 16.88 -27.28 15.25
CA ILE B 301 16.25 -25.94 15.25
C ILE B 301 14.91 -25.92 15.98
N GLN B 302 14.72 -24.96 16.88
CA GLN B 302 13.47 -24.90 17.62
C GLN B 302 12.54 -23.84 17.06
N LEU B 303 11.50 -24.27 16.36
CA LEU B 303 10.51 -23.35 15.82
C LEU B 303 9.41 -23.25 16.85
N GLU B 304 8.62 -22.20 16.79
CA GLU B 304 7.56 -21.95 17.77
C GLU B 304 6.42 -22.98 17.73
N ALA B 305 5.53 -22.84 16.75
CA ALA B 305 4.33 -23.68 16.66
C ALA B 305 4.61 -25.07 16.07
N GLN B 306 3.55 -25.77 15.69
CA GLN B 306 3.68 -27.11 15.11
C GLN B 306 3.79 -27.02 13.59
N PRO B 307 4.44 -28.00 12.95
CA PRO B 307 4.60 -28.03 11.48
C PRO B 307 3.28 -28.24 10.75
N VAL B 308 3.24 -27.72 9.53
CA VAL B 308 2.01 -27.67 8.76
C VAL B 308 2.35 -27.95 7.31
N GLY B 309 3.59 -27.67 6.95
CA GLY B 309 4.08 -28.01 5.63
C GLY B 309 5.59 -27.84 5.62
N LEU B 310 6.25 -28.52 4.70
CA LEU B 310 7.69 -28.44 4.58
C LEU B 310 7.98 -28.70 3.14
N VAL B 311 8.41 -27.68 2.41
CA VAL B 311 8.60 -27.77 0.96
C VAL B 311 10.05 -27.52 0.57
N ARG B 312 10.60 -28.38 -0.29
CA ARG B 312 11.94 -28.16 -0.82
C ARG B 312 11.89 -27.15 -1.95
N LEU B 313 12.65 -26.06 -1.81
CA LEU B 313 12.74 -25.07 -2.87
C LEU B 313 14.13 -25.12 -3.49
N ALA B 314 14.46 -24.07 -4.21
CA ALA B 314 15.72 -23.96 -4.93
C ALA B 314 16.95 -23.99 -4.01
N LYS B 315 17.15 -22.95 -3.23
CA LYS B 315 18.36 -22.89 -2.42
C LYS B 315 18.13 -23.38 -0.97
N HIS B 316 16.90 -23.75 -0.63
CA HIS B 316 16.59 -24.06 0.76
C HIS B 316 15.25 -24.74 1.01
N VAL B 317 14.95 -25.01 2.29
CA VAL B 317 13.67 -25.60 2.66
C VAL B 317 12.75 -24.62 3.40
N ALA B 318 11.46 -24.67 3.08
CA ALA B 318 10.47 -23.79 3.67
C ALA B 318 9.60 -24.45 4.69
N VAL B 319 9.66 -24.04 5.95
CA VAL B 319 8.77 -24.59 6.95
C VAL B 319 7.57 -23.73 7.25
N GLY B 320 6.39 -24.34 7.27
CA GLY B 320 5.21 -23.59 7.64
C GLY B 320 4.65 -24.06 8.97
N CYS B 321 4.30 -23.09 9.80
CA CYS B 321 3.89 -23.37 11.16
C CYS B 321 2.45 -23.00 11.40
N MET B 322 1.90 -23.43 12.53
CA MET B 322 0.49 -23.22 12.87
C MET B 322 0.20 -21.75 13.13
N ASN B 323 1.23 -21.00 13.48
CA ASN B 323 1.06 -19.56 13.65
C ASN B 323 1.16 -18.80 12.33
N ASP B 324 0.77 -19.44 11.24
CA ASP B 324 0.61 -18.77 9.96
C ASP B 324 1.83 -18.05 9.36
N VAL B 325 2.99 -18.67 9.52
CA VAL B 325 4.20 -18.13 8.99
C VAL B 325 5.05 -19.24 8.34
N VAL B 326 5.69 -18.91 7.22
CA VAL B 326 6.64 -19.81 6.59
C VAL B 326 8.06 -19.30 6.82
N HIS B 327 9.00 -20.17 7.11
CA HIS B 327 10.40 -19.76 7.28
C HIS B 327 11.25 -20.47 6.24
N ALA B 328 12.26 -19.79 5.71
CA ALA B 328 13.16 -20.39 4.74
C ALA B 328 14.51 -20.71 5.37
N TYR B 329 14.97 -21.95 5.24
CA TYR B 329 16.22 -22.36 5.88
C TYR B 329 17.23 -22.92 4.89
N THR B 330 18.40 -22.30 4.84
CA THR B 330 19.53 -22.78 4.03
C THR B 330 20.08 -24.01 4.69
N PRO B 331 20.72 -24.90 3.91
CA PRO B 331 21.33 -26.15 4.40
C PRO B 331 22.19 -25.95 5.65
N THR B 332 22.86 -24.81 5.77
CA THR B 332 23.64 -24.50 6.97
C THR B 332 22.75 -24.44 8.23
N GLY B 333 21.47 -24.07 8.07
CA GLY B 333 20.55 -23.88 9.19
C GLY B 333 20.20 -22.41 9.42
N HIS B 334 20.82 -21.55 8.61
CA HIS B 334 20.58 -20.11 8.61
C HIS B 334 19.16 -19.84 8.11
N LYS B 335 18.56 -18.74 8.55
CA LYS B 335 17.19 -18.39 8.13
C LYS B 335 17.13 -17.28 7.07
N SER B 336 16.97 -17.67 5.81
CA SER B 336 16.89 -16.74 4.67
C SER B 336 15.75 -15.72 4.75
N TRP B 337 14.51 -16.19 4.75
CA TRP B 337 13.39 -15.25 4.87
C TRP B 337 12.21 -15.78 5.69
N SER B 338 11.13 -15.01 5.73
CA SER B 338 9.94 -15.34 6.51
C SER B 338 8.74 -14.77 5.82
N LEU B 339 7.65 -15.52 5.77
CA LEU B 339 6.47 -15.04 5.10
C LEU B 339 5.33 -14.96 6.11
N TYR B 340 4.67 -13.82 6.20
CA TYR B 340 3.66 -13.69 7.22
C TYR B 340 2.28 -13.77 6.62
N LEU B 341 1.48 -14.71 7.06
CA LEU B 341 0.24 -14.97 6.38
C LEU B 341 -1.00 -14.53 7.17
N PRO B 342 -1.95 -13.90 6.46
CA PRO B 342 -3.21 -13.36 6.93
C PRO B 342 -4.11 -14.40 7.54
N CYS B 343 -4.14 -15.57 6.94
CA CYS B 343 -4.95 -16.64 7.49
C CYS B 343 -4.11 -17.87 7.76
N HIS B 344 -4.78 -19.01 7.91
CA HIS B 344 -4.12 -20.26 8.29
C HIS B 344 -3.71 -21.07 7.09
N ILE B 345 -2.48 -21.56 7.14
CA ILE B 345 -1.94 -22.40 6.08
C ILE B 345 -2.62 -23.78 6.07
N LEU B 346 -3.12 -24.17 4.91
CA LEU B 346 -3.75 -25.48 4.74
C LEU B 346 -2.93 -26.44 3.88
N ALA B 347 -2.10 -25.91 2.99
CA ALA B 347 -1.38 -26.70 2.02
C ALA B 347 -0.19 -25.91 1.51
N MET B 348 0.93 -26.59 1.27
CA MET B 348 2.10 -25.98 0.68
C MET B 348 2.56 -26.87 -0.47
N GLN B 349 3.35 -26.36 -1.41
CA GLN B 349 3.75 -27.18 -2.54
C GLN B 349 4.83 -26.51 -3.36
N ARG B 350 5.83 -27.25 -3.86
CA ARG B 350 6.79 -26.62 -4.76
C ARG B 350 6.20 -26.45 -6.13
N MET B 351 6.53 -25.33 -6.75
CA MET B 351 6.09 -25.06 -8.12
C MET B 351 7.34 -24.84 -8.93
N GLU B 352 7.79 -25.92 -9.57
CA GLU B 352 9.01 -25.89 -10.33
C GLU B 352 8.63 -25.63 -11.77
N VAL B 353 8.88 -24.41 -12.25
CA VAL B 353 8.57 -24.05 -13.63
C VAL B 353 9.87 -24.14 -14.40
N THR B 354 9.92 -25.10 -15.33
CA THR B 354 11.13 -25.38 -16.10
C THR B 354 11.28 -24.52 -17.36
N GLY B 355 12.46 -24.58 -17.97
CA GLY B 355 12.66 -23.85 -19.20
C GLY B 355 13.37 -22.53 -18.99
N GLN B 356 13.02 -21.53 -19.80
CA GLN B 356 13.69 -20.25 -19.69
C GLN B 356 13.34 -19.65 -18.34
N ARG B 357 12.09 -19.81 -17.93
CA ARG B 357 11.61 -19.16 -16.71
C ARG B 357 12.30 -19.69 -15.46
N ASN B 358 12.63 -20.98 -15.49
CA ASN B 358 13.43 -21.67 -14.46
C ASN B 358 13.37 -21.18 -13.02
N THR B 359 12.18 -21.18 -12.44
CA THR B 359 12.05 -20.83 -11.03
C THR B 359 11.35 -21.95 -10.25
N LYS B 360 11.68 -22.02 -8.95
CA LYS B 360 11.08 -22.94 -7.99
C LYS B 360 10.18 -22.16 -7.02
N ALA B 361 8.94 -21.95 -7.40
CA ALA B 361 8.06 -21.14 -6.58
C ALA B 361 7.54 -21.97 -5.43
N LEU B 362 6.74 -21.34 -4.59
CA LEU B 362 6.11 -22.00 -3.47
C LEU B 362 4.67 -21.63 -3.53
N ILE B 363 3.78 -22.60 -3.42
CA ILE B 363 2.36 -22.29 -3.43
C ILE B 363 1.81 -22.47 -2.05
N VAL B 364 1.07 -21.50 -1.53
CA VAL B 364 0.37 -21.66 -0.26
C VAL B 364 -1.13 -21.51 -0.36
N ALA B 365 -1.87 -22.42 0.24
CA ALA B 365 -3.32 -22.26 0.33
C ALA B 365 -3.69 -21.95 1.78
N LEU B 366 -4.56 -20.98 1.97
CA LEU B 366 -4.97 -20.53 3.31
C LEU B 366 -6.41 -20.93 3.51
N SER B 367 -6.80 -21.14 4.76
CA SER B 367 -8.16 -21.59 5.06
C SER B 367 -9.25 -20.62 4.65
N ASN B 368 -8.84 -19.42 4.27
CA ASN B 368 -9.78 -18.42 3.79
C ASN B 368 -10.00 -18.49 2.30
N GLY B 369 -9.43 -19.50 1.64
CA GLY B 369 -9.64 -19.67 0.21
C GLY B 369 -8.52 -19.18 -0.69
N GLU B 370 -7.57 -18.44 -0.15
CA GLU B 370 -6.54 -17.86 -0.98
C GLU B 370 -5.51 -18.89 -1.41
N VAL B 371 -5.04 -18.81 -2.65
CA VAL B 371 -3.95 -19.68 -3.09
C VAL B 371 -2.85 -18.77 -3.61
N ARG B 372 -1.68 -18.82 -3.01
CA ARG B 372 -0.67 -17.84 -3.35
C ARG B 372 0.58 -18.43 -3.91
N VAL B 373 1.18 -17.76 -4.88
CA VAL B 373 2.44 -18.20 -5.42
C VAL B 373 3.50 -17.20 -4.97
N TYR B 374 4.50 -17.64 -4.24
CA TYR B 374 5.58 -16.73 -3.88
C TYR B 374 6.79 -17.10 -4.71
N ASN B 375 7.37 -16.16 -5.45
CA ASN B 375 8.69 -16.41 -5.99
C ASN B 375 9.71 -15.85 -5.01
N GLU B 376 10.36 -16.74 -4.27
CA GLU B 376 11.11 -16.31 -3.10
C GLU B 376 10.23 -15.51 -2.15
N LYS B 377 10.58 -14.24 -2.00
CA LYS B 377 9.90 -13.34 -1.06
C LYS B 377 8.75 -12.64 -1.73
N LEU B 378 8.69 -12.74 -3.04
CA LEU B 378 7.77 -11.93 -3.81
C LEU B 378 6.43 -12.56 -4.04
N LEU B 379 5.36 -12.02 -3.48
CA LEU B 379 4.08 -12.57 -3.84
C LEU B 379 3.87 -12.27 -5.33
N VAL B 380 3.60 -13.32 -6.10
CA VAL B 380 3.65 -13.30 -7.53
C VAL B 380 2.29 -13.60 -8.12
N SER B 381 1.45 -14.32 -7.39
CA SER B 381 0.09 -14.50 -7.87
C SER B 381 -0.89 -14.89 -6.77
N VAL B 382 -2.15 -14.45 -6.88
CA VAL B 382 -3.22 -14.86 -5.96
C VAL B 382 -4.55 -15.16 -6.62
N HIS B 383 -5.20 -16.24 -6.19
CA HIS B 383 -6.56 -16.54 -6.63
C HIS B 383 -7.28 -17.25 -5.48
N VAL B 384 -8.58 -17.44 -5.67
CA VAL B 384 -9.43 -17.95 -4.61
C VAL B 384 -10.19 -19.25 -4.87
N SER B 385 -9.96 -20.23 -4.03
CA SER B 385 -10.74 -21.43 -4.17
C SER B 385 -12.02 -21.26 -3.36
N PRO B 386 -13.16 -21.61 -3.95
CA PRO B 386 -14.48 -21.64 -3.31
C PRO B 386 -14.45 -22.45 -2.02
N ASN B 387 -13.59 -23.46 -1.99
CA ASN B 387 -13.43 -24.30 -0.82
C ASN B 387 -12.00 -24.47 -0.40
N PRO B 388 -11.78 -24.77 0.89
CA PRO B 388 -10.40 -24.94 1.35
C PRO B 388 -9.64 -26.09 0.61
N VAL B 389 -8.46 -25.75 0.09
CA VAL B 389 -7.65 -26.69 -0.66
C VAL B 389 -7.04 -27.76 0.25
N THR B 390 -7.42 -29.03 0.10
CA THR B 390 -6.75 -30.08 0.89
C THR B 390 -5.50 -30.65 0.20
N ALA B 391 -5.44 -30.55 -1.11
CA ALA B 391 -4.30 -31.07 -1.84
C ALA B 391 -3.89 -30.20 -3.04
N LEU B 392 -2.58 -29.97 -3.15
CA LEU B 392 -2.00 -29.15 -4.20
C LEU B 392 -0.87 -29.87 -4.95
N TRP B 393 -1.00 -29.96 -6.27
CA TRP B 393 0.08 -30.51 -7.08
C TRP B 393 0.37 -29.68 -8.28
N PHE B 394 1.65 -29.34 -8.48
CA PHE B 394 2.07 -28.66 -9.73
C PHE B 394 3.10 -29.47 -10.51
N GLY B 395 2.73 -29.75 -11.77
CA GLY B 395 3.56 -30.57 -12.65
C GLY B 395 2.90 -30.78 -13.99
N ARG B 396 3.31 -31.82 -14.70
CA ARG B 396 2.80 -32.10 -16.02
C ARG B 396 1.50 -32.83 -15.89
N TYR B 397 0.52 -32.44 -16.69
CA TYR B 397 -0.72 -33.19 -16.71
C TYR B 397 -1.32 -33.07 -18.08
N GLY B 398 -1.76 -34.19 -18.64
CA GLY B 398 -2.14 -34.18 -20.03
C GLY B 398 -0.90 -33.84 -20.81
N ARG B 399 -1.08 -33.09 -21.89
CA ARG B 399 0.07 -32.67 -22.68
C ARG B 399 0.68 -31.34 -22.23
N GLU B 400 0.35 -30.91 -21.00
CA GLU B 400 0.79 -29.61 -20.51
C GLU B 400 1.73 -29.64 -19.31
N ASP B 401 2.87 -29.02 -19.50
CA ASP B 401 3.95 -29.06 -18.53
C ASP B 401 3.64 -28.34 -17.22
N ASN B 402 3.01 -27.17 -17.31
CA ASN B 402 2.83 -26.35 -16.12
C ASN B 402 1.39 -26.31 -15.64
N THR B 403 0.98 -27.36 -14.96
CA THR B 403 -0.40 -27.49 -14.53
C THR B 403 -0.57 -27.55 -13.02
N LEU B 404 -1.50 -26.74 -12.50
CA LEU B 404 -1.81 -26.75 -11.06
C LEU B 404 -3.07 -27.55 -10.81
N LEU B 405 -2.93 -28.59 -10.01
CA LEU B 405 -4.09 -29.38 -9.66
C LEU B 405 -4.36 -29.18 -8.18
N ALA B 406 -5.62 -28.86 -7.86
CA ALA B 406 -5.99 -28.68 -6.47
C ALA B 406 -7.25 -29.44 -6.11
N ILE B 407 -7.22 -30.06 -4.94
CA ILE B 407 -8.35 -30.82 -4.41
C ILE B 407 -8.91 -30.12 -3.18
N THR B 408 -10.21 -29.85 -3.20
CA THR B 408 -10.87 -29.16 -2.08
C THR B 408 -11.56 -30.11 -1.12
N LYS B 409 -11.80 -29.61 0.10
CA LYS B 409 -12.47 -30.36 1.15
C LYS B 409 -13.87 -30.75 0.70
N SER B 410 -14.43 -29.97 -0.20
CA SER B 410 -15.72 -30.28 -0.76
C SER B 410 -15.62 -31.41 -1.78
N GLY B 411 -14.42 -31.94 -1.95
CA GLY B 411 -14.23 -33.01 -2.91
C GLY B 411 -14.06 -32.55 -4.35
N ALA B 412 -13.97 -31.25 -4.58
CA ALA B 412 -13.84 -30.77 -5.94
C ALA B 412 -12.41 -30.86 -6.48
N LEU B 413 -12.32 -30.94 -7.81
CA LEU B 413 -11.05 -30.92 -8.54
C LEU B 413 -11.03 -29.69 -9.39
N ASP B 414 -9.98 -28.88 -9.25
CA ASP B 414 -9.79 -27.69 -10.07
C ASP B 414 -8.41 -27.71 -10.71
N ILE B 415 -8.38 -27.42 -12.02
CA ILE B 415 -7.16 -27.41 -12.83
C ILE B 415 -6.93 -26.03 -13.48
N LYS B 416 -5.73 -25.51 -13.26
CA LYS B 416 -5.29 -24.25 -13.85
C LYS B 416 -3.95 -24.52 -14.50
N MET B 417 -3.63 -23.69 -15.49
CA MET B 417 -2.36 -23.80 -16.18
C MET B 417 -1.63 -22.47 -16.37
N LEU B 418 -0.31 -22.50 -16.19
CA LEU B 418 0.50 -21.30 -16.26
C LEU B 418 0.84 -20.94 -17.73
N PRO B 419 0.34 -19.78 -18.20
CA PRO B 419 0.61 -19.23 -19.54
C PRO B 419 2.09 -19.22 -19.93
N ARG B 420 2.35 -19.29 -21.23
CA ARG B 420 3.72 -19.52 -21.70
C ARG B 420 4.56 -18.33 -21.38
N THR B 421 3.93 -17.16 -21.51
CA THR B 421 4.57 -15.86 -21.49
C THR B 421 4.61 -15.22 -20.10
N ALA B 422 3.95 -15.85 -19.13
CA ALA B 422 3.79 -15.34 -17.78
C ALA B 422 5.10 -15.33 -17.00
N ASN B 423 5.52 -14.16 -16.54
CA ASN B 423 6.69 -14.06 -15.66
C ASN B 423 6.39 -14.19 -14.19
N LEU B 424 7.38 -14.69 -13.47
CA LEU B 424 7.29 -14.82 -12.03
C LEU B 424 8.46 -14.05 -11.41
N GLU B 425 9.01 -13.10 -12.18
CA GLU B 425 10.30 -12.41 -11.90
C GLU B 425 11.44 -13.33 -11.46
N SER C 4 6.32 32.92 56.71
CA SER C 4 6.35 31.67 55.93
C SER C 4 6.57 31.91 54.42
N LYS C 5 6.43 30.83 53.65
CA LYS C 5 6.46 30.87 52.17
C LYS C 5 5.22 30.12 51.60
N LYS C 6 4.51 30.73 50.65
CA LYS C 6 3.29 30.13 50.09
C LYS C 6 3.63 29.28 48.88
N VAL C 7 3.18 28.02 48.86
CA VAL C 7 3.39 27.18 47.69
C VAL C 7 2.15 26.40 47.26
N ASN C 8 2.03 26.19 45.96
CA ASN C 8 0.92 25.45 45.38
C ASN C 8 1.18 23.97 45.19
N VAL C 9 0.36 23.15 45.83
CA VAL C 9 0.54 21.71 45.76
C VAL C 9 -0.64 21.00 45.11
N LEU C 10 -0.47 20.52 43.89
CA LEU C 10 -1.55 19.81 43.20
C LEU C 10 -1.67 18.33 43.60
N VAL C 11 -2.83 17.90 44.07
CA VAL C 11 -2.98 16.50 44.47
C VAL C 11 -3.90 15.73 43.54
N VAL C 12 -3.32 14.81 42.77
CA VAL C 12 -4.03 14.11 41.69
C VAL C 12 -3.80 12.62 41.74
N GLY C 13 -4.62 11.86 41.04
CA GLY C 13 -4.56 10.42 41.14
C GLY C 13 -5.90 9.84 40.77
N LEU C 14 -5.99 8.56 40.48
CA LEU C 14 -7.26 8.01 40.05
C LEU C 14 -8.28 8.17 41.16
N ASP C 15 -9.54 7.99 40.84
CA ASP C 15 -10.54 8.16 41.85
C ASP C 15 -10.32 7.07 42.86
N ASN C 16 -10.62 7.36 44.13
CA ASN C 16 -10.52 6.39 45.21
C ASN C 16 -9.10 5.95 45.63
N SER C 17 -8.09 6.72 45.23
CA SER C 17 -6.74 6.39 45.65
C SER C 17 -6.47 6.84 47.09
N GLY C 18 -7.26 7.80 47.56
CA GLY C 18 -7.12 8.32 48.91
C GLY C 18 -6.49 9.69 48.97
N LYS C 19 -6.67 10.50 47.93
CA LYS C 19 -6.09 11.83 47.91
C LYS C 19 -6.69 12.58 49.09
N THR C 20 -8.02 12.59 49.12
CA THR C 20 -8.74 13.36 50.14
C THR C 20 -8.39 12.85 51.55
N THR C 21 -8.46 11.53 51.75
CA THR C 21 -8.11 10.96 53.05
C THR C 21 -6.68 11.33 53.50
N ILE C 22 -5.72 11.24 52.58
CA ILE C 22 -4.32 11.59 52.88
C ILE C 22 -4.22 13.08 53.20
N ILE C 23 -5.11 13.87 52.64
CA ILE C 23 -5.04 15.32 52.83
C ILE C 23 -5.60 15.68 54.21
N GLU C 24 -6.47 14.81 54.71
CA GLU C 24 -7.00 14.95 56.06
C GLU C 24 -5.88 14.86 57.10
N ARG C 25 -5.08 13.81 57.01
CA ARG C 25 -3.96 13.61 57.91
C ARG C 25 -2.90 14.74 57.87
N LEU C 26 -3.13 15.78 57.09
CA LEU C 26 -2.19 16.91 57.08
C LEU C 26 -2.71 18.06 57.91
N LYS C 27 -3.96 17.93 58.35
CA LYS C 27 -4.56 18.94 59.19
C LYS C 27 -4.25 18.59 60.65
N PRO C 28 -4.36 19.57 61.56
CA PRO C 28 -4.19 19.26 62.99
C PRO C 28 -5.20 18.19 63.42
N ARG C 29 -4.78 17.22 64.23
CA ARG C 29 -5.62 16.10 64.68
C ARG C 29 -7.08 16.37 65.13
N PRO C 30 -7.35 17.55 65.75
CA PRO C 30 -8.76 17.89 66.07
C PRO C 30 -9.60 18.29 64.86
N ARG C 31 -8.94 18.79 63.83
CA ARG C 31 -9.62 19.22 62.61
C ARG C 31 -10.10 18.06 61.74
N GLN C 32 -9.40 16.94 61.81
CA GLN C 32 -9.63 15.85 60.87
C GLN C 32 -11.00 15.20 61.01
N ALA C 33 -11.59 14.79 59.88
CA ALA C 33 -12.92 14.18 59.91
C ALA C 33 -12.86 12.67 59.81
N ALA C 34 -13.96 12.02 60.16
CA ALA C 34 -13.99 10.56 60.28
C ALA C 34 -14.02 9.82 58.94
N GLU C 35 -15.21 9.76 58.36
CA GLU C 35 -15.39 9.25 57.00
C GLU C 35 -15.12 10.43 56.06
N VAL C 36 -14.84 10.14 54.78
CA VAL C 36 -14.58 11.19 53.79
C VAL C 36 -15.42 11.04 52.53
N ALA C 37 -16.06 12.13 52.08
CA ALA C 37 -16.89 12.03 50.89
C ALA C 37 -16.02 12.04 49.63
N PRO C 38 -16.40 11.21 48.65
CA PRO C 38 -15.79 11.22 47.32
C PRO C 38 -15.80 12.63 46.78
N THR C 39 -14.62 13.21 46.57
CA THR C 39 -14.49 14.60 46.12
C THR C 39 -15.40 14.89 44.92
N VAL C 40 -16.02 16.07 44.95
CA VAL C 40 -16.95 16.50 43.91
C VAL C 40 -16.41 17.70 43.17
N GLY C 41 -15.95 17.45 41.95
CA GLY C 41 -15.24 18.44 41.17
C GLY C 41 -13.84 18.58 41.71
N PHE C 42 -13.65 19.45 42.69
CA PHE C 42 -12.33 19.63 43.30
C PHE C 42 -12.49 20.53 44.50
N THR C 43 -11.48 20.58 45.37
CA THR C 43 -11.53 21.39 46.58
C THR C 43 -10.22 22.04 46.93
N VAL C 44 -10.17 23.36 46.88
CA VAL C 44 -8.96 24.00 47.34
C VAL C 44 -8.98 24.09 48.86
N ASP C 45 -7.85 23.74 49.48
CA ASP C 45 -7.72 23.80 50.92
C ASP C 45 -6.39 24.47 51.28
N GLU C 46 -6.09 24.63 52.57
CA GLU C 46 -4.80 25.20 52.98
C GLU C 46 -4.22 24.44 54.15
N VAL C 47 -2.91 24.39 54.22
CA VAL C 47 -2.20 23.57 55.20
C VAL C 47 -0.85 24.17 55.55
N GLU C 48 -0.52 24.12 56.85
CA GLU C 48 0.75 24.61 57.35
C GLU C 48 1.75 23.48 57.52
N LYS C 49 3.02 23.76 57.23
CA LYS C 49 4.09 22.82 57.55
C LYS C 49 5.42 23.56 57.69
N GLY C 50 5.73 23.99 58.90
CA GLY C 50 6.95 24.72 59.12
C GLY C 50 6.92 26.06 58.44
N PRO C 51 8.06 26.46 57.83
CA PRO C 51 8.27 27.72 57.10
C PRO C 51 7.47 27.82 55.79
N LEU C 52 6.67 26.79 55.54
CA LEU C 52 5.93 26.67 54.31
C LEU C 52 4.42 26.65 54.54
N THR C 53 3.70 27.37 53.68
CA THR C 53 2.25 27.23 53.66
C THR C 53 1.83 26.60 52.34
N PHE C 54 1.16 25.45 52.46
CA PHE C 54 0.74 24.69 51.29
C PHE C 54 -0.65 25.09 50.94
N THR C 55 -0.87 25.57 49.72
CA THR C 55 -2.22 25.68 49.20
C THR C 55 -2.48 24.38 48.46
N VAL C 56 -3.38 23.57 48.99
CA VAL C 56 -3.55 22.23 48.50
C VAL C 56 -4.77 22.12 47.61
N PHE C 57 -4.56 21.92 46.31
CA PHE C 57 -5.66 21.67 45.38
C PHE C 57 -5.96 20.17 45.27
N ASP C 58 -7.00 19.70 45.93
CA ASP C 58 -7.39 18.28 45.95
C ASP C 58 -8.40 18.00 44.84
N MET C 59 -7.97 17.35 43.76
CA MET C 59 -8.86 17.06 42.61
C MET C 59 -9.64 15.74 42.75
N SER C 60 -10.73 15.61 41.99
CA SER C 60 -11.37 14.33 41.78
C SER C 60 -10.57 13.57 40.73
N GLY C 61 -10.59 12.26 40.82
CA GLY C 61 -9.88 11.46 39.86
C GLY C 61 -10.88 10.67 39.09
N ALA C 62 -12.15 11.02 39.20
CA ALA C 62 -13.17 10.31 38.42
C ALA C 62 -12.97 10.61 36.93
N GLY C 63 -13.50 9.73 36.08
CA GLY C 63 -13.32 9.86 34.64
C GLY C 63 -13.66 11.29 34.28
N ARG C 64 -14.92 11.64 34.56
CA ARG C 64 -15.50 12.92 34.25
C ARG C 64 -14.66 14.11 34.62
N TYR C 65 -13.88 14.02 35.68
CA TYR C 65 -13.26 15.24 36.15
C TYR C 65 -11.79 15.37 35.81
N ARG C 66 -11.19 14.33 35.23
CA ARG C 66 -9.74 14.39 35.03
C ARG C 66 -9.32 15.57 34.14
N THR C 67 -10.25 16.00 33.30
CA THR C 67 -10.01 17.10 32.37
C THR C 67 -9.84 18.44 33.08
N LEU C 68 -9.99 18.41 34.40
CA LEU C 68 -9.86 19.63 35.19
C LEU C 68 -8.44 19.83 35.74
N TRP C 69 -7.68 18.74 35.91
CA TRP C 69 -6.34 18.88 36.49
C TRP C 69 -5.54 19.96 35.75
N GLU C 70 -5.72 20.04 34.42
CA GLU C 70 -4.84 20.92 33.66
C GLU C 70 -5.08 22.38 33.98
N GLN C 71 -6.21 22.65 34.60
CA GLN C 71 -6.53 24.01 35.00
C GLN C 71 -5.52 24.48 36.04
N TYR C 72 -4.92 23.52 36.75
CA TYR C 72 -4.01 23.85 37.84
C TYR C 72 -2.50 23.60 37.61
N TYR C 73 -2.10 23.08 36.46
CA TYR C 73 -0.68 22.84 36.18
C TYR C 73 0.18 24.12 36.21
N ARG C 74 -0.33 25.21 35.65
CA ARG C 74 0.46 26.41 35.44
C ARG C 74 0.99 26.94 36.77
N GLU C 75 0.12 26.88 37.76
CA GLU C 75 0.39 27.40 39.09
C GLU C 75 1.14 26.44 40.05
N ALA C 76 1.05 25.12 39.81
CA ALA C 76 1.62 24.11 40.69
C ALA C 76 3.11 24.32 40.93
N ASP C 77 3.56 24.12 42.16
CA ASP C 77 4.97 24.34 42.51
C ASP C 77 5.54 23.01 42.92
N ALA C 78 4.63 22.04 43.06
CA ALA C 78 4.92 20.66 43.39
C ALA C 78 3.62 19.85 43.19
N VAL C 79 3.75 18.53 43.02
CA VAL C 79 2.60 17.68 42.74
C VAL C 79 2.62 16.51 43.68
N VAL C 80 1.49 16.17 44.27
CA VAL C 80 1.38 14.91 45.01
C VAL C 80 0.54 13.99 44.17
N PHE C 81 1.02 12.75 43.97
CA PHE C 81 0.33 11.76 43.14
C PHE C 81 -0.06 10.49 43.90
N VAL C 82 -1.33 10.31 44.14
CA VAL C 82 -1.72 9.17 44.96
C VAL C 82 -2.06 7.92 44.16
N VAL C 83 -1.58 6.77 44.59
CA VAL C 83 -1.85 5.53 43.88
C VAL C 83 -2.44 4.53 44.88
N ASP C 84 -3.61 3.95 44.62
CA ASP C 84 -4.13 2.89 45.48
C ASP C 84 -3.37 1.64 45.16
N SER C 85 -2.45 1.26 46.04
CA SER C 85 -1.55 0.13 45.83
C SER C 85 -2.24 -1.17 45.59
N ALA C 86 -3.48 -1.31 46.03
CA ALA C 86 -4.14 -2.58 45.88
C ALA C 86 -4.91 -2.66 44.57
N ASP C 87 -4.96 -1.57 43.83
CA ASP C 87 -5.64 -1.57 42.53
C ASP C 87 -4.63 -1.85 41.43
N LYS C 88 -4.26 -3.13 41.30
CA LYS C 88 -3.22 -3.50 40.34
C LYS C 88 -3.83 -3.24 38.99
N LEU C 89 -5.11 -3.53 38.87
CA LEU C 89 -5.85 -3.33 37.63
C LEU C 89 -5.60 -2.00 36.94
N ARG C 90 -5.87 -0.88 37.60
CA ARG C 90 -5.85 0.39 36.89
C ARG C 90 -4.49 1.07 36.81
N MET C 91 -3.41 0.34 37.08
CA MET C 91 -2.10 1.00 37.09
C MET C 91 -1.79 1.68 35.77
N VAL C 92 -2.21 1.07 34.68
CA VAL C 92 -1.87 1.63 33.39
C VAL C 92 -2.63 2.95 33.16
N VAL C 93 -3.91 2.97 33.54
CA VAL C 93 -4.72 4.18 33.50
C VAL C 93 -4.07 5.24 34.33
N ALA C 94 -3.65 4.82 35.53
CA ALA C 94 -2.91 5.68 36.42
C ALA C 94 -1.71 6.25 35.70
N ARG C 95 -1.04 5.38 34.95
CA ARG C 95 0.17 5.76 34.23
C ARG C 95 -0.11 6.74 33.09
N ASP C 96 -1.20 6.47 32.39
CA ASP C 96 -1.53 7.25 31.24
C ASP C 96 -1.75 8.69 31.68
N GLU C 97 -2.59 8.86 32.70
CA GLU C 97 -2.92 10.19 33.18
C GLU C 97 -1.68 10.88 33.70
N MET C 98 -0.83 10.12 34.38
CA MET C 98 0.41 10.68 34.86
C MET C 98 1.23 11.23 33.67
N GLU C 99 1.28 10.44 32.60
CA GLU C 99 2.07 10.79 31.43
C GLU C 99 1.51 12.04 30.75
N HIS C 100 0.18 12.14 30.64
CA HIS C 100 -0.40 13.32 30.03
C HIS C 100 -0.06 14.54 30.85
N MET C 101 -0.01 14.35 32.17
CA MET C 101 0.32 15.44 33.04
C MET C 101 1.72 15.92 32.78
N LEU C 102 2.66 14.99 32.78
CA LEU C 102 4.06 15.33 32.52
C LEU C 102 4.23 16.02 31.15
N LYS C 103 3.48 15.52 30.15
CA LYS C 103 3.53 16.05 28.80
C LYS C 103 3.11 17.51 28.74
N HIS C 104 1.99 17.85 29.40
CA HIS C 104 1.34 19.16 29.28
C HIS C 104 2.29 20.37 29.31
N SER C 105 2.07 21.32 28.43
CA SER C 105 3.07 22.36 28.26
C SER C 105 3.08 23.30 29.46
N ASN C 106 2.06 23.18 30.29
CA ASN C 106 1.94 24.05 31.45
C ASN C 106 2.61 23.57 32.73
N MET C 107 2.73 22.24 32.86
CA MET C 107 3.29 21.61 34.05
C MET C 107 4.80 21.75 34.12
N ARG C 108 5.28 22.65 34.96
CA ARG C 108 6.72 22.83 35.06
C ARG C 108 7.37 21.60 35.70
N LYS C 109 8.71 21.59 35.68
CA LYS C 109 9.44 20.44 36.22
C LYS C 109 9.53 20.50 37.75
N VAL C 110 8.40 20.73 38.38
CA VAL C 110 8.32 20.79 39.83
C VAL C 110 8.34 19.36 40.39
N PRO C 111 8.74 19.22 41.66
CA PRO C 111 8.87 17.91 42.31
C PRO C 111 7.56 17.13 42.38
N ILE C 112 7.62 15.82 42.24
CA ILE C 112 6.44 14.98 42.36
C ILE C 112 6.65 14.00 43.50
N LEU C 113 5.67 13.87 44.38
CA LEU C 113 5.77 12.89 45.46
C LEU C 113 4.65 11.90 45.26
N TYR C 114 4.98 10.64 45.10
CA TYR C 114 3.96 9.64 44.87
C TYR C 114 3.69 8.95 46.17
N PHE C 115 2.45 8.91 46.63
CA PHE C 115 2.16 8.06 47.78
C PHE C 115 1.70 6.71 47.28
N ALA C 116 2.41 5.65 47.63
CA ALA C 116 1.87 4.31 47.35
C ALA C 116 0.85 4.00 48.41
N ASN C 117 -0.33 4.57 48.30
CA ASN C 117 -1.29 4.52 49.39
C ASN C 117 -1.94 3.16 49.59
N LYS C 118 -2.67 3.03 50.71
CA LYS C 118 -3.32 1.80 51.14
C LYS C 118 -2.35 0.63 51.29
N LYS C 119 -1.15 0.98 51.76
CA LYS C 119 -0.06 0.03 52.02
C LYS C 119 -0.53 -1.08 52.94
N ASP C 120 -1.60 -0.82 53.67
CA ASP C 120 -2.14 -1.78 54.62
C ASP C 120 -2.95 -2.89 53.97
N LEU C 121 -3.43 -2.68 52.76
CA LEU C 121 -4.37 -3.66 52.23
C LEU C 121 -3.66 -4.95 51.89
N PRO C 122 -4.40 -6.09 51.91
CA PRO C 122 -3.72 -7.39 51.83
C PRO C 122 -3.00 -7.59 50.49
N VAL C 123 -3.62 -7.18 49.40
CA VAL C 123 -2.99 -7.38 48.10
C VAL C 123 -2.19 -6.19 47.66
N ALA C 124 -1.93 -5.25 48.55
CA ALA C 124 -1.25 -4.03 48.16
C ALA C 124 0.10 -4.26 47.45
N MET C 125 0.35 -3.54 46.38
CA MET C 125 1.59 -3.69 45.65
C MET C 125 2.76 -2.96 46.33
N PRO C 126 3.92 -3.62 46.33
CA PRO C 126 5.20 -3.06 46.77
C PRO C 126 5.52 -1.74 46.08
N PRO C 127 6.04 -0.76 46.83
CA PRO C 127 6.53 0.46 46.20
C PRO C 127 7.35 0.24 44.93
N VAL C 128 8.23 -0.75 44.91
CA VAL C 128 9.06 -0.91 43.73
C VAL C 128 8.24 -1.34 42.50
N GLU C 129 7.29 -2.26 42.65
CA GLU C 129 6.43 -2.65 41.52
C GLU C 129 5.57 -1.51 40.98
N ILE C 130 5.15 -0.63 41.88
CA ILE C 130 4.38 0.51 41.49
C ILE C 130 5.26 1.42 40.68
N ALA C 131 6.46 1.70 41.14
CA ALA C 131 7.34 2.60 40.39
C ALA C 131 7.72 2.04 39.02
N GLN C 132 7.61 0.73 38.91
CA GLN C 132 7.78 0.00 37.67
C GLN C 132 6.66 0.26 36.68
N ALA C 133 5.43 -0.07 37.07
CA ALA C 133 4.25 0.14 36.23
C ALA C 133 4.16 1.60 35.74
N LEU C 134 4.44 2.54 36.63
CA LEU C 134 4.33 3.92 36.24
C LEU C 134 5.53 4.36 35.43
N GLY C 135 6.56 3.54 35.36
CA GLY C 135 7.78 3.94 34.69
C GLY C 135 8.45 5.14 35.36
N LEU C 136 8.45 5.16 36.69
CA LEU C 136 8.96 6.33 37.39
C LEU C 136 10.43 6.53 37.18
N ASP C 137 11.18 5.44 36.95
CA ASP C 137 12.64 5.55 36.83
C ASP C 137 13.00 6.37 35.60
N ASP C 138 12.08 6.44 34.65
CA ASP C 138 12.26 7.27 33.47
C ASP C 138 12.24 8.77 33.78
N ILE C 139 11.69 9.15 34.93
CA ILE C 139 11.65 10.57 35.27
C ILE C 139 13.00 11.06 35.74
N LYS C 140 13.68 11.86 34.91
CA LYS C 140 15.05 12.29 35.19
C LYS C 140 15.26 13.79 35.10
N ASP C 141 14.18 14.57 35.15
CA ASP C 141 14.29 16.03 35.08
C ASP C 141 13.65 16.69 36.29
N ARG C 142 13.03 15.87 37.14
CA ARG C 142 12.36 16.36 38.34
C ARG C 142 12.72 15.48 39.51
N PRO C 143 12.75 16.08 40.70
CA PRO C 143 12.84 15.26 41.90
C PRO C 143 11.55 14.49 42.13
N TRP C 144 11.66 13.18 42.33
CA TRP C 144 10.49 12.40 42.67
C TRP C 144 10.83 11.41 43.76
N GLN C 145 9.81 10.80 44.35
CA GLN C 145 10.04 9.93 45.48
C GLN C 145 8.80 9.13 45.67
N ILE C 146 8.91 7.88 46.03
CA ILE C 146 7.69 7.13 46.25
C ILE C 146 7.68 6.61 47.69
N VAL C 147 6.57 6.83 48.37
CA VAL C 147 6.52 6.53 49.79
C VAL C 147 5.26 5.75 50.06
N PRO C 148 5.39 4.51 50.55
CA PRO C 148 4.18 3.74 50.85
C PRO C 148 3.47 4.46 51.94
N SER C 149 2.16 4.32 52.00
CA SER C 149 1.39 5.08 52.97
C SER C 149 0.09 4.41 53.37
N ASN C 150 -0.30 4.60 54.63
CA ASN C 150 -1.67 4.31 55.05
C ASN C 150 -2.37 5.60 55.40
N GLY C 151 -3.42 5.92 54.66
CA GLY C 151 -4.10 7.19 54.81
C GLY C 151 -5.08 7.18 55.95
N LEU C 152 -5.56 5.99 56.31
CA LEU C 152 -6.42 5.88 57.47
C LEU C 152 -5.62 6.24 58.73
N THR C 153 -4.51 5.52 58.94
CA THR C 153 -3.64 5.73 60.08
C THR C 153 -2.80 7.01 59.98
N GLY C 154 -2.32 7.33 58.79
CA GLY C 154 -1.48 8.51 58.62
C GLY C 154 -0.04 8.13 58.41
N GLU C 155 0.20 6.84 58.48
CA GLU C 155 1.51 6.28 58.26
C GLU C 155 2.13 6.73 56.92
N GLY C 156 3.39 7.15 56.96
CA GLY C 156 4.11 7.51 55.75
C GLY C 156 3.87 8.94 55.31
N VAL C 157 2.66 9.43 55.54
CA VAL C 157 2.24 10.72 55.03
C VAL C 157 3.18 11.86 55.33
N ASP C 158 3.61 11.92 56.58
CA ASP C 158 4.47 12.99 57.07
C ASP C 158 5.87 12.83 56.53
N LYS C 159 6.31 11.57 56.49
CA LYS C 159 7.59 11.19 55.92
C LYS C 159 7.61 11.75 54.50
N GLY C 160 6.54 11.47 53.75
CA GLY C 160 6.36 12.01 52.41
C GLY C 160 6.36 13.54 52.37
N ILE C 161 5.45 14.18 53.10
CA ILE C 161 5.37 15.64 53.08
C ILE C 161 6.68 16.26 53.51
N ASP C 162 7.34 15.62 54.48
CA ASP C 162 8.63 16.09 54.93
C ASP C 162 9.62 16.09 53.79
N TRP C 163 9.64 15.01 53.01
CA TRP C 163 10.50 14.95 51.80
C TRP C 163 10.23 16.10 50.85
N LEU C 164 8.94 16.31 50.57
CA LEU C 164 8.48 17.32 49.66
C LEU C 164 8.90 18.71 50.13
N ALA C 165 8.86 18.90 51.44
CA ALA C 165 9.21 20.17 52.03
C ALA C 165 10.69 20.51 51.84
N GLU C 166 11.55 19.50 51.91
CA GLU C 166 12.96 19.73 51.66
C GLU C 166 13.14 20.33 50.28
N ARG C 167 12.48 19.74 49.28
CA ARG C 167 12.67 20.15 47.91
C ARG C 167 12.19 21.57 47.69
N LEU C 168 11.20 22.00 48.48
CA LEU C 168 10.64 23.33 48.30
C LEU C 168 11.37 24.42 49.06
N SER C 169 12.46 24.05 49.74
CA SER C 169 13.16 25.00 50.59
C SER C 169 14.59 25.32 50.13
N VAL D 36 -4.24 0.85 12.26
CA VAL D 36 -2.82 0.51 12.07
C VAL D 36 -2.14 0.10 13.40
N ARG D 37 -2.16 0.99 14.40
CA ARG D 37 -1.66 0.66 15.73
C ARG D 37 -2.81 0.20 16.64
N SER D 38 -2.49 -0.09 17.90
CA SER D 38 -3.52 -0.44 18.88
C SER D 38 -3.84 0.74 19.79
N VAL D 39 -5.12 1.11 19.92
CA VAL D 39 -5.48 2.29 20.72
C VAL D 39 -5.33 2.01 22.18
N TRP D 40 -5.36 0.72 22.52
CA TRP D 40 -5.52 0.25 23.88
C TRP D 40 -4.33 0.41 24.79
N LEU D 41 -4.64 0.52 26.08
CA LEU D 41 -3.72 0.33 27.18
C LEU D 41 -3.82 -1.11 27.65
N ASP D 42 -2.67 -1.73 27.90
CA ASP D 42 -2.61 -3.11 28.41
C ASP D 42 -2.74 -3.10 29.94
N ALA D 43 -3.87 -3.55 30.45
CA ALA D 43 -4.13 -3.42 31.88
C ALA D 43 -3.56 -4.56 32.68
N PHE D 44 -3.95 -5.77 32.29
CA PHE D 44 -3.66 -6.97 33.06
C PHE D 44 -3.87 -8.21 32.21
N ASN D 45 -3.03 -9.22 32.43
CA ASN D 45 -3.14 -10.48 31.73
C ASN D 45 -2.90 -11.71 32.62
N ASP D 46 -3.82 -12.66 32.61
CA ASP D 46 -3.65 -13.89 33.36
C ASP D 46 -3.71 -15.05 32.41
N PRO D 47 -2.54 -15.54 31.96
CA PRO D 47 -2.42 -16.64 31.00
C PRO D 47 -3.02 -17.91 31.55
N VAL D 48 -2.96 -18.02 32.87
CA VAL D 48 -3.32 -19.26 33.53
C VAL D 48 -4.67 -19.22 34.27
N ALA D 49 -5.53 -18.26 33.92
CA ALA D 49 -6.92 -18.34 34.36
C ALA D 49 -7.54 -19.59 33.73
N GLY D 50 -8.59 -20.12 34.34
CA GLY D 50 -9.09 -21.38 33.84
C GLY D 50 -10.38 -21.27 33.07
N ILE D 51 -10.51 -20.23 32.24
CA ILE D 51 -11.84 -19.85 31.80
C ILE D 51 -12.28 -20.44 30.44
N SER D 52 -13.37 -21.20 30.45
CA SER D 52 -13.87 -21.79 29.21
C SER D 52 -15.26 -21.28 28.93
N ALA D 53 -15.32 -20.13 28.24
CA ALA D 53 -16.58 -19.50 27.94
C ALA D 53 -16.54 -18.74 26.63
N TYR D 54 -17.72 -18.59 26.04
CA TYR D 54 -17.90 -17.74 24.88
C TYR D 54 -18.73 -16.53 25.28
N THR D 55 -18.80 -15.53 24.39
CA THR D 55 -19.43 -14.24 24.71
C THR D 55 -20.79 -14.22 25.46
N PRO D 56 -21.75 -15.10 25.08
CA PRO D 56 -23.02 -15.07 25.81
C PRO D 56 -22.93 -15.43 27.30
N CYS D 57 -21.81 -16.02 27.71
CA CYS D 57 -21.65 -16.45 29.08
C CYS D 57 -20.65 -15.57 29.82
N VAL D 58 -20.42 -14.37 29.29
CA VAL D 58 -19.52 -13.44 29.95
C VAL D 58 -20.26 -12.10 30.10
N HIS D 59 -19.94 -11.33 31.14
CA HIS D 59 -20.79 -10.24 31.60
C HIS D 59 -20.09 -9.35 32.61
N THR D 60 -20.47 -8.07 32.69
CA THR D 60 -20.12 -7.30 33.88
C THR D 60 -21.32 -6.63 34.53
N CYS D 61 -21.29 -6.57 35.85
CA CYS D 61 -22.40 -6.09 36.66
C CYS D 61 -21.87 -5.40 37.91
N ASN D 62 -22.76 -4.69 38.59
CA ASN D 62 -22.49 -4.15 39.92
C ASN D 62 -23.27 -4.93 41.00
N LEU D 63 -22.94 -6.21 41.18
CA LEU D 63 -23.67 -7.05 42.13
C LEU D 63 -23.60 -6.48 43.55
N PHE D 64 -22.37 -6.30 44.04
CA PHE D 64 -22.18 -5.92 45.43
C PHE D 64 -22.42 -4.42 45.63
N GLY D 65 -23.23 -3.83 44.75
CA GLY D 65 -23.56 -2.42 44.80
C GLY D 65 -22.47 -1.39 45.11
N ASP D 66 -21.23 -1.85 45.27
CA ASP D 66 -20.16 -0.99 45.76
C ASP D 66 -19.41 -0.23 44.66
N GLY D 67 -20.07 -0.04 43.52
CA GLY D 67 -19.53 0.77 42.44
C GLY D 67 -18.52 0.03 41.57
N GLU D 68 -17.56 -0.62 42.22
CA GLU D 68 -16.57 -1.45 41.56
C GLU D 68 -17.21 -2.69 40.92
N ASN D 69 -17.31 -2.71 39.59
CA ASN D 69 -17.99 -3.77 38.84
C ASN D 69 -17.21 -5.07 38.80
N ARG D 70 -17.92 -6.18 38.68
CA ARG D 70 -17.29 -7.51 38.71
C ARG D 70 -17.53 -8.31 37.43
N LEU D 71 -16.57 -9.17 37.08
CA LEU D 71 -16.71 -10.01 35.90
C LEU D 71 -17.45 -11.30 36.25
N VAL D 72 -18.50 -11.60 35.49
CA VAL D 72 -19.35 -12.75 35.77
C VAL D 72 -19.31 -13.76 34.62
N ILE D 73 -18.80 -14.96 34.89
CA ILE D 73 -18.66 -15.95 33.83
C ILE D 73 -19.38 -17.25 34.15
N ALA D 74 -20.18 -17.74 33.22
CA ALA D 74 -20.75 -19.08 33.32
C ALA D 74 -19.88 -20.05 32.52
N ASP D 75 -18.86 -20.60 33.19
CA ASP D 75 -17.84 -21.46 32.57
C ASP D 75 -18.47 -22.77 32.09
N GLU D 76 -17.76 -23.48 31.21
CA GLU D 76 -18.19 -24.83 30.81
C GLU D 76 -17.97 -25.84 31.95
N ASP D 77 -17.22 -25.42 32.97
CA ASP D 77 -17.08 -26.15 34.23
C ASP D 77 -18.40 -26.56 34.85
N ARG D 78 -19.50 -26.04 34.33
CA ARG D 78 -20.77 -26.01 35.04
C ARG D 78 -20.55 -25.32 36.41
N LYS D 79 -19.50 -24.49 36.47
CA LYS D 79 -19.23 -23.62 37.59
C LYS D 79 -19.32 -22.16 37.15
N LEU D 80 -19.97 -21.34 37.96
CA LEU D 80 -20.14 -19.91 37.73
C LEU D 80 -19.06 -19.07 38.44
N LYS D 81 -18.09 -18.53 37.68
CA LYS D 81 -16.94 -17.85 38.27
C LYS D 81 -17.13 -16.35 38.37
N ILE D 82 -16.67 -15.79 39.50
CA ILE D 82 -16.79 -14.36 39.74
C ILE D 82 -15.41 -13.73 39.95
N TRP D 83 -15.10 -12.71 39.14
CA TRP D 83 -13.82 -12.00 39.21
C TRP D 83 -13.97 -10.57 39.73
N LYS D 84 -13.04 -10.16 40.59
CA LYS D 84 -12.98 -8.77 41.04
C LYS D 84 -11.55 -8.32 40.93
N GLY D 85 -11.33 -7.23 40.19
CA GLY D 85 -9.98 -6.72 40.00
C GLY D 85 -9.17 -7.76 39.28
N THR D 86 -7.91 -7.95 39.65
CA THR D 86 -7.09 -8.89 38.89
C THR D 86 -7.24 -10.33 39.39
N GLN D 87 -8.05 -10.56 40.42
CA GLN D 87 -8.12 -11.89 41.02
C GLN D 87 -9.54 -12.50 41.03
N LYS D 88 -9.62 -13.83 40.95
CA LYS D 88 -10.92 -14.50 41.00
C LYS D 88 -11.49 -14.40 42.42
N ALA D 89 -12.70 -13.88 42.54
CA ALA D 89 -13.25 -13.63 43.87
C ALA D 89 -13.93 -14.87 44.45
N SER D 90 -14.77 -15.49 43.64
CA SER D 90 -15.63 -16.54 44.11
C SER D 90 -15.90 -17.55 43.01
N GLU D 91 -16.39 -18.72 43.39
CA GLU D 91 -16.82 -19.73 42.44
C GLU D 91 -18.03 -20.42 43.00
N HIS D 92 -18.99 -20.71 42.15
CA HIS D 92 -20.23 -21.31 42.61
C HIS D 92 -20.68 -22.38 41.63
N PRO D 93 -21.26 -23.47 42.15
CA PRO D 93 -21.68 -24.58 41.28
C PRO D 93 -22.97 -24.27 40.52
N LEU D 94 -23.08 -24.78 39.30
CA LEU D 94 -24.30 -24.63 38.50
C LEU D 94 -24.77 -26.03 38.17
N LEU D 95 -26.08 -26.23 38.12
CA LEU D 95 -26.63 -27.57 37.96
C LEU D 95 -26.34 -28.10 36.57
N ASP D 96 -26.73 -27.34 35.56
CA ASP D 96 -26.54 -27.76 34.17
C ASP D 96 -25.39 -26.93 33.58
N THR D 97 -24.90 -27.33 32.42
CA THR D 97 -23.93 -26.50 31.70
C THR D 97 -24.65 -25.36 30.96
N PRO D 98 -24.11 -24.13 31.10
CA PRO D 98 -24.78 -22.88 30.71
C PRO D 98 -24.70 -22.54 29.21
N VAL D 99 -25.70 -21.78 28.74
CA VAL D 99 -25.78 -21.36 27.34
C VAL D 99 -25.62 -19.84 27.24
N ALA D 100 -26.09 -19.14 28.28
CA ALA D 100 -26.09 -17.67 28.34
C ALA D 100 -26.36 -17.16 29.76
N ILE D 101 -25.77 -16.03 30.12
CA ILE D 101 -26.16 -15.32 31.34
C ILE D 101 -26.38 -13.82 31.12
N CYS D 102 -27.52 -13.36 31.63
CA CYS D 102 -27.87 -11.95 31.56
C CYS D 102 -27.98 -11.37 32.97
N SER D 103 -28.25 -10.08 33.08
CA SER D 103 -28.42 -9.47 34.39
C SER D 103 -29.33 -8.23 34.27
N TYR D 104 -30.45 -8.25 35.00
CA TYR D 104 -31.51 -7.25 34.86
C TYR D 104 -32.04 -6.75 36.22
N ILE D 105 -32.93 -5.75 36.16
CA ILE D 105 -33.61 -5.23 37.35
C ILE D 105 -35.15 -5.31 37.25
N LEU D 113 -30.37 -4.99 44.33
CA LEU D 113 -30.83 -4.49 43.02
C LEU D 113 -30.68 -5.48 41.83
N PRO D 114 -29.48 -6.10 41.64
CA PRO D 114 -29.27 -6.88 40.40
C PRO D 114 -29.71 -8.33 40.49
N ALA D 115 -29.90 -8.99 39.35
CA ALA D 115 -30.31 -10.38 39.32
C ALA D 115 -29.55 -11.19 38.26
N LEU D 116 -28.55 -11.96 38.65
CA LEU D 116 -27.85 -12.83 37.68
C LEU D 116 -28.77 -13.95 37.21
N ALA D 117 -29.02 -14.03 35.90
CA ALA D 117 -29.88 -15.07 35.32
C ALA D 117 -29.09 -16.02 34.42
N VAL D 118 -29.03 -17.28 34.81
CA VAL D 118 -28.33 -18.31 34.04
C VAL D 118 -29.29 -19.25 33.30
N ALA D 119 -29.23 -19.29 31.97
CA ALA D 119 -30.04 -20.25 31.21
C ALA D 119 -29.27 -21.55 30.91
N ALA D 120 -30.02 -22.66 30.86
CA ALA D 120 -29.46 -23.96 30.47
C ALA D 120 -30.59 -24.94 30.13
N GLY D 121 -30.52 -25.54 28.95
CA GLY D 121 -31.54 -26.49 28.51
C GLY D 121 -32.90 -25.85 28.31
N SER D 122 -33.78 -26.00 29.30
CA SER D 122 -35.12 -25.43 29.25
C SER D 122 -35.36 -24.63 30.51
N HIS D 123 -34.39 -24.69 31.41
CA HIS D 123 -34.46 -23.95 32.67
C HIS D 123 -33.84 -22.56 32.56
N ILE D 124 -34.25 -21.68 33.47
CA ILE D 124 -33.55 -20.42 33.71
C ILE D 124 -33.47 -20.19 35.22
N TYR D 125 -32.30 -20.37 35.80
CA TYR D 125 -32.14 -20.20 37.24
C TYR D 125 -31.82 -18.76 37.59
N ILE D 126 -32.80 -18.02 38.11
CA ILE D 126 -32.47 -16.72 38.66
C ILE D 126 -31.77 -16.92 39.99
N TYR D 127 -30.67 -16.22 40.20
CA TYR D 127 -29.97 -16.24 41.48
C TYR D 127 -30.13 -14.87 42.12
N ARG D 128 -29.95 -14.79 43.43
CA ARG D 128 -29.87 -13.48 44.06
C ARG D 128 -28.85 -13.50 45.19
N ASN D 129 -28.12 -12.40 45.32
CA ASN D 129 -26.98 -12.31 46.23
C ASN D 129 -26.09 -13.54 46.15
N LEU D 130 -25.55 -13.81 44.95
CA LEU D 130 -24.68 -14.96 44.71
C LEU D 130 -25.38 -16.33 44.88
N ARG D 131 -26.27 -16.42 45.87
CA ARG D 131 -27.03 -17.65 46.13
C ARG D 131 -28.18 -17.89 45.13
N PRO D 132 -28.51 -19.17 44.88
CA PRO D 132 -29.65 -19.54 44.02
C PRO D 132 -30.98 -19.01 44.57
N TYR D 133 -31.90 -18.67 43.67
CA TYR D 133 -33.15 -17.99 44.04
C TYR D 133 -34.42 -18.60 43.42
N TYR D 134 -34.30 -19.11 42.21
CA TYR D 134 -35.45 -19.71 41.52
C TYR D 134 -35.03 -20.59 40.34
N LYS D 135 -35.90 -21.50 39.91
CA LYS D 135 -35.60 -22.38 38.80
C LYS D 135 -36.78 -22.42 37.83
N PHE D 136 -36.97 -21.31 37.12
CA PHE D 136 -38.03 -21.20 36.11
C PHE D 136 -37.84 -22.18 34.95
N VAL D 137 -38.94 -22.76 34.48
CA VAL D 137 -38.87 -23.61 33.29
C VAL D 137 -39.94 -23.21 32.29
N LEU D 138 -39.54 -23.00 31.04
CA LEU D 138 -40.48 -22.70 29.98
C LEU D 138 -41.28 -23.97 29.71
N PRO D 139 -42.60 -23.83 29.49
CA PRO D 139 -43.45 -24.97 29.08
C PRO D 139 -43.08 -25.42 27.66
N PRO D 140 -42.56 -26.64 27.50
CA PRO D 140 -42.14 -27.04 26.14
C PRO D 140 -43.28 -27.46 25.22
N GLU D 141 -43.27 -26.93 24.00
CA GLU D 141 -44.30 -27.21 22.99
C GLU D 141 -45.71 -27.06 23.52
N THR D 214 -38.38 -28.24 25.28
CA THR D 214 -37.88 -27.08 24.55
C THR D 214 -36.46 -26.73 24.99
N VAL D 215 -35.70 -26.09 24.10
CA VAL D 215 -34.32 -25.74 24.40
C VAL D 215 -34.00 -24.26 24.16
N ILE D 216 -33.34 -23.64 25.12
CA ILE D 216 -33.07 -22.22 25.01
C ILE D 216 -31.81 -22.04 24.18
N THR D 217 -31.88 -21.15 23.18
CA THR D 217 -30.76 -20.90 22.28
C THR D 217 -30.00 -19.62 22.61
N CYS D 218 -30.72 -18.52 22.68
CA CYS D 218 -30.12 -17.23 23.01
C CYS D 218 -30.97 -16.46 24.03
N MET D 219 -30.34 -15.63 24.88
CA MET D 219 -31.10 -14.75 25.75
C MET D 219 -30.44 -13.38 26.00
N ASP D 220 -31.27 -12.34 26.06
CA ASP D 220 -30.88 -10.94 26.21
C ASP D 220 -31.96 -10.11 26.95
N VAL D 221 -31.72 -8.83 27.22
CA VAL D 221 -32.70 -8.00 27.94
C VAL D 221 -33.28 -6.80 27.14
N VAL D 222 -34.44 -6.28 27.57
CA VAL D 222 -35.03 -5.06 27.01
C VAL D 222 -35.30 -4.01 28.09
N LYS D 223 -35.01 -2.76 27.79
CA LYS D 223 -35.28 -1.65 28.70
C LYS D 223 -36.79 -1.48 28.92
N GLN D 224 -37.21 -1.39 30.18
CA GLN D 224 -38.63 -1.25 30.50
C GLN D 224 -39.14 0.15 30.07
N ALA D 225 -38.41 1.20 30.46
CA ALA D 225 -38.69 2.56 30.01
C ALA D 225 -37.44 3.44 30.20
N ILE D 226 -37.09 4.24 29.20
CA ILE D 226 -35.94 5.15 29.29
C ILE D 226 -34.65 4.42 29.66
N VAL D 232 -34.11 -0.55 35.11
CA VAL D 232 -35.02 -1.70 35.14
C VAL D 232 -35.30 -2.24 33.75
N SER D 233 -34.94 -3.51 33.56
CA SER D 233 -35.01 -4.19 32.28
C SER D 233 -35.80 -5.51 32.41
N CYS D 234 -36.11 -6.16 31.27
CA CYS D 234 -36.95 -7.35 31.25
C CYS D 234 -36.35 -8.45 30.33
N LEU D 235 -36.27 -9.67 30.83
CA LEU D 235 -35.56 -10.76 30.14
C LEU D 235 -36.22 -11.22 28.82
N VAL D 236 -35.42 -11.31 27.76
CA VAL D 236 -35.84 -11.81 26.44
C VAL D 236 -35.15 -13.13 26.06
N VAL D 237 -35.94 -14.11 25.61
CA VAL D 237 -35.42 -15.47 25.38
C VAL D 237 -35.72 -16.06 24.01
N GLY D 238 -34.68 -16.61 23.38
CA GLY D 238 -34.84 -17.39 22.17
C GLY D 238 -34.86 -18.88 22.49
N THR D 239 -35.79 -19.60 21.88
CA THR D 239 -35.94 -21.05 22.09
C THR D 239 -35.72 -21.77 20.77
N GLU D 240 -35.07 -22.93 20.81
CA GLU D 240 -34.80 -23.69 19.58
C GLU D 240 -36.09 -23.96 18.81
N SER D 241 -37.22 -23.98 19.52
CA SER D 241 -38.56 -24.18 18.94
C SER D 241 -38.83 -23.22 17.77
N GLY D 242 -38.39 -21.98 17.94
CA GLY D 242 -38.60 -20.95 16.93
C GLY D 242 -39.39 -19.81 17.53
N ARG D 243 -39.49 -19.79 18.85
CA ARG D 243 -40.28 -18.77 19.52
C ARG D 243 -39.34 -17.80 20.25
N ILE D 244 -39.76 -16.54 20.35
CA ILE D 244 -39.06 -15.54 21.15
C ILE D 244 -39.93 -15.05 22.31
N LEU D 245 -39.44 -15.25 23.54
CA LEU D 245 -40.23 -14.93 24.72
C LEU D 245 -39.68 -13.70 25.45
N ILE D 246 -40.58 -12.80 25.84
CA ILE D 246 -40.23 -11.67 26.70
C ILE D 246 -40.93 -11.88 28.04
N LEU D 247 -40.21 -11.76 29.14
CA LEU D 247 -40.79 -12.19 30.41
C LEU D 247 -41.02 -11.09 31.46
N ASN D 248 -41.71 -11.48 32.52
CA ASN D 248 -41.91 -10.64 33.70
C ASN D 248 -40.58 -10.26 34.34
N PRO D 249 -40.55 -9.15 35.09
CA PRO D 249 -39.36 -8.71 35.85
C PRO D 249 -38.83 -9.77 36.83
N ALA D 250 -39.52 -10.90 36.93
CA ALA D 250 -38.99 -12.09 37.59
C ALA D 250 -38.85 -13.23 36.57
N ALA D 253 -42.20 -15.28 34.96
CA ALA D 253 -43.21 -15.91 34.11
C ALA D 253 -43.17 -15.42 32.64
N ILE D 254 -43.43 -16.33 31.70
CA ILE D 254 -43.42 -16.01 30.27
C ILE D 254 -44.55 -15.06 29.85
N VAL D 255 -44.21 -13.79 29.66
CA VAL D 255 -45.19 -12.74 29.34
C VAL D 255 -45.62 -12.63 27.86
N LYS D 256 -44.65 -12.63 26.95
CA LYS D 256 -44.94 -12.58 25.50
C LYS D 256 -44.36 -13.79 24.75
N ASN D 257 -45.12 -14.37 23.83
CA ASN D 257 -44.62 -15.48 23.00
C ASN D 257 -44.82 -15.17 21.51
N ILE D 258 -43.71 -14.89 20.84
CA ILE D 258 -43.71 -14.50 19.43
C ILE D 258 -43.12 -15.58 18.51
N TRP D 259 -43.89 -15.98 17.50
CA TRP D 259 -43.44 -17.04 16.59
C TRP D 259 -42.66 -16.52 15.38
N VAL D 260 -41.45 -17.04 15.22
CA VAL D 260 -40.65 -16.82 14.02
C VAL D 260 -40.39 -18.19 13.42
N GLY D 261 -40.38 -18.26 12.09
CA GLY D 261 -40.17 -19.52 11.40
C GLY D 261 -38.95 -20.30 11.90
N ILE D 262 -37.78 -19.69 11.84
CA ILE D 262 -36.55 -20.46 11.98
C ILE D 262 -35.99 -20.53 13.41
N THR D 263 -35.07 -21.47 13.60
CA THR D 263 -34.29 -21.61 14.83
C THR D 263 -33.35 -20.40 14.90
N PRO D 264 -33.50 -19.59 15.96
CA PRO D 264 -32.66 -18.40 16.14
C PRO D 264 -31.21 -18.75 16.38
N ALA D 265 -30.30 -18.10 15.67
CA ALA D 265 -28.87 -18.35 15.88
C ALA D 265 -28.25 -17.34 16.85
N MET D 266 -28.70 -16.08 16.74
CA MET D 266 -28.38 -15.03 17.73
C MET D 266 -29.37 -13.88 17.59
N ILE D 267 -29.58 -13.14 18.68
CA ILE D 267 -30.56 -12.06 18.69
C ILE D 267 -30.03 -10.80 19.36
N ALA D 268 -30.54 -9.66 18.93
CA ALA D 268 -30.15 -8.41 19.56
C ALA D 268 -31.34 -7.49 19.78
N VAL D 269 -31.35 -6.77 20.91
CA VAL D 269 -32.47 -5.93 21.29
C VAL D 269 -32.07 -4.47 21.29
N GLN D 270 -32.86 -3.63 20.61
CA GLN D 270 -32.66 -2.19 20.63
C GLN D 270 -33.96 -1.49 21.02
N GLY D 271 -33.86 -0.51 21.91
CA GLY D 271 -35.03 0.25 22.29
C GLY D 271 -35.53 -0.04 23.70
N GLU D 272 -36.74 0.42 23.98
CA GLU D 272 -37.40 0.18 25.26
C GLU D 272 -38.79 -0.35 24.94
N LEU D 273 -39.26 -1.34 25.71
CA LEU D 273 -40.56 -1.96 25.42
C LEU D 273 -41.77 -1.05 25.70
N ASP D 274 -41.54 0.07 26.39
CA ASP D 274 -42.60 1.05 26.63
C ASP D 274 -42.80 1.96 25.42
N VAL D 275 -41.81 2.80 25.12
CA VAL D 275 -41.90 3.68 23.94
C VAL D 275 -41.98 2.82 22.67
N GLY D 276 -40.91 2.10 22.38
CA GLY D 276 -40.83 1.23 21.21
C GLY D 276 -39.50 0.50 21.10
N TYR D 277 -39.55 -0.72 20.59
CA TYR D 277 -38.39 -1.61 20.60
C TYR D 277 -38.29 -2.46 19.33
N ARG D 278 -37.05 -2.82 18.96
CA ARG D 278 -36.80 -3.73 17.84
C ARG D 278 -35.98 -4.95 18.26
N ILE D 279 -36.42 -6.12 17.82
CA ILE D 279 -35.68 -7.36 18.04
C ILE D 279 -35.21 -7.97 16.72
N THR D 280 -33.89 -8.03 16.55
CA THR D 280 -33.30 -8.56 15.32
C THR D 280 -32.90 -10.01 15.52
N VAL D 281 -33.27 -10.86 14.57
CA VAL D 281 -32.99 -12.29 14.68
C VAL D 281 -32.21 -12.85 13.48
N ALA D 282 -31.02 -13.35 13.73
CA ALA D 282 -30.26 -14.00 12.69
C ALA D 282 -30.63 -15.46 12.80
N GLY D 283 -31.19 -16.01 11.72
CA GLY D 283 -31.60 -17.41 11.71
C GLY D 283 -30.52 -18.36 11.22
N ARG D 284 -30.60 -19.62 11.64
CA ARG D 284 -29.71 -20.67 11.12
C ARG D 284 -29.93 -20.89 9.61
N ASP D 285 -31.05 -20.42 9.12
CA ASP D 285 -31.36 -20.44 7.70
C ASP D 285 -30.68 -19.30 6.93
N GLY D 286 -29.70 -18.64 7.57
CA GLY D 286 -28.96 -17.56 6.94
C GLY D 286 -29.79 -16.32 6.63
N LYS D 287 -30.90 -16.17 7.33
CA LYS D 287 -31.83 -15.09 7.07
C LYS D 287 -31.79 -14.09 8.21
N LEU D 288 -32.24 -12.86 7.93
CA LEU D 288 -32.30 -11.81 8.92
C LEU D 288 -33.73 -11.40 9.22
N TYR D 289 -34.12 -11.54 10.47
CA TYR D 289 -35.50 -11.26 10.85
C TYR D 289 -35.59 -10.03 11.74
N HIS D 290 -36.68 -9.28 11.62
CA HIS D 290 -36.89 -8.10 12.45
C HIS D 290 -38.23 -8.18 13.16
N ILE D 291 -38.24 -7.78 14.42
CA ILE D 291 -39.50 -7.67 15.14
C ILE D 291 -39.62 -6.28 15.76
N ARG D 292 -40.50 -5.44 15.20
CA ARG D 292 -40.74 -4.11 15.76
C ARG D 292 -42.02 -4.14 16.57
N ASN D 293 -41.92 -3.84 17.85
CA ASN D 293 -43.06 -3.80 18.76
C ASN D 293 -44.02 -4.98 18.67
N GLY D 294 -43.51 -6.17 18.99
CA GLY D 294 -44.33 -7.37 19.07
C GLY D 294 -44.68 -8.10 17.79
N GLU D 295 -44.66 -7.40 16.66
CA GLU D 295 -45.03 -8.03 15.40
C GLU D 295 -43.79 -8.53 14.65
N LEU D 296 -43.87 -9.72 14.08
CA LEU D 296 -42.80 -10.19 13.21
C LEU D 296 -43.00 -9.58 11.82
N SER D 297 -42.04 -8.79 11.37
CA SER D 297 -42.12 -8.13 10.06
C SER D 297 -42.05 -9.19 8.96
N GLN D 298 -42.51 -8.82 7.76
CA GLN D 298 -42.45 -9.73 6.61
C GLN D 298 -41.14 -9.53 5.86
N THR D 299 -40.44 -8.45 6.20
CA THR D 299 -39.13 -8.12 5.64
C THR D 299 -38.04 -9.11 6.10
N ILE D 300 -37.71 -10.04 5.21
CA ILE D 300 -36.72 -11.06 5.49
C ILE D 300 -35.57 -10.97 4.50
N ILE D 301 -34.36 -10.88 5.03
CA ILE D 301 -33.16 -10.76 4.20
C ILE D 301 -32.43 -12.10 4.07
N GLN D 302 -32.08 -12.48 2.85
CA GLN D 302 -31.39 -13.75 2.67
C GLN D 302 -29.92 -13.51 2.49
N LEU D 303 -29.14 -13.89 3.49
CA LEU D 303 -27.70 -13.72 3.44
C LEU D 303 -27.00 -14.95 2.87
N GLU D 304 -25.78 -14.76 2.37
CA GLU D 304 -25.02 -15.82 1.71
C GLU D 304 -24.63 -16.96 2.69
N ALA D 305 -23.64 -16.69 3.54
CA ALA D 305 -23.15 -17.70 4.50
C ALA D 305 -24.06 -17.80 5.72
N GLN D 306 -23.56 -18.46 6.77
CA GLN D 306 -24.32 -18.63 8.01
C GLN D 306 -23.98 -17.54 9.04
N PRO D 307 -24.90 -17.28 10.00
CA PRO D 307 -24.66 -16.29 11.05
C PRO D 307 -23.51 -16.68 11.96
N VAL D 308 -22.79 -15.69 12.51
CA VAL D 308 -21.59 -15.92 13.30
C VAL D 308 -21.56 -14.95 14.46
N GLY D 309 -22.16 -13.79 14.27
CA GLY D 309 -22.29 -12.82 15.34
C GLY D 309 -23.25 -11.72 14.92
N LEU D 310 -23.87 -11.07 15.89
CA LEU D 310 -24.88 -10.08 15.58
C LEU D 310 -24.88 -8.94 16.58
N VAL D 311 -24.38 -7.79 16.16
CA VAL D 311 -24.17 -6.69 17.10
C VAL D 311 -24.99 -5.48 16.72
N ARG D 312 -25.75 -4.95 17.68
CA ARG D 312 -26.54 -3.75 17.42
C ARG D 312 -25.67 -2.51 17.55
N LEU D 313 -25.67 -1.71 16.48
CA LEU D 313 -24.92 -0.46 16.46
C LEU D 313 -25.83 0.77 16.49
N ALA D 314 -25.26 1.89 16.06
CA ALA D 314 -25.98 3.14 16.10
C ALA D 314 -27.23 3.10 15.22
N LYS D 315 -27.03 3.14 13.90
CA LYS D 315 -28.14 3.21 12.95
C LYS D 315 -28.57 1.84 12.41
N HIS D 316 -27.89 0.78 12.85
CA HIS D 316 -28.13 -0.55 12.28
C HIS D 316 -27.52 -1.68 13.10
N VAL D 317 -27.72 -2.91 12.61
CA VAL D 317 -27.13 -4.11 13.19
C VAL D 317 -26.05 -4.68 12.27
N ALA D 318 -25.01 -5.23 12.87
CA ALA D 318 -23.93 -5.86 12.13
C ALA D 318 -24.02 -7.40 12.21
N VAL D 319 -24.21 -8.04 11.06
CA VAL D 319 -24.16 -9.50 10.96
C VAL D 319 -22.85 -9.93 10.39
N GLY D 320 -22.26 -10.96 10.97
CA GLY D 320 -21.06 -11.56 10.42
C GLY D 320 -21.30 -12.97 9.93
N CYS D 321 -20.79 -13.27 8.74
CA CYS D 321 -21.09 -14.54 8.14
C CYS D 321 -19.84 -15.41 8.11
N MET D 322 -20.02 -16.68 7.83
CA MET D 322 -18.92 -17.64 7.86
C MET D 322 -17.92 -17.35 6.75
N ASN D 323 -18.37 -16.64 5.72
CA ASN D 323 -17.46 -16.26 4.66
C ASN D 323 -16.66 -14.99 4.93
N ASP D 324 -16.33 -14.76 6.20
CA ASP D 324 -15.45 -13.66 6.64
C ASP D 324 -15.92 -12.23 6.34
N VAL D 325 -17.22 -12.01 6.34
CA VAL D 325 -17.67 -10.67 5.99
C VAL D 325 -18.74 -10.21 6.97
N VAL D 326 -18.65 -8.94 7.35
CA VAL D 326 -19.64 -8.28 8.19
C VAL D 326 -20.46 -7.38 7.32
N HIS D 327 -21.77 -7.41 7.54
CA HIS D 327 -22.68 -6.55 6.82
C HIS D 327 -23.41 -5.70 7.85
N ALA D 328 -23.67 -4.45 7.50
CA ALA D 328 -24.42 -3.56 8.38
C ALA D 328 -25.83 -3.38 7.82
N TYR D 329 -26.86 -3.71 8.60
CA TYR D 329 -28.24 -3.61 8.11
C TYR D 329 -29.20 -2.75 8.94
N THR D 330 -29.77 -1.74 8.30
CA THR D 330 -30.84 -0.95 8.89
C THR D 330 -32.09 -1.84 8.95
N PRO D 331 -32.99 -1.57 9.92
CA PRO D 331 -34.23 -2.33 10.02
C PRO D 331 -35.00 -2.39 8.71
N THR D 332 -34.90 -1.35 7.89
CA THR D 332 -35.53 -1.31 6.58
C THR D 332 -34.98 -2.40 5.66
N GLY D 333 -33.72 -2.77 5.87
CA GLY D 333 -33.08 -3.73 5.02
C GLY D 333 -32.03 -3.10 4.12
N HIS D 334 -31.84 -1.78 4.25
CA HIS D 334 -30.79 -1.15 3.47
C HIS D 334 -29.45 -1.64 4.01
N LYS D 335 -28.47 -1.82 3.13
CA LYS D 335 -27.18 -2.31 3.55
C LYS D 335 -26.22 -1.13 3.61
N SER D 336 -26.01 -0.60 4.81
CA SER D 336 -25.16 0.57 5.01
C SER D 336 -23.74 0.35 4.47
N TRP D 337 -23.03 -0.61 5.05
CA TRP D 337 -21.69 -0.92 4.54
C TRP D 337 -21.36 -2.40 4.62
N SER D 338 -20.14 -2.73 4.24
CA SER D 338 -19.67 -4.09 4.27
C SER D 338 -18.17 -4.11 4.58
N LEU D 339 -17.81 -5.01 5.46
CA LEU D 339 -16.45 -5.14 5.93
C LEU D 339 -15.92 -6.46 5.48
N TYR D 340 -14.77 -6.42 4.80
CA TYR D 340 -14.20 -7.66 4.29
C TYR D 340 -12.96 -8.08 5.06
N LEU D 341 -13.01 -9.26 5.67
CA LEU D 341 -12.01 -9.65 6.65
C LEU D 341 -11.05 -10.77 6.22
N PRO D 342 -9.75 -10.62 6.50
CA PRO D 342 -8.71 -11.54 6.06
C PRO D 342 -8.86 -13.00 6.59
N CYS D 343 -9.19 -13.15 7.86
CA CYS D 343 -9.35 -14.49 8.40
C CYS D 343 -10.76 -14.66 8.91
N HIS D 344 -10.98 -15.63 9.79
CA HIS D 344 -12.33 -15.99 10.21
C HIS D 344 -12.81 -15.27 11.46
N ILE D 345 -14.05 -14.82 11.44
CA ILE D 345 -14.61 -14.13 12.60
C ILE D 345 -14.86 -15.11 13.74
N LEU D 346 -14.32 -14.82 14.92
CA LEU D 346 -14.56 -15.68 16.08
C LEU D 346 -15.54 -15.06 17.07
N ALA D 347 -15.55 -13.73 17.13
CA ALA D 347 -16.38 -13.04 18.11
C ALA D 347 -16.60 -11.60 17.67
N MET D 348 -17.81 -11.10 17.90
CA MET D 348 -18.13 -9.71 17.64
C MET D 348 -18.75 -9.07 18.90
N GLN D 349 -18.67 -7.76 19.00
CA GLN D 349 -19.14 -7.13 20.22
C GLN D 349 -19.24 -5.64 20.03
N ARG D 350 -20.25 -4.99 20.61
CA ARG D 350 -20.34 -3.51 20.59
C ARG D 350 -19.41 -2.85 21.58
N MET D 351 -18.85 -1.73 21.17
CA MET D 351 -17.97 -0.96 22.01
C MET D 351 -18.56 0.43 22.14
N GLU D 352 -19.33 0.69 23.20
CA GLU D 352 -20.00 1.97 23.34
C GLU D 352 -19.22 2.97 24.22
N VAL D 353 -18.62 3.98 23.57
CA VAL D 353 -17.89 4.98 24.32
C VAL D 353 -18.81 6.16 24.50
N THR D 354 -19.14 6.48 25.74
CA THR D 354 -20.00 7.63 25.97
C THR D 354 -19.19 8.92 26.09
N GLY D 355 -19.88 10.04 26.23
CA GLY D 355 -19.20 11.28 26.50
C GLY D 355 -18.98 12.08 25.25
N GLN D 356 -17.88 12.82 25.23
CA GLN D 356 -17.62 13.68 24.10
C GLN D 356 -17.42 12.84 22.82
N ARG D 357 -16.77 11.70 22.96
CA ARG D 357 -16.41 10.87 21.83
C ARG D 357 -17.60 10.14 21.23
N ASN D 358 -18.56 9.84 22.09
CA ASN D 358 -19.87 9.33 21.72
C ASN D 358 -19.97 8.48 20.46
N THR D 359 -19.25 7.36 20.41
CA THR D 359 -19.37 6.42 19.29
C THR D 359 -19.81 5.02 19.74
N LYS D 360 -20.48 4.29 18.85
CA LYS D 360 -20.81 2.90 19.14
C LYS D 360 -20.05 2.00 18.18
N ALA D 361 -18.80 1.66 18.54
CA ALA D 361 -17.90 0.93 17.65
C ALA D 361 -18.22 -0.56 17.56
N LEU D 362 -17.44 -1.26 16.75
CA LEU D 362 -17.64 -2.67 16.60
C LEU D 362 -16.30 -3.34 16.78
N ILE D 363 -16.28 -4.40 17.59
CA ILE D 363 -15.08 -5.16 17.80
C ILE D 363 -15.25 -6.50 17.12
N VAL D 364 -14.31 -6.87 16.25
CA VAL D 364 -14.30 -8.20 15.68
C VAL D 364 -12.98 -8.84 16.02
N ALA D 365 -13.04 -10.09 16.49
CA ALA D 365 -11.83 -10.86 16.75
C ALA D 365 -11.76 -12.02 15.76
N LEU D 366 -10.57 -12.19 15.19
CA LEU D 366 -10.35 -13.21 14.15
C LEU D 366 -9.48 -14.39 14.61
N SER D 367 -9.72 -15.55 13.99
CA SER D 367 -9.02 -16.79 14.33
C SER D 367 -7.53 -16.71 14.03
N ASN D 368 -7.09 -15.64 13.38
CA ASN D 368 -5.67 -15.44 13.14
C ASN D 368 -5.08 -14.72 14.33
N GLY D 369 -5.92 -14.52 15.34
CA GLY D 369 -5.48 -13.94 16.60
C GLY D 369 -5.75 -12.45 16.78
N GLU D 370 -6.02 -11.75 15.69
CA GLU D 370 -6.20 -10.30 15.80
C GLU D 370 -7.59 -9.84 16.22
N VAL D 371 -7.57 -8.72 16.92
CA VAL D 371 -8.76 -8.03 17.41
C VAL D 371 -8.84 -6.60 16.86
N ARG D 372 -9.95 -6.30 16.18
CA ARG D 372 -10.14 -5.02 15.46
C ARG D 372 -11.32 -4.16 15.94
N VAL D 373 -11.09 -2.85 15.94
CA VAL D 373 -12.15 -1.91 16.23
C VAL D 373 -12.44 -1.09 14.99
N TYR D 374 -13.68 -1.19 14.51
CA TYR D 374 -14.16 -0.40 13.39
C TYR D 374 -15.09 0.69 13.91
N ASN D 375 -14.80 1.93 13.57
CA ASN D 375 -15.79 2.99 13.77
C ASN D 375 -16.61 3.09 12.49
N GLU D 376 -17.79 2.50 12.51
CA GLU D 376 -18.55 2.23 11.29
C GLU D 376 -17.71 1.43 10.28
N LYS D 377 -17.32 2.05 9.17
CA LYS D 377 -16.57 1.32 8.16
C LYS D 377 -15.06 1.45 8.38
N LEU D 378 -14.66 2.33 9.28
CA LEU D 378 -13.25 2.66 9.43
C LEU D 378 -12.54 1.88 10.55
N LEU D 379 -11.54 1.08 10.18
CA LEU D 379 -10.70 0.37 11.14
C LEU D 379 -9.89 1.36 11.95
N VAL D 380 -10.00 1.25 13.28
CA VAL D 380 -9.51 2.27 14.20
C VAL D 380 -8.38 1.75 15.10
N SER D 381 -8.38 0.44 15.36
CA SER D 381 -7.32 -0.17 16.14
C SER D 381 -7.16 -1.66 15.85
N VAL D 382 -5.91 -2.12 15.89
CA VAL D 382 -5.62 -3.54 15.81
C VAL D 382 -4.56 -3.92 16.83
N HIS D 383 -4.84 -5.03 17.50
CA HIS D 383 -3.88 -5.69 18.36
C HIS D 383 -4.16 -7.19 18.19
N VAL D 384 -3.19 -8.02 18.60
CA VAL D 384 -3.28 -9.45 18.35
C VAL D 384 -3.10 -10.25 19.61
N SER D 385 -4.07 -11.07 19.99
CA SER D 385 -3.88 -11.92 21.16
C SER D 385 -3.19 -13.23 20.78
N PRO D 386 -2.17 -13.63 21.58
CA PRO D 386 -1.41 -14.89 21.47
C PRO D 386 -2.35 -16.04 21.26
N ASN D 387 -3.57 -15.90 21.74
CA ASN D 387 -4.58 -16.90 21.51
C ASN D 387 -5.87 -16.32 20.98
N PRO D 388 -6.59 -17.12 20.18
CA PRO D 388 -7.86 -16.73 19.58
C PRO D 388 -8.96 -16.42 20.62
N VAL D 389 -9.59 -15.25 20.50
CA VAL D 389 -10.62 -14.83 21.44
C VAL D 389 -11.95 -15.55 21.28
N THR D 390 -12.39 -16.26 22.30
CA THR D 390 -13.74 -16.83 22.24
C THR D 390 -14.83 -15.92 22.81
N ALA D 391 -14.44 -14.99 23.68
CA ALA D 391 -15.39 -14.09 24.31
C ALA D 391 -14.85 -12.67 24.47
N LEU D 392 -15.68 -11.69 24.12
CA LEU D 392 -15.33 -10.27 24.18
C LEU D 392 -16.36 -9.53 24.99
N TRP D 393 -15.90 -8.74 25.94
CA TRP D 393 -16.82 -7.88 26.65
C TRP D 393 -16.24 -6.48 26.77
N PHE D 394 -17.02 -5.47 26.37
CA PHE D 394 -16.64 -4.07 26.57
C PHE D 394 -17.66 -3.34 27.44
N GLY D 395 -17.19 -2.80 28.55
CA GLY D 395 -18.07 -2.12 29.46
C GLY D 395 -17.30 -1.75 30.70
N ARG D 396 -18.03 -1.55 31.79
CA ARG D 396 -17.40 -1.15 33.02
C ARG D 396 -16.93 -2.39 33.74
N TYR D 397 -15.70 -2.33 34.22
CA TYR D 397 -15.15 -3.38 35.04
C TYR D 397 -14.15 -2.70 35.94
N GLY D 398 -14.21 -3.02 37.23
CA GLY D 398 -13.49 -2.26 38.23
C GLY D 398 -14.03 -0.84 38.27
N ARG D 399 -13.15 0.10 38.52
CA ARG D 399 -13.56 1.49 38.49
C ARG D 399 -13.36 2.19 37.13
N GLU D 400 -13.21 1.43 36.05
CA GLU D 400 -12.97 2.02 34.74
C GLU D 400 -14.07 1.76 33.72
N ASP D 401 -14.56 2.84 33.09
CA ASP D 401 -15.69 2.75 32.17
C ASP D 401 -15.43 1.98 30.88
N ASN D 402 -14.28 2.24 30.28
CA ASN D 402 -14.00 1.69 28.96
C ASN D 402 -13.02 0.55 28.96
N THR D 403 -13.51 -0.60 29.37
CA THR D 403 -12.65 -1.74 29.57
C THR D 403 -12.99 -2.89 28.62
N LEU D 404 -11.95 -3.40 27.96
CA LEU D 404 -12.11 -4.54 27.08
C LEU D 404 -11.63 -5.77 27.78
N LEU D 405 -12.54 -6.72 27.99
CA LEU D 405 -12.17 -7.97 28.61
C LEU D 405 -12.30 -9.02 27.57
N ALA D 406 -11.25 -9.82 27.41
CA ALA D 406 -11.29 -10.91 26.45
C ALA D 406 -10.84 -12.24 27.06
N ILE D 407 -11.57 -13.28 26.72
CA ILE D 407 -11.26 -14.64 27.15
C ILE D 407 -10.75 -15.43 25.94
N THR D 408 -9.57 -16.01 26.04
CA THR D 408 -9.00 -16.75 24.91
C THR D 408 -9.31 -18.24 24.97
N LYS D 409 -9.17 -18.93 23.84
CA LYS D 409 -9.40 -20.38 23.78
C LYS D 409 -8.43 -21.10 24.70
N SER D 410 -7.28 -20.49 24.96
CA SER D 410 -6.31 -21.06 25.88
C SER D 410 -6.76 -20.87 27.34
N GLY D 411 -7.96 -20.32 27.51
CA GLY D 411 -8.56 -20.07 28.83
C GLY D 411 -8.07 -18.82 29.56
N ALA D 412 -7.22 -18.03 28.89
CA ALA D 412 -6.61 -16.83 29.49
C ALA D 412 -7.55 -15.63 29.54
N LEU D 413 -7.29 -14.75 30.50
CA LEU D 413 -8.08 -13.53 30.63
C LEU D 413 -7.18 -12.34 30.35
N ASP D 414 -7.60 -11.52 29.40
CA ASP D 414 -6.87 -10.32 29.04
C ASP D 414 -7.74 -9.11 29.16
N ILE D 415 -7.19 -8.10 29.81
CA ILE D 415 -7.88 -6.84 30.04
C ILE D 415 -7.09 -5.68 29.47
N LYS D 416 -7.75 -4.91 28.61
CA LYS D 416 -7.17 -3.71 28.07
C LYS D 416 -8.18 -2.65 28.40
N MET D 417 -7.73 -1.42 28.55
CA MET D 417 -8.67 -0.32 28.73
C MET D 417 -8.24 0.89 27.92
N LEU D 418 -9.24 1.60 27.39
CA LEU D 418 -9.09 2.70 26.42
C LEU D 418 -8.73 4.07 26.98
N PRO D 419 -7.59 4.64 26.57
CA PRO D 419 -7.22 5.99 27.01
C PRO D 419 -8.33 7.05 26.88
N ARG D 420 -8.23 8.08 27.70
CA ARG D 420 -9.24 9.13 27.82
C ARG D 420 -9.23 9.91 26.53
N THR D 421 -8.01 10.07 26.02
CA THR D 421 -7.69 10.95 24.91
C THR D 421 -7.73 10.20 23.58
N ALA D 422 -7.95 8.91 23.64
CA ALA D 422 -7.91 8.13 22.42
C ALA D 422 -9.10 8.48 21.59
N ASN D 423 -8.85 9.00 20.39
CA ASN D 423 -9.95 9.26 19.46
C ASN D 423 -10.21 8.09 18.55
N LEU D 424 -11.46 7.97 18.14
CA LEU D 424 -11.86 6.87 17.26
C LEU D 424 -12.41 7.46 15.97
N GLU D 425 -12.03 8.72 15.71
CA GLU D 425 -12.59 9.58 14.65
C GLU D 425 -14.13 9.53 14.54
N SER E 4 -42.65 29.50 41.23
CA SER E 4 -42.27 29.51 39.82
C SER E 4 -41.73 28.14 39.39
N LYS E 5 -41.16 28.08 38.17
CA LYS E 5 -40.50 26.87 37.67
C LYS E 5 -39.08 27.11 37.17
N LYS E 6 -38.16 26.28 37.67
CA LYS E 6 -36.74 26.41 37.40
C LYS E 6 -36.24 25.56 36.22
N VAL E 7 -35.49 26.19 35.34
CA VAL E 7 -34.86 25.51 34.21
C VAL E 7 -33.38 25.86 34.04
N ASN E 8 -32.62 24.90 33.50
CA ASN E 8 -31.20 25.07 33.28
C ASN E 8 -30.83 25.57 31.90
N VAL E 9 -30.22 26.73 31.86
CA VAL E 9 -29.87 27.33 30.59
C VAL E 9 -28.38 27.49 30.40
N LEU E 10 -27.81 26.63 29.55
CA LEU E 10 -26.39 26.73 29.29
C LEU E 10 -26.11 27.82 28.26
N VAL E 11 -25.28 28.80 28.59
CA VAL E 11 -25.01 29.84 27.63
C VAL E 11 -23.58 29.73 27.17
N VAL E 12 -23.37 29.34 25.91
CA VAL E 12 -22.03 29.04 25.39
C VAL E 12 -21.85 29.74 24.07
N GLY E 13 -20.62 29.81 23.59
CA GLY E 13 -20.32 30.55 22.39
C GLY E 13 -18.87 30.92 22.49
N LEU E 14 -18.23 31.31 21.39
CA LEU E 14 -16.81 31.60 21.44
C LEU E 14 -16.51 32.77 22.37
N ASP E 15 -15.27 32.95 22.76
CA ASP E 15 -14.97 34.04 23.65
C ASP E 15 -15.30 35.33 22.90
N ASN E 16 -15.74 36.33 23.68
CA ASN E 16 -16.05 37.69 23.21
C ASN E 16 -17.28 37.79 22.34
N SER E 17 -18.13 36.75 22.35
CA SER E 17 -19.29 36.84 21.49
C SER E 17 -20.30 37.78 22.11
N GLY E 18 -20.18 38.00 23.41
CA GLY E 18 -21.06 38.88 24.15
C GLY E 18 -22.01 38.06 24.99
N LYS E 19 -21.58 36.90 25.44
CA LYS E 19 -22.42 36.03 26.25
C LYS E 19 -22.75 36.78 27.52
N THR E 20 -21.70 37.25 28.18
CA THR E 20 -21.83 37.93 29.48
C THR E 20 -22.75 39.15 29.31
N THR E 21 -22.45 39.99 28.32
CA THR E 21 -23.28 41.15 28.01
C THR E 21 -24.78 40.81 27.76
N ILE E 22 -25.05 39.77 26.99
CA ILE E 22 -26.44 39.39 26.69
C ILE E 22 -27.16 38.93 27.97
N ILE E 23 -26.43 38.42 28.94
CA ILE E 23 -27.10 37.94 30.15
C ILE E 23 -27.45 39.14 31.02
N GLU E 24 -26.66 40.21 30.89
CA GLU E 24 -26.91 41.46 31.62
C GLU E 24 -28.24 42.07 31.27
N ARG E 25 -28.53 42.21 29.98
CA ARG E 25 -29.80 42.76 29.57
C ARG E 25 -30.98 41.88 30.04
N LEU E 26 -30.71 40.78 30.73
CA LEU E 26 -31.81 40.00 31.24
C LEU E 26 -32.00 40.33 32.71
N LYS E 27 -31.05 41.09 33.24
CA LYS E 27 -31.10 41.61 34.60
C LYS E 27 -31.72 43.02 34.63
N PRO E 28 -32.31 43.41 35.78
CA PRO E 28 -32.88 44.74 36.08
C PRO E 28 -31.85 45.87 35.99
N ARG E 29 -32.23 47.02 35.40
CA ARG E 29 -31.30 48.16 35.20
C ARG E 29 -30.41 48.55 36.41
N PRO E 30 -30.93 48.40 37.64
CA PRO E 30 -30.05 48.52 38.83
C PRO E 30 -29.17 47.28 39.09
N ARG E 31 -29.63 46.10 38.67
CA ARG E 31 -28.82 44.89 38.83
C ARG E 31 -27.69 44.92 37.79
N GLN E 32 -27.93 45.64 36.69
CA GLN E 32 -26.98 45.70 35.57
C GLN E 32 -25.67 46.37 35.91
N ALA E 33 -24.59 45.88 35.30
CA ALA E 33 -23.24 46.39 35.55
C ALA E 33 -22.74 47.33 34.43
N ALA E 34 -21.68 48.07 34.74
CA ALA E 34 -21.16 49.12 33.86
C ALA E 34 -20.32 48.59 32.69
N GLU E 35 -19.07 48.24 32.99
CA GLU E 35 -18.19 47.51 32.06
C GLU E 35 -18.43 46.01 32.30
N VAL E 36 -18.02 45.15 31.37
CA VAL E 36 -18.16 43.72 31.57
C VAL E 36 -16.87 42.95 31.36
N ALA E 37 -16.54 42.12 32.35
CA ALA E 37 -15.30 41.37 32.37
C ALA E 37 -15.33 40.13 31.48
N PRO E 38 -14.19 39.86 30.82
CA PRO E 38 -14.05 38.56 30.16
C PRO E 38 -14.31 37.52 31.22
N THR E 39 -15.41 36.79 31.07
CA THR E 39 -15.84 35.79 32.03
C THR E 39 -14.69 34.86 32.40
N VAL E 40 -14.60 34.47 33.67
CA VAL E 40 -13.55 33.57 34.15
C VAL E 40 -14.05 32.21 34.63
N GLY E 41 -13.72 31.19 33.84
CA GLY E 41 -14.22 29.85 34.09
C GLY E 41 -15.67 29.82 33.71
N PHE E 42 -16.53 30.19 34.67
CA PHE E 42 -17.96 30.22 34.44
C PHE E 42 -18.64 30.88 35.63
N THR E 43 -19.91 31.24 35.46
CA THR E 43 -20.70 31.90 36.50
C THR E 43 -22.13 31.43 36.53
N VAL E 44 -22.55 30.74 37.59
CA VAL E 44 -23.96 30.45 37.69
C VAL E 44 -24.65 31.70 38.20
N ASP E 45 -25.74 32.09 37.54
CA ASP E 45 -26.59 33.23 37.95
C ASP E 45 -28.06 32.82 37.84
N GLU E 46 -28.98 33.71 38.19
CA GLU E 46 -30.41 33.38 38.09
C GLU E 46 -31.13 34.54 37.43
N VAL E 47 -32.21 34.23 36.71
CA VAL E 47 -32.95 35.22 35.96
C VAL E 47 -34.40 34.77 35.89
N GLU E 48 -35.35 35.67 36.18
CA GLU E 48 -36.76 35.30 36.07
C GLU E 48 -37.33 35.80 34.75
N LYS E 49 -38.26 35.02 34.22
CA LYS E 49 -39.04 35.35 33.03
C LYS E 49 -40.40 34.68 33.15
N GLY E 50 -41.35 35.40 33.73
CA GLY E 50 -42.70 34.88 33.90
C GLY E 50 -42.73 33.70 34.86
N PRO E 51 -43.54 32.68 34.52
CA PRO E 51 -43.67 31.44 35.30
C PRO E 51 -42.40 30.58 35.28
N LEU E 52 -41.36 31.08 34.61
CA LEU E 52 -40.09 30.36 34.49
C LEU E 52 -38.94 31.15 35.11
N THR E 53 -38.14 30.44 35.91
CA THR E 53 -36.88 30.99 36.40
C THR E 53 -35.70 30.21 35.81
N PHE E 54 -34.83 30.98 35.17
CA PHE E 54 -33.68 30.45 34.46
C PHE E 54 -32.47 30.35 35.40
N THR E 55 -31.91 29.16 35.54
CA THR E 55 -30.59 29.09 36.16
C THR E 55 -29.59 29.20 35.02
N VAL E 56 -28.87 30.31 34.97
CA VAL E 56 -28.09 30.65 33.80
C VAL E 56 -26.59 30.47 34.02
N PHE E 57 -26.01 29.44 33.37
CA PHE E 57 -24.59 29.16 33.42
C PHE E 57 -23.80 29.89 32.32
N ASP E 58 -23.13 30.99 32.65
CA ASP E 58 -22.37 31.74 31.67
C ASP E 58 -20.93 31.24 31.65
N MET E 59 -20.58 30.44 30.63
CA MET E 59 -19.23 29.86 30.53
C MET E 59 -18.33 30.83 29.79
N SER E 60 -17.02 30.70 29.99
CA SER E 60 -16.07 31.36 29.11
C SER E 60 -15.96 30.59 27.80
N GLY E 61 -15.69 31.31 26.74
CA GLY E 61 -15.54 30.71 25.44
C GLY E 61 -14.10 30.88 25.07
N ALA E 62 -13.28 31.25 26.05
CA ALA E 62 -11.86 31.34 25.76
C ALA E 62 -11.38 29.90 25.49
N GLY E 63 -10.29 29.79 24.74
CA GLY E 63 -9.77 28.49 24.33
C GLY E 63 -9.67 27.56 25.50
N ARG E 64 -8.86 27.99 26.47
CA ARG E 64 -8.56 27.23 27.68
C ARG E 64 -9.78 26.65 28.35
N TYR E 65 -10.93 27.33 28.27
CA TYR E 65 -12.03 26.92 29.11
C TYR E 65 -13.10 26.10 28.44
N ARG E 66 -13.01 25.96 27.12
CA ARG E 66 -14.11 25.32 26.41
C ARG E 66 -14.33 23.90 26.92
N THR E 67 -13.27 23.35 27.49
CA THR E 67 -13.34 21.98 28.02
C THR E 67 -14.25 21.90 29.23
N LEU E 68 -14.79 23.04 29.66
CA LEU E 68 -15.70 23.06 30.80
C LEU E 68 -17.17 22.90 30.44
N TRP E 69 -17.54 23.26 29.21
CA TRP E 69 -18.94 23.23 28.81
C TRP E 69 -19.56 21.87 29.08
N GLU E 70 -18.76 20.84 28.88
CA GLU E 70 -19.29 19.49 28.94
C GLU E 70 -19.77 19.13 30.31
N GLN E 71 -19.28 19.87 31.29
CA GLN E 71 -19.64 19.63 32.67
C GLN E 71 -21.12 19.82 32.90
N TYR E 72 -21.72 20.66 32.06
CA TYR E 72 -23.11 21.05 32.25
C TYR E 72 -24.11 20.51 31.23
N TYR E 73 -23.67 19.73 30.25
CA TYR E 73 -24.58 19.21 29.25
C TYR E 73 -25.66 18.36 29.90
N ARG E 74 -25.25 17.56 30.89
CA ARG E 74 -26.14 16.58 31.48
C ARG E 74 -27.34 17.27 32.08
N GLU E 75 -27.10 18.41 32.72
CA GLU E 75 -28.17 19.18 33.36
C GLU E 75 -28.92 20.20 32.48
N ALA E 76 -28.31 20.69 31.40
CA ALA E 76 -28.90 21.73 30.53
C ALA E 76 -30.26 21.35 29.95
N ASP E 77 -31.16 22.33 29.93
CA ASP E 77 -32.54 22.16 29.46
C ASP E 77 -32.75 23.03 28.23
N ALA E 78 -31.75 23.84 27.96
CA ALA E 78 -31.79 24.73 26.83
C ALA E 78 -30.42 25.33 26.66
N VAL E 79 -30.12 25.77 25.46
CA VAL E 79 -28.82 26.29 25.22
C VAL E 79 -29.01 27.61 24.56
N VAL E 80 -28.25 28.59 24.97
CA VAL E 80 -28.18 29.82 24.24
C VAL E 80 -26.83 29.78 23.59
N PHE E 81 -26.77 30.01 22.28
CA PHE E 81 -25.49 29.93 21.60
C PHE E 81 -25.15 31.23 20.97
N VAL E 82 -24.17 31.92 21.53
CA VAL E 82 -23.89 33.28 21.11
C VAL E 82 -22.80 33.38 20.05
N VAL E 83 -23.05 34.22 19.05
CA VAL E 83 -22.12 34.47 17.96
C VAL E 83 -21.89 35.94 17.66
N ASP E 84 -20.64 36.38 17.63
CA ASP E 84 -20.32 37.73 17.18
C ASP E 84 -20.47 37.74 15.68
N SER E 85 -21.55 38.35 15.20
CA SER E 85 -21.86 38.36 13.78
C SER E 85 -20.73 39.01 12.98
N ALA E 86 -19.91 39.82 13.61
CA ALA E 86 -18.90 40.50 12.83
C ALA E 86 -17.60 39.72 12.76
N ASP E 87 -17.56 38.57 13.44
CA ASP E 87 -16.39 37.70 13.45
C ASP E 87 -16.47 36.64 12.36
N LYS E 88 -16.17 37.04 11.13
CA LYS E 88 -16.31 36.10 10.03
C LYS E 88 -15.28 35.03 10.24
N LEU E 89 -14.08 35.47 10.62
CA LEU E 89 -12.92 34.60 10.80
C LEU E 89 -13.22 33.31 11.54
N ARG E 90 -13.73 33.38 12.76
CA ARG E 90 -13.87 32.18 13.59
C ARG E 90 -15.14 31.35 13.47
N MET E 91 -15.92 31.57 12.41
CA MET E 91 -17.19 30.84 12.28
C MET E 91 -17.01 29.34 12.27
N VAL E 92 -15.93 28.93 11.64
CA VAL E 92 -15.70 27.52 11.51
C VAL E 92 -15.39 26.92 12.85
N VAL E 93 -14.56 27.61 13.65
CA VAL E 93 -14.29 27.21 15.01
C VAL E 93 -15.56 27.17 15.79
N ALA E 94 -16.36 28.23 15.65
CA ALA E 94 -17.65 28.25 16.32
C ALA E 94 -18.46 27.02 15.95
N ARG E 95 -18.39 26.66 14.67
CA ARG E 95 -19.16 25.53 14.17
C ARG E 95 -18.66 24.26 14.82
N ASP E 96 -17.34 24.18 14.93
CA ASP E 96 -16.72 22.96 15.41
C ASP E 96 -17.23 22.69 16.82
N GLU E 97 -17.14 23.71 17.67
CA GLU E 97 -17.52 23.61 19.07
C GLU E 97 -18.98 23.27 19.24
N MET E 98 -19.79 23.89 18.39
CA MET E 98 -21.23 23.66 18.38
C MET E 98 -21.51 22.18 18.09
N GLU E 99 -20.80 21.64 17.12
CA GLU E 99 -20.98 20.25 16.72
C GLU E 99 -20.55 19.27 17.78
N HIS E 100 -19.41 19.56 18.40
CA HIS E 100 -18.89 18.73 19.47
C HIS E 100 -19.88 18.71 20.65
N MET E 101 -20.56 19.83 20.84
CA MET E 101 -21.62 19.92 21.84
C MET E 101 -22.77 19.00 21.49
N LEU E 102 -23.29 19.14 20.27
CA LEU E 102 -24.39 18.30 19.79
C LEU E 102 -24.05 16.81 19.81
N LYS E 103 -22.82 16.52 19.40
CA LYS E 103 -22.27 15.17 19.38
C LYS E 103 -22.30 14.55 20.78
N HIS E 104 -21.85 15.32 21.78
CA HIS E 104 -21.67 14.82 23.16
C HIS E 104 -22.85 14.02 23.68
N SER E 105 -22.60 12.90 24.31
CA SER E 105 -23.69 11.98 24.63
C SER E 105 -24.55 12.49 25.77
N ASN E 106 -24.04 13.52 26.43
CA ASN E 106 -24.73 14.12 27.56
C ASN E 106 -25.73 15.21 27.22
N MET E 107 -25.49 15.89 26.08
CA MET E 107 -26.33 16.98 25.60
C MET E 107 -27.63 16.45 25.04
N ARG E 108 -28.70 16.58 25.83
CA ARG E 108 -30.00 16.11 25.39
C ARG E 108 -30.56 16.94 24.24
N LYS E 109 -31.66 16.48 23.64
CA LYS E 109 -32.19 17.20 22.51
C LYS E 109 -33.01 18.45 22.91
N VAL E 110 -32.42 19.28 23.77
CA VAL E 110 -33.02 20.54 24.21
C VAL E 110 -32.90 21.70 23.18
N PRO E 111 -33.75 22.74 23.31
CA PRO E 111 -33.74 23.88 22.38
C PRO E 111 -32.44 24.63 22.38
N ILE E 112 -32.06 25.10 21.22
CA ILE E 112 -30.89 25.94 21.15
C ILE E 112 -31.39 27.23 20.59
N LEU E 113 -30.96 28.32 21.18
CA LEU E 113 -31.33 29.60 20.67
C LEU E 113 -30.04 30.23 20.27
N TYR E 114 -29.89 30.57 19.00
CA TYR E 114 -28.65 31.16 18.57
C TYR E 114 -28.91 32.63 18.48
N PHE E 115 -28.13 33.43 19.19
CA PHE E 115 -28.17 34.87 19.04
C PHE E 115 -27.13 35.27 18.03
N ALA E 116 -27.55 35.89 16.94
CA ALA E 116 -26.56 36.50 16.05
C ALA E 116 -26.16 37.81 16.66
N ASN E 117 -25.32 37.79 17.66
CA ASN E 117 -25.06 39.02 18.41
C ASN E 117 -24.23 40.05 17.65
N LYS E 118 -24.14 41.25 18.24
CA LYS E 118 -23.43 42.38 17.66
C LYS E 118 -23.93 42.80 16.27
N LYS E 119 -25.26 42.72 16.05
CA LYS E 119 -25.87 43.07 14.75
C LYS E 119 -25.54 44.49 14.29
N ASP E 120 -25.18 45.30 15.26
CA ASP E 120 -24.92 46.71 15.05
C ASP E 120 -23.63 46.93 14.35
N LEU E 121 -22.75 45.94 14.37
CA LEU E 121 -21.42 46.19 13.85
C LEU E 121 -21.44 46.32 12.34
N PRO E 122 -20.48 47.07 11.78
CA PRO E 122 -20.59 47.40 10.36
C PRO E 122 -20.44 46.17 9.48
N VAL E 123 -19.48 45.30 9.77
CA VAL E 123 -19.22 44.16 8.92
C VAL E 123 -20.01 42.94 9.36
N ALA E 124 -20.98 43.14 10.24
CA ALA E 124 -21.75 42.01 10.75
C ALA E 124 -22.36 41.15 9.65
N MET E 125 -22.36 39.87 9.90
CA MET E 125 -22.96 38.88 9.04
C MET E 125 -24.49 38.82 9.26
N PRO E 126 -25.26 38.75 8.18
CA PRO E 126 -26.71 38.49 8.16
C PRO E 126 -27.02 37.18 8.85
N PRO E 127 -28.11 37.11 9.60
CA PRO E 127 -28.54 35.82 10.15
C PRO E 127 -28.50 34.66 9.17
N VAL E 128 -28.97 34.82 7.94
CA VAL E 128 -28.99 33.65 7.06
C VAL E 128 -27.56 33.16 6.71
N GLU E 129 -26.68 34.12 6.46
CA GLU E 129 -25.29 33.88 6.18
C GLU E 129 -24.60 33.21 7.39
N ILE E 130 -25.05 33.53 8.60
CA ILE E 130 -24.53 32.86 9.77
C ILE E 130 -25.02 31.43 9.85
N ALA E 131 -26.33 31.25 9.75
CA ALA E 131 -26.89 29.91 9.89
C ALA E 131 -26.38 28.98 8.79
N GLN E 132 -25.88 29.56 7.70
CA GLN E 132 -25.22 28.74 6.70
C GLN E 132 -23.95 28.21 7.34
N ALA E 133 -23.03 29.10 7.72
CA ALA E 133 -21.75 28.66 8.28
C ALA E 133 -21.85 27.61 9.40
N LEU E 134 -22.80 27.78 10.30
CA LEU E 134 -22.90 26.85 11.38
C LEU E 134 -23.63 25.57 10.94
N GLY E 135 -24.16 25.57 9.74
CA GLY E 135 -24.94 24.43 9.30
C GLY E 135 -26.18 24.15 10.11
N LEU E 136 -26.88 25.21 10.49
CA LEU E 136 -28.01 25.05 11.39
C LEU E 136 -29.19 24.31 10.79
N ASP E 137 -29.33 24.37 9.47
CA ASP E 137 -30.49 23.75 8.82
C ASP E 137 -30.44 22.27 9.00
N ASP E 138 -29.22 21.76 9.17
CA ASP E 138 -29.03 20.35 9.40
C ASP E 138 -29.57 19.92 10.76
N ILE E 139 -29.72 20.86 11.67
CA ILE E 139 -30.20 20.48 12.99
C ILE E 139 -31.69 20.21 12.89
N LYS E 140 -32.07 18.95 12.96
CA LYS E 140 -33.44 18.59 12.69
C LYS E 140 -34.08 17.72 13.76
N ASP E 141 -33.51 17.68 14.96
CA ASP E 141 -34.03 16.85 16.06
C ASP E 141 -34.35 17.70 17.27
N ARG E 142 -34.04 18.99 17.20
CA ARG E 142 -34.27 19.92 18.28
C ARG E 142 -34.86 21.18 17.72
N PRO E 143 -35.66 21.88 18.52
CA PRO E 143 -36.00 23.24 18.14
C PRO E 143 -34.81 24.17 18.23
N TRP E 144 -34.61 24.91 17.17
CA TRP E 144 -33.59 25.92 17.20
C TRP E 144 -34.07 27.22 16.54
N GLN E 145 -33.36 28.31 16.74
CA GLN E 145 -33.84 29.58 16.27
C GLN E 145 -32.68 30.58 16.22
N ILE E 146 -32.61 31.40 15.19
CA ILE E 146 -31.52 32.36 15.23
C ILE E 146 -32.08 33.77 15.17
N VAL E 147 -31.62 34.61 16.10
CA VAL E 147 -32.18 35.93 16.31
C VAL E 147 -31.04 36.93 16.37
N PRO E 148 -31.01 37.87 15.42
CA PRO E 148 -29.96 38.89 15.46
C PRO E 148 -30.13 39.70 16.71
N SER E 149 -29.05 40.24 17.25
CA SER E 149 -29.16 40.95 18.51
C SER E 149 -28.12 42.04 18.73
N ASN E 150 -28.55 43.09 19.41
CA ASN E 150 -27.58 44.02 19.95
C ASN E 150 -27.54 43.91 21.46
N GLY E 151 -26.43 43.44 22.00
CA GLY E 151 -26.36 43.15 23.42
C GLY E 151 -26.04 44.36 24.27
N LEU E 152 -25.44 45.38 23.66
CA LEU E 152 -25.20 46.61 24.36
C LEU E 152 -26.56 47.18 24.74
N THR E 153 -27.40 47.39 23.72
CA THR E 153 -28.77 47.91 23.84
C THR E 153 -29.82 46.91 24.39
N GLY E 154 -29.74 45.65 24.03
CA GLY E 154 -30.76 44.72 24.49
C GLY E 154 -31.69 44.37 23.37
N GLU E 155 -31.43 45.01 22.23
CA GLU E 155 -32.15 44.77 20.99
C GLU E 155 -32.12 43.28 20.62
N GLY E 156 -33.30 42.72 20.41
CA GLY E 156 -33.42 41.33 19.99
C GLY E 156 -33.44 40.37 21.15
N VAL E 157 -32.67 40.71 22.18
CA VAL E 157 -32.47 39.83 23.33
C VAL E 157 -33.80 39.36 23.90
N ASP E 158 -34.76 40.27 23.89
CA ASP E 158 -36.08 40.04 24.44
C ASP E 158 -36.87 39.03 23.60
N LYS E 159 -36.78 39.21 22.29
CA LYS E 159 -37.42 38.34 21.32
C LYS E 159 -36.97 36.92 21.46
N GLY E 160 -35.65 36.74 21.47
CA GLY E 160 -35.04 35.44 21.62
C GLY E 160 -35.48 34.73 22.89
N ILE E 161 -35.27 35.38 24.03
CA ILE E 161 -35.59 34.78 25.31
C ILE E 161 -37.04 34.36 25.40
N ASP E 162 -37.91 35.19 24.84
CA ASP E 162 -39.33 34.86 24.76
C ASP E 162 -39.54 33.59 23.96
N TRP E 163 -38.87 33.49 22.82
CA TRP E 163 -38.94 32.27 22.00
C TRP E 163 -38.60 31.03 22.79
N LEU E 164 -37.45 31.10 23.45
CA LEU E 164 -36.94 29.98 24.20
C LEU E 164 -37.90 29.62 25.31
N ALA E 165 -38.45 30.65 25.93
CA ALA E 165 -39.31 30.51 27.08
C ALA E 165 -40.57 29.75 26.67
N GLU E 166 -41.04 30.03 25.45
CA GLU E 166 -42.17 29.32 24.86
C GLU E 166 -41.88 27.84 24.82
N ARG E 167 -40.70 27.47 24.32
CA ARG E 167 -40.34 26.07 24.13
C ARG E 167 -40.23 25.32 25.45
N LEU E 168 -39.86 26.07 26.50
CA LEU E 168 -39.65 25.48 27.83
C LEU E 168 -40.95 25.38 28.61
N SER E 169 -42.07 25.72 27.97
CA SER E 169 -43.36 25.83 28.68
C SER E 169 -44.35 24.77 28.26
N VAL F 36 -2.65 11.50 6.22
CA VAL F 36 -3.61 10.94 5.26
C VAL F 36 -4.72 11.92 4.81
N ARG F 37 -5.55 12.39 5.75
CA ARG F 37 -6.54 13.44 5.51
C ARG F 37 -5.98 14.78 6.01
N SER F 38 -6.80 15.83 5.96
CA SER F 38 -6.38 17.12 6.51
C SER F 38 -7.00 17.38 7.89
N VAL F 39 -6.17 17.74 8.88
CA VAL F 39 -6.72 17.94 10.22
C VAL F 39 -7.47 19.25 10.32
N TRP F 40 -7.19 20.18 9.40
CA TRP F 40 -7.64 21.56 9.54
C TRP F 40 -9.11 21.86 9.35
N LEU F 41 -9.54 22.94 9.98
CA LEU F 41 -10.78 23.61 9.69
C LEU F 41 -10.46 24.72 8.71
N ASP F 42 -11.26 24.82 7.65
CA ASP F 42 -11.08 25.90 6.65
C ASP F 42 -11.83 27.14 7.10
N ALA F 43 -11.06 28.16 7.49
CA ALA F 43 -11.63 29.37 8.08
C ALA F 43 -12.05 30.38 7.04
N PHE F 44 -11.11 30.73 6.18
CA PHE F 44 -11.29 31.84 5.26
C PHE F 44 -10.28 31.87 4.10
N ASN F 45 -10.77 32.26 2.93
CA ASN F 45 -9.96 32.33 1.74
C ASN F 45 -10.21 33.56 0.88
N ASP F 46 -9.16 34.30 0.57
CA ASP F 46 -9.27 35.45 -0.34
C ASP F 46 -8.33 35.21 -1.51
N PRO F 47 -8.88 34.67 -2.62
CA PRO F 47 -8.08 34.37 -3.82
C PRO F 47 -7.46 35.63 -4.40
N VAL F 48 -8.14 36.74 -4.17
CA VAL F 48 -7.78 38.00 -4.79
C VAL F 48 -7.13 38.98 -3.84
N ALA F 49 -6.60 38.49 -2.71
CA ALA F 49 -5.72 39.33 -1.90
C ALA F 49 -4.52 39.63 -2.81
N GLY F 50 -3.83 40.73 -2.55
CA GLY F 50 -2.79 41.13 -3.49
C GLY F 50 -1.39 40.88 -3.00
N ILE F 51 -1.21 39.74 -2.34
CA ILE F 51 -0.03 39.56 -1.51
C ILE F 51 1.11 38.87 -2.22
N SER F 52 2.25 39.56 -2.28
CA SER F 52 3.45 39.01 -2.89
C SER F 52 4.53 38.96 -1.82
N ALA F 53 4.53 37.87 -1.05
CA ALA F 53 5.49 37.74 0.04
C ALA F 53 5.89 36.29 0.28
N TYR F 54 7.11 36.12 0.80
CA TYR F 54 7.64 34.83 1.22
C TYR F 54 7.78 34.84 2.75
N THR F 55 7.99 33.67 3.35
CA THR F 55 7.95 33.53 4.82
C THR F 55 8.71 34.56 5.69
N PRO F 56 9.95 34.93 5.33
CA PRO F 56 10.60 35.92 6.20
C PRO F 56 9.91 37.30 6.27
N CYS F 57 8.99 37.59 5.35
CA CYS F 57 8.31 38.89 5.36
C CYS F 57 6.85 38.82 5.82
N VAL F 58 6.50 37.75 6.54
CA VAL F 58 5.14 37.58 7.07
C VAL F 58 5.21 37.32 8.58
N HIS F 59 4.16 37.68 9.29
CA HIS F 59 4.21 37.75 10.73
C HIS F 59 2.83 37.96 11.32
N THR F 60 2.63 37.54 12.56
CA THR F 60 1.47 38.01 13.31
C THR F 60 1.93 38.62 14.63
N CYS F 61 1.22 39.67 15.05
CA CYS F 61 1.63 40.43 16.22
C CYS F 61 0.40 40.96 16.96
N ASN F 62 0.63 41.43 18.19
CA ASN F 62 -0.37 42.20 18.96
C ASN F 62 0.01 43.67 19.03
N LEU F 63 -0.01 44.35 17.89
CA LEU F 63 0.38 45.75 17.78
C LEU F 63 -0.53 46.62 18.65
N PHE F 64 -1.82 46.52 18.40
CA PHE F 64 -2.81 47.39 19.01
C PHE F 64 -3.16 46.93 20.42
N GLY F 65 -2.20 46.27 21.07
CA GLY F 65 -2.32 45.77 22.43
C GLY F 65 -3.62 45.10 22.86
N ASP F 66 -4.63 45.11 21.98
CA ASP F 66 -5.97 44.72 22.35
C ASP F 66 -6.30 43.23 22.23
N GLY F 67 -5.28 42.38 22.22
CA GLY F 67 -5.49 40.94 22.21
C GLY F 67 -5.78 40.33 20.84
N GLU F 68 -6.72 40.93 20.11
CA GLU F 68 -7.03 40.52 18.73
C GLU F 68 -5.85 40.80 17.81
N ASN F 69 -5.22 39.71 17.36
CA ASN F 69 -3.99 39.73 16.57
C ASN F 69 -4.10 40.11 15.09
N ARG F 70 -3.03 40.71 14.59
CA ARG F 70 -3.03 41.20 13.23
C ARG F 70 -1.92 40.58 12.40
N LEU F 71 -2.20 40.40 11.11
CA LEU F 71 -1.24 39.87 10.16
C LEU F 71 -0.41 41.01 9.57
N VAL F 72 0.90 40.87 9.61
CA VAL F 72 1.80 41.92 9.16
C VAL F 72 2.63 41.45 7.96
N ILE F 73 2.45 42.07 6.81
CA ILE F 73 3.15 41.62 5.62
C ILE F 73 3.99 42.71 4.95
N ALA F 74 5.27 42.43 4.71
CA ALA F 74 6.10 43.34 3.93
C ALA F 74 6.17 42.90 2.47
N ASP F 75 5.21 43.38 1.68
CA ASP F 75 5.02 42.98 0.29
C ASP F 75 6.15 43.45 -0.63
N GLU F 76 6.22 42.85 -1.81
CA GLU F 76 7.10 43.30 -2.89
C GLU F 76 6.57 44.60 -3.56
N ASP F 77 5.34 44.98 -3.21
CA ASP F 77 4.80 46.31 -3.51
C ASP F 77 5.69 47.42 -2.97
N ARG F 78 6.66 47.04 -2.14
CA ARG F 78 7.35 47.97 -1.24
C ARG F 78 6.30 48.66 -0.37
N LYS F 79 5.14 48.03 -0.24
CA LYS F 79 4.09 48.49 0.66
C LYS F 79 3.90 47.44 1.75
N LEU F 80 3.79 47.92 2.99
CA LEU F 80 3.62 47.08 4.17
C LEU F 80 2.15 46.89 4.48
N LYS F 81 1.60 45.73 4.19
CA LYS F 81 0.16 45.53 4.32
C LYS F 81 -0.22 44.92 5.66
N ILE F 82 -1.30 45.41 6.26
CA ILE F 82 -1.76 44.89 7.54
C ILE F 82 -3.17 44.33 7.46
N TRP F 83 -3.31 43.07 7.85
CA TRP F 83 -4.60 42.41 7.80
C TRP F 83 -5.08 42.25 9.22
N LYS F 84 -6.37 42.48 9.42
CA LYS F 84 -7.03 42.22 10.68
C LYS F 84 -8.29 41.45 10.34
N GLY F 85 -8.47 40.28 10.94
CA GLY F 85 -9.64 39.49 10.62
C GLY F 85 -9.67 39.06 9.16
N THR F 86 -10.83 39.15 8.52
CA THR F 86 -10.98 38.66 7.15
C THR F 86 -10.59 39.66 6.06
N GLN F 87 -10.26 40.88 6.46
CA GLN F 87 -10.05 41.98 5.50
C GLN F 87 -8.76 42.75 5.64
N LYS F 88 -8.28 43.33 4.56
CA LYS F 88 -7.11 44.19 4.65
C LYS F 88 -7.51 45.46 5.39
N ALA F 89 -6.80 45.77 6.47
CA ALA F 89 -7.08 46.93 7.29
C ALA F 89 -6.32 48.16 6.80
N SER F 90 -5.05 47.98 6.49
CA SER F 90 -4.16 49.10 6.22
C SER F 90 -3.09 48.77 5.20
N GLU F 91 -2.46 49.82 4.68
CA GLU F 91 -1.28 49.69 3.82
C GLU F 91 -0.41 50.89 4.14
N HIS F 92 0.90 50.68 4.19
CA HIS F 92 1.82 51.77 4.52
C HIS F 92 3.05 51.64 3.63
N PRO F 93 3.63 52.77 3.21
CA PRO F 93 4.77 52.71 2.29
C PRO F 93 6.07 52.28 2.98
N LEU F 94 6.92 51.56 2.24
CA LEU F 94 8.25 51.16 2.71
C LEU F 94 9.28 51.69 1.73
N LEU F 95 10.46 52.07 2.23
CA LEU F 95 11.45 52.74 1.40
C LEU F 95 11.98 51.78 0.32
N ASP F 96 12.51 50.65 0.75
CA ASP F 96 13.04 49.69 -0.21
C ASP F 96 12.13 48.48 -0.26
N THR F 97 12.38 47.57 -1.20
CA THR F 97 11.69 46.28 -1.19
C THR F 97 12.35 45.37 -0.14
N PRO F 98 11.52 44.76 0.73
CA PRO F 98 11.90 44.10 2.00
C PRO F 98 12.50 42.70 1.91
N VAL F 99 13.28 42.36 2.94
CA VAL F 99 13.96 41.07 3.04
C VAL F 99 13.46 40.21 4.21
N ALA F 100 13.07 40.87 5.30
CA ALA F 100 12.63 40.20 6.52
C ALA F 100 11.92 41.19 7.45
N ILE F 101 10.90 40.74 8.17
CA ILE F 101 10.33 41.53 9.26
C ILE F 101 10.12 40.75 10.54
N CYS F 102 10.61 41.34 11.63
CA CYS F 102 10.45 40.81 12.98
C CYS F 102 9.69 41.82 13.82
N SER F 103 9.44 41.50 15.08
CA SER F 103 8.79 42.46 15.97
C SER F 103 9.20 42.20 17.42
N TYR F 104 9.77 43.22 18.07
CA TYR F 104 10.37 43.06 19.38
C TYR F 104 9.97 44.19 20.34
N PRO F 114 5.01 46.91 21.31
CA PRO F 114 5.88 46.12 20.41
C PRO F 114 6.44 47.00 19.30
N ALA F 115 7.48 46.54 18.61
CA ALA F 115 8.10 47.35 17.55
C ALA F 115 8.43 46.56 16.28
N LEU F 116 7.61 46.70 15.24
CA LEU F 116 7.86 46.02 13.96
C LEU F 116 9.12 46.57 13.30
N ALA F 117 10.08 45.69 13.01
CA ALA F 117 11.34 46.09 12.39
C ALA F 117 11.47 45.51 10.99
N VAL F 118 11.56 46.39 9.99
CA VAL F 118 11.70 45.94 8.61
C VAL F 118 13.13 46.08 8.07
N ALA F 119 13.73 44.97 7.69
CA ALA F 119 15.04 45.00 7.06
C ALA F 119 14.94 45.08 5.54
N ALA F 120 15.90 45.79 4.94
CA ALA F 120 16.01 45.88 3.48
C ALA F 120 17.40 46.42 3.12
N GLY F 121 18.12 45.69 2.27
CA GLY F 121 19.44 46.11 1.86
C GLY F 121 20.44 46.18 3.00
N SER F 122 20.66 47.39 3.51
CA SER F 122 21.61 47.62 4.60
C SER F 122 20.93 48.39 5.72
N HIS F 123 19.69 48.78 5.49
CA HIS F 123 18.90 49.50 6.48
C HIS F 123 18.15 48.53 7.39
N ILE F 124 17.77 49.01 8.58
CA ILE F 124 16.80 48.33 9.43
C ILE F 124 15.86 49.38 10.00
N TYR F 125 14.64 49.42 9.48
CA TYR F 125 13.68 50.43 9.90
C TYR F 125 12.89 49.92 11.08
N ILE F 126 13.19 50.41 12.28
CA ILE F 126 12.32 50.13 13.40
C ILE F 126 11.12 51.06 13.29
N TYR F 127 9.90 50.52 13.40
CA TYR F 127 8.74 51.38 13.42
C TYR F 127 8.17 51.26 14.82
N ARG F 128 7.49 52.30 15.29
CA ARG F 128 6.82 52.21 16.59
C ARG F 128 5.50 52.97 16.60
N ASN F 129 4.54 52.41 17.32
CA ASN F 129 3.14 52.75 17.16
C ASN F 129 2.84 52.84 15.67
N LEU F 130 3.08 51.74 14.97
CA LEU F 130 3.01 51.67 13.50
C LEU F 130 3.95 52.66 12.75
N ARG F 131 3.95 53.94 13.14
CA ARG F 131 4.75 54.95 12.45
C ARG F 131 6.25 54.69 12.56
N PRO F 132 7.03 55.16 11.56
CA PRO F 132 8.49 55.03 11.51
C PRO F 132 9.21 55.65 12.72
N TYR F 133 10.31 55.04 13.16
CA TYR F 133 10.97 55.43 14.40
C TYR F 133 12.49 55.57 14.28
N TYR F 134 13.12 54.75 13.44
CA TYR F 134 14.56 54.80 13.23
C TYR F 134 14.98 54.07 11.95
N LYS F 135 16.17 54.41 11.45
CA LYS F 135 16.71 53.77 10.24
C LYS F 135 18.18 53.39 10.46
N PHE F 136 18.40 52.34 11.25
CA PHE F 136 19.73 51.80 11.59
C PHE F 136 20.54 51.35 10.36
N VAL F 137 21.86 51.55 10.42
CA VAL F 137 22.77 51.16 9.34
C VAL F 137 23.98 50.33 9.82
N LEU F 138 24.34 49.30 9.05
CA LEU F 138 25.49 48.44 9.34
C LEU F 138 26.82 49.22 9.31
N PRO F 139 27.75 48.88 10.23
CA PRO F 139 29.10 49.47 10.36
C PRO F 139 30.07 49.29 9.16
N PRO F 140 30.36 48.06 8.68
CA PRO F 140 31.25 48.08 7.50
C PRO F 140 30.46 48.30 6.20
N GLU F 141 31.17 48.52 5.09
CA GLU F 141 30.50 48.65 3.79
C GLU F 141 30.60 47.37 2.96
N THR F 214 27.47 46.54 4.80
CA THR F 214 26.97 45.16 4.87
C THR F 214 25.53 45.04 4.34
N VAL F 215 25.17 43.85 3.88
CA VAL F 215 23.82 43.62 3.34
C VAL F 215 23.16 42.40 4.01
N ILE F 216 21.91 42.60 4.44
CA ILE F 216 21.18 41.63 5.27
C ILE F 216 20.45 40.52 4.53
N THR F 217 20.64 39.28 4.99
CA THR F 217 20.00 38.09 4.41
C THR F 217 18.78 37.59 5.21
N CYS F 218 18.93 37.34 6.51
CA CYS F 218 17.80 36.95 7.34
C CYS F 218 17.83 37.73 8.64
N MET F 219 16.69 37.84 9.29
CA MET F 219 16.60 38.47 10.59
C MET F 219 15.62 37.72 11.49
N ASP F 220 15.97 37.59 12.77
CA ASP F 220 15.10 36.88 13.72
C ASP F 220 15.34 37.43 15.13
N VAL F 221 14.61 36.90 16.12
CA VAL F 221 14.71 37.36 17.50
C VAL F 221 15.25 36.34 18.52
N VAL F 222 15.71 36.85 19.66
CA VAL F 222 16.12 36.02 20.80
C VAL F 222 15.40 36.43 22.07
N LYS F 223 15.02 35.44 22.87
CA LYS F 223 14.38 35.75 24.14
C LYS F 223 15.38 36.47 25.05
N GLN F 224 14.93 37.61 25.61
CA GLN F 224 15.76 38.46 26.47
C GLN F 224 16.00 37.83 27.85
N ALA F 225 14.93 37.37 28.49
CA ALA F 225 15.01 36.64 29.76
C ALA F 225 13.76 35.80 29.99
N ILE F 226 13.95 34.56 30.44
CA ILE F 226 12.84 33.67 30.77
C ILE F 226 11.85 33.48 29.62
N VAL F 232 9.46 40.42 26.19
CA VAL F 232 10.63 41.26 25.92
C VAL F 232 11.60 40.60 24.96
N SER F 233 11.82 41.22 23.81
CA SER F 233 12.63 40.61 22.76
C SER F 233 13.78 41.48 22.26
N CYS F 234 14.74 40.87 21.56
CA CYS F 234 15.95 41.55 21.08
C CYS F 234 16.34 41.06 19.67
N LEU F 235 16.52 41.99 18.73
CA LEU F 235 16.73 41.64 17.32
C LEU F 235 18.05 40.92 16.99
N VAL F 236 17.96 39.83 16.22
CA VAL F 236 19.14 39.11 15.72
C VAL F 236 19.27 39.20 14.18
N VAL F 237 20.46 39.53 13.68
CA VAL F 237 20.65 39.83 12.27
C VAL F 237 21.74 39.03 11.56
N GLY F 238 21.38 38.41 10.43
CA GLY F 238 22.34 37.73 9.58
C GLY F 238 22.76 38.64 8.44
N THR F 239 24.06 38.72 8.21
CA THR F 239 24.63 39.61 7.18
C THR F 239 25.42 38.82 6.14
N GLU F 240 25.31 39.21 4.88
CA GLU F 240 26.03 38.53 3.80
C GLU F 240 27.53 38.48 4.08
N SER F 241 27.98 39.45 4.88
CA SER F 241 29.37 39.57 5.29
C SER F 241 29.89 38.28 5.91
N GLY F 242 29.03 37.66 6.72
CA GLY F 242 29.38 36.44 7.42
C GLY F 242 29.22 36.61 8.92
N ARG F 243 28.49 37.65 9.33
CA ARG F 243 28.32 37.95 10.75
C ARG F 243 26.89 37.70 11.25
N ILE F 244 26.78 37.37 12.52
CA ILE F 244 25.48 37.34 13.18
C ILE F 244 25.50 38.39 14.29
N LEU F 245 24.56 39.32 14.24
CA LEU F 245 24.51 40.42 15.19
C LEU F 245 23.32 40.29 16.13
N ILE F 246 23.57 40.53 17.42
CA ILE F 246 22.51 40.61 18.42
C ILE F 246 22.42 42.05 18.96
N LEU F 247 21.21 42.60 19.06
CA LEU F 247 21.04 44.02 19.35
C LEU F 247 20.38 44.36 20.69
N ASN F 248 20.36 45.64 21.03
CA ASN F 248 19.69 46.18 22.22
C ASN F 248 18.19 45.90 22.28
N PRO F 249 17.61 45.88 23.51
CA PRO F 249 16.16 45.76 23.76
C PRO F 249 15.33 46.90 23.16
N ALA F 250 16.04 47.90 22.64
CA ALA F 250 15.44 48.94 21.84
C ALA F 250 15.99 48.83 20.43
N GLY F 251 16.72 47.75 20.17
CA GLY F 251 17.39 47.54 18.90
C GLY F 251 18.33 48.64 18.43
N THR F 252 18.71 49.53 19.32
CA THR F 252 19.36 50.77 18.88
C THR F 252 20.79 50.52 18.42
N ALA F 253 21.46 49.54 19.01
CA ALA F 253 22.88 49.30 18.72
C ALA F 253 23.32 47.82 18.74
N ILE F 254 24.30 47.51 17.89
CA ILE F 254 24.87 46.16 17.76
C ILE F 254 25.64 45.69 19.00
N VAL F 255 25.02 44.80 19.77
CA VAL F 255 25.61 44.32 21.01
C VAL F 255 26.65 43.22 20.80
N LYS F 256 26.33 42.20 20.02
CA LYS F 256 27.25 41.09 19.78
C LYS F 256 27.60 40.90 18.30
N ASN F 257 28.88 40.68 18.02
CA ASN F 257 29.30 40.39 16.65
C ASN F 257 30.14 39.12 16.58
N ILE F 258 29.57 38.06 16.03
CA ILE F 258 30.29 36.80 15.88
C ILE F 258 30.61 36.59 14.41
N TRP F 259 31.89 36.39 14.09
CA TRP F 259 32.25 36.19 12.70
C TRP F 259 32.23 34.72 12.32
N VAL F 260 31.42 34.39 11.30
CA VAL F 260 31.42 33.06 10.72
C VAL F 260 31.71 33.16 9.22
N GLY F 261 32.45 32.18 8.72
CA GLY F 261 32.85 32.14 7.32
C GLY F 261 31.78 32.36 6.28
N ILE F 262 30.72 31.55 6.31
CA ILE F 262 29.86 31.47 5.13
C ILE F 262 28.71 32.47 5.11
N THR F 263 28.14 32.62 3.90
CA THR F 263 26.95 33.41 3.67
C THR F 263 25.74 32.72 4.32
N PRO F 264 25.09 33.39 5.27
CA PRO F 264 23.90 32.78 5.87
C PRO F 264 22.78 32.65 4.85
N ALA F 265 22.18 31.47 4.76
CA ALA F 265 21.04 31.25 3.87
C ALA F 265 19.72 31.38 4.63
N MET F 266 19.75 30.87 5.86
CA MET F 266 18.67 31.07 6.82
C MET F 266 19.23 30.77 8.20
N ILE F 267 18.60 31.33 9.22
CA ILE F 267 19.08 31.17 10.59
C ILE F 267 17.91 30.90 11.53
N ALA F 268 18.19 30.22 12.63
CA ALA F 268 17.16 29.94 13.63
C ALA F 268 17.68 30.15 15.05
N VAL F 269 16.80 30.64 15.93
CA VAL F 269 17.18 30.94 17.31
C VAL F 269 16.44 30.01 18.28
N GLN F 270 17.19 29.36 19.17
CA GLN F 270 16.60 28.56 20.25
C GLN F 270 17.21 28.97 21.60
N GLY F 271 16.36 29.13 22.61
CA GLY F 271 16.83 29.49 23.94
C GLY F 271 16.51 30.91 24.37
N GLU F 272 17.16 31.35 25.45
CA GLU F 272 16.98 32.70 25.97
C GLU F 272 18.36 33.34 26.20
N LEU F 273 18.46 34.65 25.98
CA LEU F 273 19.76 35.35 26.09
C LEU F 273 20.31 35.44 27.53
N ASP F 274 19.44 35.18 28.51
CA ASP F 274 19.83 35.16 29.93
C ASP F 274 20.44 33.81 30.35
N VAL F 275 19.63 32.76 30.34
CA VAL F 275 20.07 31.40 30.69
C VAL F 275 21.16 30.86 29.75
N GLY F 276 20.80 30.68 28.49
CA GLY F 276 21.71 30.20 27.46
C GLY F 276 21.00 30.05 26.12
N TYR F 277 21.71 30.32 25.02
CA TYR F 277 21.06 30.38 23.72
C TYR F 277 21.89 29.79 22.60
N ARG F 278 21.22 29.16 21.63
CA ARG F 278 21.88 28.65 20.43
C ARG F 278 21.30 29.23 19.14
N ILE F 279 22.18 29.58 18.21
CA ILE F 279 21.78 30.01 16.88
C ILE F 279 22.27 29.02 15.83
N THR F 280 21.33 28.43 15.09
CA THR F 280 21.67 27.46 14.06
C THR F 280 21.70 28.14 12.68
N VAL F 281 22.77 27.90 11.92
CA VAL F 281 22.98 28.58 10.65
C VAL F 281 23.19 27.64 9.45
N ALA F 282 22.30 27.75 8.48
CA ALA F 282 22.46 27.05 7.22
C ALA F 282 23.19 27.96 6.25
N GLY F 283 24.36 27.52 5.77
CA GLY F 283 25.14 28.32 4.85
C GLY F 283 24.76 27.99 3.41
N ARG F 284 24.95 28.95 2.51
CA ARG F 284 24.77 28.75 1.07
C ARG F 284 25.75 27.68 0.57
N ASP F 285 26.81 27.47 1.36
CA ASP F 285 27.83 26.45 1.12
C ASP F 285 27.40 25.06 1.59
N GLY F 286 26.10 24.89 1.83
CA GLY F 286 25.56 23.60 2.23
C GLY F 286 26.00 23.09 3.58
N LYS F 287 26.48 23.99 4.44
CA LYS F 287 26.91 23.56 5.76
C LYS F 287 25.97 24.08 6.86
N LEU F 288 26.04 23.39 7.99
CA LEU F 288 25.23 23.67 9.16
C LEU F 288 26.11 24.16 10.29
N TYR F 289 25.86 25.37 10.76
CA TYR F 289 26.69 25.94 11.79
C TYR F 289 25.91 26.09 13.08
N HIS F 290 26.59 25.95 14.21
CA HIS F 290 25.95 26.10 15.50
C HIS F 290 26.71 27.14 16.33
N ILE F 291 25.97 28.01 17.03
CA ILE F 291 26.56 28.97 17.96
C ILE F 291 25.91 28.82 19.33
N ARG F 292 26.66 28.28 20.29
CA ARG F 292 26.16 28.05 21.66
C ARG F 292 26.61 29.13 22.63
N ASN F 293 25.63 29.77 23.27
CA ASN F 293 25.84 30.84 24.24
C ASN F 293 26.85 31.89 23.78
N GLY F 294 26.57 32.55 22.67
CA GLY F 294 27.43 33.64 22.23
C GLY F 294 28.68 33.13 21.54
N GLU F 295 29.11 31.92 21.87
CA GLU F 295 30.33 31.38 21.28
C GLU F 295 29.99 30.54 20.06
N LEU F 296 30.79 30.66 19.00
CA LEU F 296 30.62 29.86 17.79
C LEU F 296 31.19 28.44 17.97
N SER F 297 30.33 27.43 17.82
CA SER F 297 30.74 26.04 18.00
C SER F 297 31.66 25.53 16.89
N GLN F 298 32.41 24.48 17.20
CA GLN F 298 33.33 23.88 16.23
C GLN F 298 32.65 22.77 15.41
N THR F 299 31.51 22.31 15.91
CA THR F 299 30.73 21.26 15.26
C THR F 299 30.05 21.72 13.96
N ILE F 300 30.60 21.30 12.81
CA ILE F 300 30.04 21.65 11.51
C ILE F 300 29.60 20.43 10.69
N ILE F 301 28.33 20.40 10.31
CA ILE F 301 27.76 19.29 9.55
C ILE F 301 27.65 19.64 8.06
N GLN F 302 28.16 18.77 7.22
CA GLN F 302 28.19 19.02 5.79
C GLN F 302 27.06 18.31 5.05
N LEU F 303 26.11 19.09 4.55
CA LEU F 303 24.97 18.51 3.83
C LEU F 303 25.20 18.40 2.33
N GLU F 304 24.46 17.49 1.71
CA GLU F 304 24.58 17.19 0.29
C GLU F 304 24.13 18.39 -0.56
N ALA F 305 22.82 18.62 -0.61
CA ALA F 305 22.27 19.71 -1.41
C ALA F 305 22.38 21.06 -0.70
N GLN F 306 21.71 22.08 -1.23
CA GLN F 306 21.74 23.39 -0.59
C GLN F 306 20.52 23.64 0.31
N PRO F 307 20.61 24.59 1.26
CA PRO F 307 19.52 24.91 2.19
C PRO F 307 18.30 25.47 1.51
N VAL F 308 17.13 25.25 2.11
CA VAL F 308 15.85 25.61 1.53
C VAL F 308 14.88 26.10 2.62
N GLY F 309 15.05 25.60 3.82
CA GLY F 309 14.26 26.01 4.96
C GLY F 309 14.95 25.47 6.22
N LEU F 310 14.70 26.13 7.34
CA LEU F 310 15.38 25.74 8.57
C LEU F 310 14.46 26.04 9.74
N VAL F 311 13.96 24.99 10.36
CA VAL F 311 12.98 25.16 11.42
C VAL F 311 13.44 24.57 12.75
N ARG F 312 13.29 25.34 13.81
CA ARG F 312 13.59 24.87 15.16
C ARG F 312 12.50 23.92 15.68
N LEU F 313 12.86 22.71 16.04
CA LEU F 313 11.85 21.86 16.66
C LEU F 313 12.19 21.62 18.13
N ALA F 314 11.57 20.59 18.72
CA ALA F 314 11.77 20.29 20.14
C ALA F 314 13.23 19.98 20.48
N LYS F 315 13.70 18.82 20.03
CA LYS F 315 15.04 18.35 20.38
C LYS F 315 16.12 18.72 19.34
N HIS F 316 15.74 19.37 18.24
CA HIS F 316 16.69 19.57 17.15
C HIS F 316 16.25 20.57 16.10
N VAL F 317 17.08 20.78 15.08
CA VAL F 317 16.71 21.65 13.96
C VAL F 317 16.41 20.81 12.73
N ALA F 318 15.42 21.25 11.96
CA ALA F 318 15.03 20.56 10.75
C ALA F 318 15.56 21.33 9.55
N VAL F 319 16.50 20.74 8.83
CA VAL F 319 17.00 21.35 7.59
C VAL F 319 16.40 20.66 6.39
N GLY F 320 15.93 21.47 5.44
CA GLY F 320 15.42 20.98 4.19
C GLY F 320 16.36 21.35 3.05
N CYS F 321 16.59 20.40 2.17
CA CYS F 321 17.57 20.57 1.12
C CYS F 321 16.94 20.68 -0.26
N MET F 322 17.77 21.06 -1.22
CA MET F 322 17.33 21.33 -2.57
C MET F 322 16.85 20.06 -3.25
N ASN F 323 17.38 18.92 -2.81
CA ASN F 323 16.95 17.62 -3.32
C ASN F 323 15.77 16.98 -2.60
N ASP F 324 14.85 17.80 -2.12
CA ASP F 324 13.57 17.32 -1.59
C ASP F 324 13.61 16.40 -0.38
N VAL F 325 14.53 16.68 0.54
CA VAL F 325 14.65 15.89 1.74
C VAL F 325 14.76 16.83 2.94
N VAL F 326 14.10 16.48 4.04
CA VAL F 326 14.28 17.23 5.28
C VAL F 326 15.13 16.36 6.20
N HIS F 327 16.11 16.98 6.86
CA HIS F 327 16.97 16.28 7.81
C HIS F 327 16.85 16.90 9.19
N ALA F 328 16.82 16.05 10.21
CA ALA F 328 16.74 16.51 11.58
C ALA F 328 18.10 16.38 12.27
N TYR F 329 18.65 17.50 12.74
CA TYR F 329 19.99 17.49 13.34
C TYR F 329 20.08 18.05 14.78
N THR F 330 20.59 17.22 15.70
CA THR F 330 20.92 17.60 17.08
C THR F 330 22.14 18.50 17.08
N PRO F 331 22.24 19.41 18.05
CA PRO F 331 23.45 20.25 18.19
C PRO F 331 24.73 19.42 18.23
N THR F 332 24.65 18.19 18.74
CA THR F 332 25.79 17.27 18.74
C THR F 332 26.19 16.94 17.31
N GLY F 333 25.23 16.97 16.41
CA GLY F 333 25.46 16.56 15.04
C GLY F 333 24.77 15.25 14.72
N HIS F 334 24.06 14.69 15.70
CA HIS F 334 23.32 13.45 15.48
C HIS F 334 22.19 13.65 14.49
N LYS F 335 21.93 12.64 13.67
CA LYS F 335 20.85 12.76 12.69
C LYS F 335 19.64 11.96 13.12
N SER F 336 18.69 12.65 13.74
CA SER F 336 17.50 12.01 14.28
C SER F 336 16.70 11.25 13.23
N TRP F 337 16.17 11.96 12.24
CA TRP F 337 15.45 11.33 11.14
C TRP F 337 15.66 12.04 9.81
N SER F 338 14.99 11.54 8.78
CA SER F 338 15.05 12.10 7.44
C SER F 338 13.72 11.91 6.76
N LEU F 339 13.26 12.95 6.09
CA LEU F 339 11.97 12.92 5.45
C LEU F 339 12.20 13.07 3.95
N TYR F 340 11.69 12.11 3.18
CA TYR F 340 11.94 12.14 1.75
C TYR F 340 10.67 12.55 1.01
N LEU F 341 10.76 13.66 0.28
CA LEU F 341 9.56 14.30 -0.24
C LEU F 341 9.40 14.17 -1.75
N PRO F 342 8.19 13.76 -2.17
CA PRO F 342 7.82 13.38 -3.54
C PRO F 342 8.03 14.51 -4.54
N CYS F 343 7.71 15.72 -4.12
CA CYS F 343 7.90 16.85 -4.98
C CYS F 343 8.87 17.80 -4.31
N HIS F 344 8.86 19.05 -4.73
CA HIS F 344 9.84 20.02 -4.24
C HIS F 344 9.37 20.87 -3.06
N ILE F 345 10.24 21.04 -2.08
CA ILE F 345 9.94 21.87 -0.93
C ILE F 345 9.91 23.33 -1.34
N LEU F 346 8.83 24.04 -1.04
CA LEU F 346 8.81 25.48 -1.32
C LEU F 346 8.93 26.30 -0.05
N ALA F 347 8.39 25.76 1.04
CA ALA F 347 8.27 26.49 2.30
C ALA F 347 8.20 25.56 3.47
N MET F 348 8.85 25.96 4.55
CA MET F 348 8.85 25.23 5.81
C MET F 348 8.47 26.16 6.97
N GLN F 349 7.99 25.59 8.06
CA GLN F 349 7.56 26.41 9.19
C GLN F 349 7.34 25.59 10.45
N ARG F 350 7.68 26.15 11.62
CA ARG F 350 7.39 25.49 12.91
C ARG F 350 5.92 25.60 13.26
N MET F 351 5.34 24.52 13.75
CA MET F 351 3.95 24.54 14.17
C MET F 351 3.90 24.11 15.63
N GLU F 352 3.95 25.09 16.50
CA GLU F 352 4.04 24.85 17.92
C GLU F 352 2.68 24.86 18.60
N VAL F 353 2.18 23.70 18.98
CA VAL F 353 0.88 23.62 19.64
C VAL F 353 1.02 23.46 21.15
N THR F 354 0.57 24.46 21.91
CA THR F 354 0.74 24.38 23.37
C THR F 354 -0.42 23.67 24.05
N GLY F 355 -0.27 23.44 25.35
CA GLY F 355 -1.32 22.84 26.13
C GLY F 355 -1.06 21.37 26.31
N GLN F 356 -2.13 20.61 26.47
CA GLN F 356 -2.02 19.18 26.72
C GLN F 356 -1.37 18.55 25.53
N ARG F 357 -1.68 19.02 24.34
CA ARG F 357 -1.18 18.38 23.14
C ARG F 357 0.32 18.59 22.96
N ASN F 358 0.81 19.73 23.43
CA ASN F 358 2.24 20.03 23.48
C ASN F 358 3.15 19.38 22.45
N THR F 359 2.93 19.63 21.17
CA THR F 359 3.82 19.09 20.13
C THR F 359 4.41 20.20 19.31
N LYS F 360 5.61 20.00 18.79
CA LYS F 360 6.18 21.01 17.90
C LYS F 360 6.34 20.44 16.51
N ALA F 361 5.28 20.55 15.71
CA ALA F 361 5.23 19.95 14.39
C ALA F 361 6.03 20.73 13.35
N LEU F 362 6.07 20.18 12.14
CA LEU F 362 6.80 20.79 11.06
C LEU F 362 5.84 20.86 9.90
N ILE F 363 5.78 22.02 9.28
CA ILE F 363 4.94 22.16 8.13
C ILE F 363 5.86 22.30 6.92
N VAL F 364 5.67 21.42 5.94
CA VAL F 364 6.36 21.58 4.67
C VAL F 364 5.29 21.71 3.62
N ALA F 365 5.48 22.72 2.77
CA ALA F 365 4.61 22.93 1.64
C ALA F 365 5.38 22.57 0.38
N LEU F 366 4.73 21.79 -0.48
CA LEU F 366 5.40 21.36 -1.69
C LEU F 366 4.82 22.05 -2.93
N SER F 367 5.69 22.27 -3.92
CA SER F 367 5.33 22.94 -5.16
C SER F 367 4.34 22.12 -5.95
N ASN F 368 4.04 20.91 -5.52
CA ASN F 368 3.03 20.13 -6.19
C ASN F 368 1.67 20.48 -5.60
N GLY F 369 1.68 21.53 -4.77
CA GLY F 369 0.47 22.10 -4.21
C GLY F 369 0.07 21.71 -2.78
N GLU F 370 0.65 20.62 -2.28
CA GLU F 370 0.32 20.13 -0.96
C GLU F 370 1.12 20.77 0.18
N VAL F 371 0.42 20.86 1.31
CA VAL F 371 0.96 21.33 2.57
C VAL F 371 0.81 20.18 3.58
N ARG F 372 1.95 19.78 4.16
CA ARG F 372 2.05 18.62 5.04
C ARG F 372 2.51 19.02 6.45
N VAL F 373 1.90 18.36 7.43
CA VAL F 373 2.23 18.57 8.82
C VAL F 373 2.88 17.32 9.37
N TYR F 374 4.14 17.44 9.76
CA TYR F 374 4.85 16.32 10.38
C TYR F 374 5.03 16.44 11.88
N ASN F 375 4.55 15.42 12.58
CA ASN F 375 4.84 15.25 13.99
C ASN F 375 6.03 14.33 14.10
N GLU F 376 7.20 14.90 14.35
CA GLU F 376 8.46 14.17 14.21
C GLU F 376 8.53 13.51 12.83
N LYS F 377 8.50 12.18 12.77
CA LYS F 377 8.59 11.47 11.49
C LYS F 377 7.22 11.17 10.90
N LEU F 378 6.16 11.41 11.68
CA LEU F 378 4.82 10.93 11.36
C LEU F 378 3.99 11.93 10.55
N LEU F 379 3.57 11.55 9.35
CA LEU F 379 2.71 12.44 8.56
C LEU F 379 1.37 12.55 9.25
N VAL F 380 0.96 13.76 9.58
CA VAL F 380 -0.15 13.92 10.49
C VAL F 380 -1.31 14.58 9.79
N SER F 381 -0.99 15.44 8.82
CA SER F 381 -2.02 16.05 7.98
C SER F 381 -1.46 16.52 6.64
N VAL F 382 -2.30 16.41 5.60
CA VAL F 382 -2.00 16.93 4.26
C VAL F 382 -3.23 17.55 3.67
N HIS F 383 -3.06 18.73 3.07
CA HIS F 383 -4.13 19.37 2.31
C HIS F 383 -3.42 20.05 1.15
N VAL F 384 -4.20 20.46 0.13
CA VAL F 384 -3.57 21.00 -1.08
C VAL F 384 -4.07 22.41 -1.43
N SER F 385 -3.17 23.39 -1.52
CA SER F 385 -3.59 24.72 -1.95
C SER F 385 -3.57 24.81 -3.48
N PRO F 386 -4.64 25.36 -4.08
CA PRO F 386 -4.76 25.59 -5.52
C PRO F 386 -3.50 26.22 -6.11
N ASN F 387 -2.80 26.98 -5.31
CA ASN F 387 -1.58 27.57 -5.77
C ASN F 387 -0.44 27.29 -4.82
N PRO F 388 0.78 27.27 -5.37
CA PRO F 388 1.99 27.05 -4.57
C PRO F 388 2.22 28.11 -3.48
N VAL F 389 2.43 27.63 -2.26
CA VAL F 389 2.67 28.47 -1.11
C VAL F 389 4.05 29.11 -1.10
N THR F 390 4.09 30.43 -1.12
CA THR F 390 5.35 31.14 -0.89
C THR F 390 5.59 31.51 0.60
N ALA F 391 4.52 31.58 1.39
CA ALA F 391 4.64 31.97 2.80
C ALA F 391 3.69 31.23 3.75
N LEU F 392 4.27 30.80 4.88
CA LEU F 392 3.58 30.04 5.91
C LEU F 392 3.73 30.66 7.27
N TRP F 393 2.63 30.89 7.97
CA TRP F 393 2.71 31.31 9.34
C TRP F 393 1.75 30.49 10.18
N PHE F 394 2.26 29.93 11.26
CA PHE F 394 1.40 29.28 12.24
C PHE F 394 1.53 29.98 13.57
N GLY F 395 0.41 30.45 14.09
CA GLY F 395 0.42 31.15 15.34
C GLY F 395 -0.95 31.71 15.66
N ARG F 396 -0.97 32.70 16.54
CA ARG F 396 -2.21 33.31 16.93
C ARG F 396 -2.53 34.40 15.91
N TYR F 397 -3.77 34.39 15.47
CA TYR F 397 -4.27 35.38 14.56
C TYR F 397 -5.73 35.51 14.92
N GLY F 398 -6.22 36.74 14.99
CA GLY F 398 -7.52 36.98 15.58
C GLY F 398 -7.43 36.57 17.05
N ARG F 399 -8.53 36.07 17.56
CA ARG F 399 -8.54 35.57 18.92
C ARG F 399 -8.26 34.07 18.99
N GLU F 400 -7.66 33.50 17.94
CA GLU F 400 -7.42 32.06 17.91
C GLU F 400 -5.96 31.65 17.91
N ASP F 401 -5.63 30.78 18.86
CA ASP F 401 -4.25 30.42 19.07
C ASP F 401 -3.64 29.62 17.93
N ASN F 402 -4.35 28.61 17.45
CA ASN F 402 -3.72 27.71 16.48
C ASN F 402 -4.17 27.87 15.01
N THR F 403 -3.62 28.91 14.38
CA THR F 403 -4.00 29.31 13.05
C THR F 403 -2.87 29.17 12.04
N LEU F 404 -3.17 28.54 10.90
CA LEU F 404 -2.23 28.46 9.79
C LEU F 404 -2.65 29.47 8.71
N LEU F 405 -1.78 30.43 8.45
CA LEU F 405 -2.03 31.43 7.42
C LEU F 405 -1.03 31.12 6.35
N ALA F 406 -1.49 30.98 5.10
CA ALA F 406 -0.59 30.73 3.98
C ALA F 406 -0.85 31.67 2.82
N ILE F 407 0.23 32.17 2.22
CA ILE F 407 0.16 33.08 1.08
C ILE F 407 0.65 32.36 -0.17
N THR F 408 -0.17 32.33 -1.22
CA THR F 408 0.21 31.61 -2.45
C THR F 408 0.89 32.50 -3.51
N LYS F 409 1.57 31.87 -4.47
CA LYS F 409 2.24 32.58 -5.56
C LYS F 409 1.21 33.37 -6.37
N SER F 410 -0.05 32.92 -6.35
CA SER F 410 -1.14 33.65 -6.98
C SER F 410 -1.58 34.81 -6.10
N GLY F 411 -0.89 35.01 -4.98
CA GLY F 411 -1.20 36.09 -4.06
C GLY F 411 -2.37 35.86 -3.09
N ALA F 412 -2.92 34.65 -3.09
CA ALA F 412 -4.08 34.37 -2.26
C ALA F 412 -3.72 34.19 -0.80
N LEU F 413 -4.70 34.47 0.04
CA LEU F 413 -4.56 34.28 1.46
C LEU F 413 -5.54 33.20 1.85
N ASP F 414 -5.03 32.13 2.46
CA ASP F 414 -5.90 31.09 2.99
C ASP F 414 -5.55 30.92 4.45
N ILE F 415 -6.59 30.90 5.27
CA ILE F 415 -6.43 30.79 6.71
C ILE F 415 -7.17 29.55 7.19
N LYS F 416 -6.46 28.69 7.91
CA LYS F 416 -7.03 27.48 8.48
C LYS F 416 -6.77 27.46 9.97
N MET F 417 -7.62 26.75 10.70
CA MET F 417 -7.42 26.65 12.12
C MET F 417 -7.57 25.24 12.68
N LEU F 418 -6.73 24.89 13.66
CA LEU F 418 -6.71 23.53 14.20
C LEU F 418 -7.77 23.24 15.25
N PRO F 419 -8.66 22.26 14.99
CA PRO F 419 -9.68 21.87 15.98
C PRO F 419 -9.09 21.62 17.36
N ARG F 420 -9.93 21.80 18.38
CA ARG F 420 -9.48 21.72 19.76
C ARG F 420 -9.13 20.28 20.00
N THR F 421 -9.94 19.38 19.44
CA THR F 421 -9.92 17.95 19.75
C THR F 421 -8.99 17.20 18.78
N ALA F 422 -8.34 17.94 17.89
CA ALA F 422 -7.49 17.31 16.89
C ALA F 422 -6.24 16.74 17.52
N ASN F 423 -6.05 15.43 17.40
CA ASN F 423 -4.82 14.81 17.87
C ASN F 423 -3.76 14.83 16.77
N LEU F 424 -2.51 14.93 17.16
CA LEU F 424 -1.40 14.97 16.22
C LEU F 424 -0.51 13.77 16.50
N GLU F 425 -1.13 12.78 17.16
CA GLU F 425 -0.46 11.61 17.76
C GLU F 425 0.87 11.89 18.49
N SER G 4 36.66 -40.72 -34.07
CA SER G 4 36.67 -39.49 -33.29
C SER G 4 35.66 -39.54 -32.12
N LYS G 5 35.42 -38.39 -31.50
CA LYS G 5 34.39 -38.26 -30.47
C LYS G 5 33.44 -37.13 -30.85
N LYS G 6 32.13 -37.38 -30.77
CA LYS G 6 31.17 -36.36 -31.22
C LYS G 6 30.72 -35.40 -30.12
N VAL G 7 30.90 -34.10 -30.35
CA VAL G 7 30.43 -33.08 -29.40
C VAL G 7 29.70 -31.91 -30.07
N ASN G 8 28.68 -31.40 -29.39
CA ASN G 8 27.90 -30.28 -29.88
C ASN G 8 28.40 -28.94 -29.36
N VAL G 9 28.73 -28.03 -30.26
CA VAL G 9 29.20 -26.73 -29.81
C VAL G 9 28.22 -25.65 -30.24
N LEU G 10 27.48 -25.11 -29.27
CA LEU G 10 26.51 -24.02 -29.47
C LEU G 10 27.23 -22.67 -29.48
N VAL G 11 27.08 -21.94 -30.57
CA VAL G 11 27.76 -20.66 -30.72
C VAL G 11 26.76 -19.51 -30.71
N VAL G 12 26.85 -18.69 -29.67
CA VAL G 12 25.90 -17.61 -29.44
C VAL G 12 26.62 -16.31 -29.14
N GLY G 13 25.88 -15.21 -29.18
CA GLY G 13 26.45 -13.88 -29.04
C GLY G 13 25.53 -12.90 -29.74
N LEU G 14 25.64 -11.62 -29.43
CA LEU G 14 24.74 -10.68 -30.06
C LEU G 14 25.04 -10.60 -31.55
N ASP G 15 24.11 -10.05 -32.34
CA ASP G 15 24.31 -10.01 -33.78
C ASP G 15 25.52 -9.16 -34.13
N ASN G 16 26.17 -9.55 -35.22
CA ASN G 16 27.31 -8.84 -35.76
C ASN G 16 28.53 -8.86 -34.86
N SER G 17 28.54 -9.78 -33.91
CA SER G 17 29.67 -9.89 -33.01
C SER G 17 30.85 -10.61 -33.70
N GLY G 18 30.55 -11.35 -34.76
CA GLY G 18 31.58 -12.05 -35.50
C GLY G 18 31.57 -13.55 -35.26
N LYS G 19 30.39 -14.11 -35.03
CA LYS G 19 30.25 -15.55 -34.79
C LYS G 19 30.59 -16.42 -36.01
N THR G 20 29.84 -16.20 -37.09
CA THR G 20 29.97 -17.00 -38.29
C THR G 20 31.39 -16.90 -38.83
N THR G 21 31.91 -15.69 -38.82
CA THR G 21 33.30 -15.41 -39.21
C THR G 21 34.31 -16.24 -38.39
N ILE G 22 34.12 -16.35 -37.07
CA ILE G 22 35.05 -17.13 -36.27
C ILE G 22 34.94 -18.62 -36.61
N ILE G 23 33.77 -19.05 -37.08
CA ILE G 23 33.60 -20.45 -37.45
C ILE G 23 34.28 -20.75 -38.79
N GLU G 24 34.39 -19.76 -39.67
CA GLU G 24 35.15 -19.93 -40.91
C GLU G 24 36.60 -20.24 -40.63
N ARG G 25 37.26 -19.50 -39.73
CA ARG G 25 38.67 -19.77 -39.41
C ARG G 25 38.91 -21.14 -38.76
N LEU G 26 37.84 -21.91 -38.55
CA LEU G 26 37.99 -23.27 -38.03
C LEU G 26 37.86 -24.28 -39.15
N LYS G 27 37.56 -23.77 -40.33
CA LYS G 27 37.50 -24.65 -41.48
C LYS G 27 38.93 -24.75 -42.07
N PRO G 28 39.17 -25.80 -42.89
CA PRO G 28 40.47 -25.96 -43.54
C PRO G 28 40.84 -24.71 -44.35
N ARG G 29 42.09 -24.25 -44.24
CA ARG G 29 42.51 -23.01 -44.90
C ARG G 29 42.03 -22.76 -46.37
N PRO G 30 41.92 -23.82 -47.21
CA PRO G 30 41.28 -23.68 -48.54
C PRO G 30 39.76 -23.66 -48.52
N ARG G 31 39.15 -24.24 -47.48
CA ARG G 31 37.69 -24.34 -47.38
C ARG G 31 36.99 -23.01 -47.07
N GLN G 32 37.70 -22.10 -46.42
CA GLN G 32 37.15 -20.84 -45.91
C GLN G 32 36.60 -19.96 -47.04
N ALA G 33 35.55 -19.20 -46.72
CA ALA G 33 34.90 -18.33 -47.71
C ALA G 33 35.38 -16.89 -47.51
N ALA G 34 35.11 -16.04 -48.50
CA ALA G 34 35.66 -14.68 -48.52
C ALA G 34 34.94 -13.71 -47.58
N GLU G 35 33.77 -13.22 -48.01
CA GLU G 35 32.88 -12.44 -47.16
C GLU G 35 31.96 -13.41 -46.42
N VAL G 36 31.32 -12.95 -45.34
CA VAL G 36 30.36 -13.79 -44.61
C VAL G 36 29.00 -13.10 -44.37
N ALA G 37 27.93 -13.82 -44.69
CA ALA G 37 26.56 -13.30 -44.61
C ALA G 37 25.98 -13.28 -43.18
N PRO G 38 25.14 -12.28 -42.88
CA PRO G 38 24.37 -12.31 -41.63
C PRO G 38 23.58 -13.60 -41.52
N THR G 39 23.92 -14.46 -40.54
CA THR G 39 23.25 -15.75 -40.38
C THR G 39 21.74 -15.56 -40.38
N VAL G 40 21.04 -16.47 -41.05
CA VAL G 40 19.59 -16.39 -41.14
C VAL G 40 18.98 -17.53 -40.34
N GLY G 41 18.43 -17.19 -39.16
CA GLY G 41 17.98 -18.18 -38.22
C GLY G 41 19.16 -18.85 -37.55
N PHE G 42 19.66 -19.91 -38.21
CA PHE G 42 20.80 -20.70 -37.76
C PHE G 42 21.27 -21.68 -38.85
N THR G 43 22.52 -22.14 -38.74
CA THR G 43 23.15 -23.05 -39.70
C THR G 43 24.09 -24.04 -39.01
N VAL G 44 23.75 -25.32 -39.07
CA VAL G 44 24.63 -26.39 -38.56
C VAL G 44 25.76 -26.81 -39.51
N ASP G 45 26.98 -26.83 -38.98
CA ASP G 45 28.13 -27.28 -39.77
C ASP G 45 28.98 -28.23 -38.92
N GLU G 46 30.06 -28.76 -39.50
CA GLU G 46 30.93 -29.69 -38.77
C GLU G 46 32.37 -29.28 -38.91
N VAL G 47 33.15 -29.58 -37.89
CA VAL G 47 34.55 -29.20 -37.84
C VAL G 47 35.28 -30.27 -37.06
N GLU G 48 36.41 -30.68 -37.59
CA GLU G 48 37.22 -31.67 -36.94
C GLU G 48 38.29 -30.95 -36.14
N LYS G 49 38.64 -31.52 -34.98
CA LYS G 49 39.75 -31.03 -34.20
C LYS G 49 40.30 -32.18 -33.38
N GLY G 50 41.29 -32.86 -33.93
CA GLY G 50 41.90 -34.01 -33.27
C GLY G 50 40.92 -35.16 -33.16
N PRO G 51 40.89 -35.83 -32.00
CA PRO G 51 39.99 -36.96 -31.72
C PRO G 51 38.53 -36.54 -31.63
N LEU G 52 38.26 -35.27 -31.89
CA LEU G 52 36.93 -34.70 -31.73
C LEU G 52 36.36 -34.20 -33.04
N THR G 53 35.10 -34.53 -33.32
CA THR G 53 34.41 -33.90 -34.42
C THR G 53 33.29 -33.01 -33.87
N PHE G 54 33.37 -31.72 -34.17
CA PHE G 54 32.42 -30.74 -33.65
C PHE G 54 31.20 -30.61 -34.53
N THR G 55 30.03 -30.86 -33.97
CA THR G 55 28.80 -30.47 -34.62
C THR G 55 28.44 -29.09 -34.12
N VAL G 56 28.55 -28.10 -35.01
CA VAL G 56 28.46 -26.68 -34.65
C VAL G 56 27.16 -25.99 -35.05
N PHE G 57 26.43 -25.54 -34.03
CA PHE G 57 25.23 -24.74 -34.20
C PHE G 57 25.56 -23.24 -34.20
N ASP G 58 25.55 -22.65 -35.39
CA ASP G 58 25.86 -21.25 -35.59
C ASP G 58 24.55 -20.48 -35.58
N MET G 59 24.23 -19.78 -34.50
CA MET G 59 22.95 -19.06 -34.42
C MET G 59 23.01 -17.61 -34.94
N SER G 60 21.85 -17.06 -35.27
CA SER G 60 21.73 -15.61 -35.48
C SER G 60 21.69 -14.93 -34.12
N GLY G 61 22.34 -13.77 -34.00
CA GLY G 61 22.37 -13.09 -32.71
C GLY G 61 21.53 -11.84 -32.75
N ALA G 62 20.78 -11.69 -33.83
CA ALA G 62 19.82 -10.61 -33.99
C ALA G 62 18.63 -10.87 -33.08
N GLY G 63 17.95 -9.79 -32.72
CA GLY G 63 16.84 -9.90 -31.81
C GLY G 63 15.82 -10.95 -32.18
N ARG G 64 15.21 -10.79 -33.36
CA ARG G 64 14.14 -11.67 -33.81
C ARG G 64 14.49 -13.13 -33.66
N TYR G 65 15.77 -13.43 -33.71
CA TYR G 65 16.19 -14.82 -33.79
C TYR G 65 16.69 -15.38 -32.46
N ARG G 66 16.86 -14.53 -31.46
CA ARG G 66 17.41 -14.95 -30.16
C ARG G 66 16.58 -16.00 -29.41
N THR G 67 15.30 -16.10 -29.75
CA THR G 67 14.43 -17.08 -29.12
C THR G 67 14.78 -18.52 -29.55
N LEU G 68 15.74 -18.66 -30.44
CA LEU G 68 16.13 -19.97 -30.92
C LEU G 68 17.28 -20.60 -30.14
N TRP G 69 18.09 -19.77 -29.49
CA TRP G 69 19.24 -20.31 -28.80
C TRP G 69 18.79 -21.46 -27.89
N GLU G 70 17.62 -21.31 -27.26
CA GLU G 70 17.19 -22.33 -26.31
C GLU G 70 16.82 -23.65 -26.97
N GLN G 71 16.52 -23.66 -28.27
CA GLN G 71 16.20 -24.92 -28.92
C GLN G 71 17.42 -25.85 -28.90
N TYR G 72 18.61 -25.28 -28.79
CA TYR G 72 19.82 -26.09 -28.85
C TYR G 72 20.54 -26.22 -27.52
N TYR G 73 19.95 -25.66 -26.47
CA TYR G 73 20.55 -25.72 -25.14
C TYR G 73 20.72 -27.11 -24.55
N ARG G 74 19.70 -27.95 -24.67
CA ARG G 74 19.72 -29.23 -23.98
C ARG G 74 20.90 -30.06 -24.43
N GLU G 75 21.13 -30.02 -25.74
CA GLU G 75 22.08 -30.86 -26.42
C GLU G 75 23.53 -30.37 -26.34
N ALA G 76 23.72 -29.08 -26.09
CA ALA G 76 25.06 -28.47 -26.10
C ALA G 76 26.03 -29.13 -25.11
N ASP G 77 27.28 -29.27 -25.54
CA ASP G 77 28.29 -29.91 -24.72
C ASP G 77 29.35 -28.88 -24.41
N ALA G 78 29.21 -27.74 -25.05
CA ALA G 78 30.08 -26.59 -24.83
C ALA G 78 29.44 -25.39 -25.53
N VAL G 79 29.79 -24.21 -25.08
CA VAL G 79 29.25 -22.98 -25.65
C VAL G 79 30.41 -22.06 -25.98
N VAL G 80 30.36 -21.49 -27.18
CA VAL G 80 31.28 -20.43 -27.53
C VAL G 80 30.41 -19.19 -27.54
N PHE G 81 30.82 -18.16 -26.82
CA PHE G 81 30.04 -16.92 -26.72
C PHE G 81 30.83 -15.73 -27.29
N VAL G 82 30.36 -15.20 -28.43
CA VAL G 82 31.13 -14.17 -29.14
C VAL G 82 30.71 -12.75 -28.74
N VAL G 83 31.72 -11.94 -28.46
CA VAL G 83 31.54 -10.57 -28.03
C VAL G 83 32.39 -9.69 -28.91
N ASP G 84 31.79 -8.65 -29.50
CA ASP G 84 32.51 -7.61 -30.25
C ASP G 84 33.20 -6.64 -29.28
N SER G 85 34.52 -6.73 -29.11
CA SER G 85 35.27 -5.91 -28.12
C SER G 85 35.05 -4.40 -28.30
N ALA G 86 34.59 -4.01 -29.49
CA ALA G 86 34.41 -2.62 -29.79
C ALA G 86 33.00 -2.10 -29.55
N ASP G 87 32.07 -2.98 -29.19
CA ASP G 87 30.70 -2.58 -28.91
C ASP G 87 30.39 -2.36 -27.42
N LYS G 88 30.84 -1.25 -26.85
CA LYS G 88 30.66 -0.99 -25.43
C LYS G 88 29.17 -0.88 -25.14
N LEU G 89 28.47 -0.21 -26.05
CA LEU G 89 27.04 0.00 -25.92
C LEU G 89 26.30 -1.29 -25.50
N ARG G 90 26.38 -2.35 -26.29
CA ARG G 90 25.51 -3.51 -26.00
C ARG G 90 26.03 -4.57 -24.99
N MET G 91 27.07 -4.25 -24.21
CA MET G 91 27.66 -5.22 -23.27
C MET G 91 26.60 -5.70 -22.33
N VAL G 92 25.74 -4.78 -21.94
CA VAL G 92 24.67 -5.10 -21.03
C VAL G 92 23.65 -6.00 -21.75
N VAL G 93 23.31 -5.71 -23.00
CA VAL G 93 22.43 -6.62 -23.74
C VAL G 93 23.11 -8.00 -23.85
N ALA G 94 24.41 -8.00 -24.14
CA ALA G 94 25.17 -9.23 -24.16
C ALA G 94 25.04 -9.95 -22.83
N ARG G 95 25.20 -9.22 -21.73
CA ARG G 95 25.16 -9.84 -20.41
C ARG G 95 23.78 -10.41 -20.11
N ASP G 96 22.73 -9.69 -20.47
CA ASP G 96 21.36 -10.16 -20.22
C ASP G 96 21.14 -11.46 -20.95
N GLU G 97 21.51 -11.50 -22.23
CA GLU G 97 21.31 -12.72 -22.99
C GLU G 97 22.17 -13.88 -22.45
N MET G 98 23.40 -13.57 -22.06
CA MET G 98 24.28 -14.57 -21.47
C MET G 98 23.68 -15.13 -20.19
N GLU G 99 23.16 -14.24 -19.35
CA GLU G 99 22.65 -14.64 -18.05
C GLU G 99 21.41 -15.50 -18.24
N HIS G 100 20.53 -15.11 -19.16
CA HIS G 100 19.32 -15.89 -19.42
C HIS G 100 19.65 -17.28 -19.93
N MET G 101 20.77 -17.41 -20.63
CA MET G 101 21.23 -18.71 -21.06
C MET G 101 21.66 -19.56 -19.86
N LEU G 102 22.54 -19.01 -19.02
CA LEU G 102 23.01 -19.72 -17.85
C LEU G 102 21.84 -20.11 -16.93
N LYS G 103 20.88 -19.20 -16.81
CA LYS G 103 19.71 -19.45 -16.00
C LYS G 103 18.91 -20.65 -16.49
N HIS G 104 18.73 -20.75 -17.81
CA HIS G 104 17.85 -21.74 -18.47
C HIS G 104 18.05 -23.16 -17.98
N SER G 105 16.97 -23.89 -17.73
CA SER G 105 17.12 -25.17 -17.04
C SER G 105 17.75 -26.23 -17.92
N ASN G 106 17.80 -25.98 -19.22
CA ASN G 106 18.32 -26.95 -20.16
C ASN G 106 19.82 -26.86 -20.30
N MET G 107 20.37 -25.69 -20.01
CA MET G 107 21.80 -25.47 -20.16
C MET G 107 22.56 -26.12 -19.03
N ARG G 108 23.18 -27.24 -19.33
CA ARG G 108 23.98 -27.97 -18.36
C ARG G 108 25.24 -27.19 -18.07
N LYS G 109 25.98 -27.60 -17.05
CA LYS G 109 27.17 -26.83 -16.67
C LYS G 109 28.37 -27.16 -17.55
N VAL G 110 28.15 -27.13 -18.86
CA VAL G 110 29.20 -27.39 -19.86
C VAL G 110 30.09 -26.13 -20.00
N PRO G 111 31.34 -26.30 -20.50
CA PRO G 111 32.32 -25.19 -20.58
C PRO G 111 31.88 -24.02 -21.46
N ILE G 112 32.24 -22.79 -21.10
CA ILE G 112 31.95 -21.68 -21.99
C ILE G 112 33.24 -20.99 -22.35
N LEU G 113 33.38 -20.70 -23.64
CA LEU G 113 34.54 -19.97 -24.13
C LEU G 113 34.07 -18.66 -24.74
N TYR G 114 34.57 -17.56 -24.19
CA TYR G 114 34.18 -16.24 -24.65
C TYR G 114 35.25 -15.72 -25.57
N PHE G 115 34.84 -15.37 -26.78
CA PHE G 115 35.76 -14.69 -27.65
C PHE G 115 35.57 -13.19 -27.51
N ALA G 116 36.61 -12.52 -27.06
CA ALA G 116 36.64 -11.07 -27.13
C ALA G 116 36.99 -10.72 -28.57
N ASN G 117 36.00 -10.84 -29.45
CA ASN G 117 36.22 -10.74 -30.88
C ASN G 117 36.52 -9.30 -31.32
N LYS G 118 36.99 -9.13 -32.56
CA LYS G 118 37.35 -7.82 -33.09
C LYS G 118 38.39 -7.08 -32.23
N LYS G 119 39.35 -7.81 -31.67
CA LYS G 119 40.44 -7.25 -30.86
C LYS G 119 41.24 -6.21 -31.65
N ASP G 120 41.14 -6.30 -32.96
CA ASP G 120 41.86 -5.47 -33.90
C ASP G 120 41.35 -4.04 -34.00
N LEU G 121 40.09 -3.82 -33.62
CA LEU G 121 39.46 -2.52 -33.80
C LEU G 121 40.06 -1.50 -32.82
N PRO G 122 39.97 -0.19 -33.15
CA PRO G 122 40.72 0.82 -32.38
C PRO G 122 40.22 0.96 -30.95
N VAL G 123 38.90 0.94 -30.83
CA VAL G 123 38.18 1.15 -29.59
C VAL G 123 37.92 -0.14 -28.80
N ALA G 124 38.60 -1.21 -29.21
CA ALA G 124 38.38 -2.54 -28.64
C ALA G 124 38.57 -2.58 -27.13
N MET G 125 37.66 -3.27 -26.46
CA MET G 125 37.75 -3.36 -25.03
C MET G 125 38.76 -4.45 -24.67
N PRO G 126 39.67 -4.14 -23.73
CA PRO G 126 40.54 -5.18 -23.16
C PRO G 126 39.66 -6.31 -22.61
N PRO G 127 40.07 -7.57 -22.84
CA PRO G 127 39.40 -8.74 -22.30
C PRO G 127 39.01 -8.61 -20.85
N VAL G 128 39.90 -8.06 -20.03
CA VAL G 128 39.66 -8.00 -18.60
C VAL G 128 38.44 -7.10 -18.29
N GLU G 129 38.37 -5.97 -18.98
CA GLU G 129 37.21 -5.08 -18.84
C GLU G 129 35.92 -5.72 -19.33
N ILE G 130 35.99 -6.59 -20.33
CA ILE G 130 34.80 -7.31 -20.81
C ILE G 130 34.33 -8.28 -19.75
N ALA G 131 35.29 -8.95 -19.12
CA ALA G 131 34.97 -9.90 -18.06
C ALA G 131 34.33 -9.18 -16.88
N GLN G 132 34.64 -7.88 -16.74
CA GLN G 132 34.00 -7.05 -15.74
C GLN G 132 32.55 -6.87 -16.13
N ALA G 133 32.36 -6.27 -17.31
CA ALA G 133 31.05 -5.94 -17.85
C ALA G 133 30.08 -7.11 -17.86
N LEU G 134 30.55 -8.25 -18.33
CA LEU G 134 29.69 -9.42 -18.38
C LEU G 134 29.67 -10.08 -17.02
N GLY G 135 30.56 -9.66 -16.12
CA GLY G 135 30.62 -10.22 -14.79
C GLY G 135 30.96 -11.70 -14.74
N LEU G 136 31.94 -12.12 -15.53
CA LEU G 136 32.26 -13.53 -15.69
C LEU G 136 32.79 -14.20 -14.41
N ASP G 137 33.36 -13.41 -13.51
CA ASP G 137 33.95 -13.96 -12.29
C ASP G 137 32.93 -14.58 -11.38
N ASP G 138 31.68 -14.17 -11.53
CA ASP G 138 30.58 -14.78 -10.81
C ASP G 138 30.33 -16.21 -11.29
N ILE G 139 30.85 -16.55 -12.46
CA ILE G 139 30.72 -17.92 -12.96
C ILE G 139 31.70 -18.84 -12.24
N LYS G 140 31.17 -19.67 -11.35
CA LYS G 140 31.99 -20.55 -10.52
C LYS G 140 31.50 -21.98 -10.47
N ASP G 141 30.68 -22.39 -11.44
CA ASP G 141 30.18 -23.76 -11.45
C ASP G 141 30.45 -24.44 -12.79
N ARG G 142 31.09 -23.70 -13.68
CA ARG G 142 31.45 -24.17 -15.01
C ARG G 142 32.86 -23.72 -15.27
N PRO G 143 33.56 -24.47 -16.12
CA PRO G 143 34.84 -24.00 -16.66
C PRO G 143 34.58 -22.87 -17.65
N TRP G 144 35.25 -21.74 -17.49
CA TRP G 144 35.11 -20.70 -18.51
C TRP G 144 36.45 -20.06 -18.82
N GLN G 145 36.50 -19.33 -19.93
CA GLN G 145 37.74 -18.72 -20.36
C GLN G 145 37.44 -17.62 -21.37
N ILE G 146 38.17 -16.52 -21.28
CA ILE G 146 37.96 -15.47 -22.26
C ILE G 146 39.25 -15.17 -23.01
N VAL G 147 39.12 -15.14 -24.35
CA VAL G 147 40.24 -15.09 -25.26
C VAL G 147 40.01 -14.02 -26.31
N PRO G 148 40.94 -13.03 -26.37
CA PRO G 148 40.88 -11.94 -27.36
C PRO G 148 41.02 -12.50 -28.78
N SER G 149 40.34 -11.93 -29.77
CA SER G 149 40.39 -12.57 -31.09
C SER G 149 40.16 -11.65 -32.30
N ASN G 150 40.88 -11.96 -33.39
CA ASN G 150 40.60 -11.38 -34.69
C ASN G 150 40.06 -12.47 -35.60
N GLY G 151 38.80 -12.32 -36.00
CA GLY G 151 38.12 -13.32 -36.80
C GLY G 151 38.41 -13.11 -38.28
N LEU G 152 38.82 -11.89 -38.63
CA LEU G 152 39.21 -11.62 -39.99
C LEU G 152 40.47 -12.45 -40.28
N THR G 153 41.48 -12.27 -39.46
CA THR G 153 42.68 -13.04 -39.65
C THR G 153 42.51 -14.48 -39.19
N GLY G 154 41.88 -14.67 -38.04
CA GLY G 154 41.87 -15.99 -37.43
C GLY G 154 42.81 -15.97 -36.23
N GLU G 155 43.44 -14.83 -35.99
CA GLU G 155 44.29 -14.64 -34.81
C GLU G 155 43.59 -14.97 -33.50
N GLY G 156 44.21 -15.81 -32.67
CA GLY G 156 43.66 -16.13 -31.37
C GLY G 156 42.63 -17.25 -31.36
N VAL G 157 41.85 -17.34 -32.45
CA VAL G 157 40.76 -18.31 -32.58
C VAL G 157 41.17 -19.76 -32.28
N ASP G 158 42.34 -20.16 -32.77
CA ASP G 158 42.81 -21.52 -32.61
C ASP G 158 43.18 -21.73 -31.14
N LYS G 159 43.84 -20.72 -30.57
CA LYS G 159 44.23 -20.73 -29.17
C LYS G 159 43.03 -21.05 -28.26
N GLY G 160 41.92 -20.36 -28.49
CA GLY G 160 40.67 -20.57 -27.80
C GLY G 160 40.10 -21.97 -27.95
N ILE G 161 39.92 -22.39 -29.19
CA ILE G 161 39.36 -23.70 -29.48
C ILE G 161 40.15 -24.80 -28.82
N ASP G 162 41.47 -24.59 -28.75
CA ASP G 162 42.36 -25.52 -28.06
C ASP G 162 41.95 -25.71 -26.60
N TRP G 163 41.75 -24.60 -25.89
CA TRP G 163 41.31 -24.61 -24.50
C TRP G 163 40.01 -25.39 -24.34
N LEU G 164 39.06 -25.10 -25.23
CA LEU G 164 37.74 -25.73 -25.17
C LEU G 164 37.88 -27.24 -25.32
N ALA G 165 38.78 -27.65 -26.22
CA ALA G 165 38.94 -29.05 -26.58
C ALA G 165 39.44 -29.91 -25.43
N GLU G 166 40.37 -29.38 -24.64
CA GLU G 166 40.86 -30.10 -23.46
C GLU G 166 39.73 -30.41 -22.50
N ARG G 167 38.90 -29.40 -22.22
CA ARG G 167 37.80 -29.57 -21.29
C ARG G 167 36.83 -30.58 -21.84
N LEU G 168 36.83 -30.72 -23.16
CA LEU G 168 35.95 -31.64 -23.88
C LEU G 168 36.46 -33.08 -24.00
N SER G 169 37.54 -33.41 -23.28
CA SER G 169 38.17 -34.72 -23.40
C SER G 169 37.99 -35.60 -22.16
N VAL H 36 7.20 -0.44 -9.76
CA VAL H 36 7.98 -0.62 -8.52
C VAL H 36 9.49 -0.64 -8.73
N ARG H 37 9.97 -1.58 -9.55
CA ARG H 37 11.39 -1.60 -9.93
C ARG H 37 11.58 -0.92 -11.27
N SER H 38 12.82 -0.90 -11.74
CA SER H 38 13.11 -0.40 -13.08
C SER H 38 13.33 -1.55 -14.05
N VAL H 39 12.59 -1.58 -15.15
CA VAL H 39 12.73 -2.67 -16.12
C VAL H 39 14.02 -2.52 -16.93
N TRP H 40 14.60 -1.32 -16.97
CA TRP H 40 15.67 -1.04 -17.93
C TRP H 40 16.99 -1.72 -17.60
N LEU H 41 17.77 -2.02 -18.63
CA LEU H 41 19.18 -2.39 -18.53
C LEU H 41 19.95 -1.10 -18.72
N ASP H 42 20.95 -0.84 -17.88
CA ASP H 42 21.72 0.39 -18.04
C ASP H 42 22.86 0.20 -19.01
N ALA H 43 22.73 0.80 -20.18
CA ALA H 43 23.71 0.59 -21.24
C ALA H 43 24.89 1.51 -21.09
N PHE H 44 24.60 2.80 -21.06
CA PHE H 44 25.65 3.77 -21.11
C PHE H 44 25.14 5.12 -20.65
N ASN H 45 26.01 5.84 -19.95
CA ASN H 45 25.72 7.19 -19.48
C ASN H 45 26.95 8.08 -19.70
N ASP H 46 26.75 9.24 -20.33
CA ASP H 46 27.83 10.19 -20.51
C ASP H 46 27.46 11.48 -19.85
N PRO H 47 28.02 11.73 -18.67
CA PRO H 47 27.74 12.93 -17.87
C PRO H 47 28.09 14.20 -18.59
N VAL H 48 29.15 14.18 -19.41
CA VAL H 48 29.68 15.41 -20.00
C VAL H 48 29.41 15.61 -21.49
N ALA H 49 28.40 14.91 -22.03
CA ALA H 49 27.94 15.28 -23.36
C ALA H 49 27.48 16.73 -23.25
N GLY H 50 27.50 17.46 -24.34
CA GLY H 50 27.23 18.87 -24.20
C GLY H 50 25.85 19.16 -24.72
N ILE H 51 24.92 18.29 -24.38
CA ILE H 51 23.70 18.27 -25.14
C ILE H 51 22.59 19.12 -24.57
N SER H 52 22.10 20.05 -25.38
CA SER H 52 21.01 20.92 -24.98
C SER H 52 19.83 20.74 -25.92
N ALA H 53 18.95 19.79 -25.62
CA ALA H 53 17.83 19.53 -26.50
C ALA H 53 16.58 19.10 -25.76
N TYR H 54 15.43 19.34 -26.35
CA TYR H 54 14.17 18.84 -25.82
C TYR H 54 13.61 17.79 -26.77
N THR H 55 12.57 17.07 -26.36
CA THR H 55 12.07 15.93 -27.13
C THR H 55 11.93 16.21 -28.65
N PRO H 56 11.38 17.39 -29.03
CA PRO H 56 11.24 17.69 -30.46
C PRO H 56 12.51 17.77 -31.27
N CYS H 57 13.70 17.91 -30.68
CA CYS H 57 14.92 18.00 -31.47
C CYS H 57 15.78 16.75 -31.37
N VAL H 58 15.17 15.66 -30.93
CA VAL H 58 15.90 14.40 -30.77
C VAL H 58 15.20 13.27 -31.54
N HIS H 59 15.98 12.32 -32.00
CA HIS H 59 15.55 11.36 -33.02
C HIS H 59 16.55 10.24 -33.12
N THR H 60 16.10 9.08 -33.56
CA THR H 60 17.04 8.11 -34.06
C THR H 60 16.61 7.73 -35.46
N CYS H 61 17.59 7.49 -36.31
CA CYS H 61 17.34 7.29 -37.72
C CYS H 61 18.27 6.27 -38.27
N ASN H 62 17.93 5.76 -39.44
CA ASN H 62 18.86 4.95 -40.21
C ASN H 62 19.39 5.77 -41.37
N LEU H 63 20.15 6.82 -41.07
CA LEU H 63 20.61 7.75 -42.08
C LEU H 63 21.40 7.04 -43.17
N PHE H 64 22.46 6.38 -42.74
CA PHE H 64 23.42 5.82 -43.66
C PHE H 64 22.95 4.48 -44.18
N GLY H 65 21.64 4.25 -44.19
CA GLY H 65 21.06 3.00 -44.61
C GLY H 65 21.72 1.70 -44.12
N ASP H 66 22.80 1.80 -43.33
CA ASP H 66 23.62 0.62 -43.01
C ASP H 66 23.15 -0.14 -41.78
N GLY H 67 21.88 0.04 -41.43
CA GLY H 67 21.23 -0.71 -40.36
C GLY H 67 21.44 -0.21 -38.93
N GLU H 68 22.70 0.01 -38.54
CA GLU H 68 23.04 0.60 -37.24
C GLU H 68 22.51 2.02 -37.09
N ASN H 69 21.47 2.19 -36.29
CA ASN H 69 20.82 3.48 -36.18
C ASN H 69 21.63 4.51 -35.41
N ARG H 70 21.38 5.77 -35.74
CA ARG H 70 22.10 6.86 -35.13
C ARG H 70 21.21 7.87 -34.41
N LEU H 71 21.78 8.50 -33.38
CA LEU H 71 21.10 9.53 -32.62
C LEU H 71 21.35 10.88 -33.28
N VAL H 72 20.25 11.57 -33.59
CA VAL H 72 20.27 12.84 -34.32
C VAL H 72 19.75 13.95 -33.40
N ILE H 73 20.61 14.92 -33.10
CA ILE H 73 20.28 16.03 -32.18
C ILE H 73 20.40 17.43 -32.80
N ALA H 74 19.32 18.22 -32.71
CA ALA H 74 19.37 19.63 -33.09
C ALA H 74 19.57 20.49 -31.87
N ASP H 75 20.83 20.70 -31.51
CA ASP H 75 21.19 21.37 -30.27
C ASP H 75 20.83 22.86 -30.25
N GLU H 76 20.75 23.47 -29.08
CA GLU H 76 20.71 24.93 -29.03
C GLU H 76 22.09 25.50 -29.29
N ASP H 77 23.12 24.66 -29.20
CA ASP H 77 24.48 25.03 -29.59
C ASP H 77 24.47 25.61 -31.00
N ARG H 78 23.34 25.50 -31.69
CA ARG H 78 23.20 25.69 -33.13
C ARG H 78 24.13 24.80 -33.95
N LYS H 79 24.46 23.65 -33.37
CA LYS H 79 25.17 22.59 -34.06
C LYS H 79 24.20 21.39 -34.13
N LEU H 80 24.14 20.70 -35.28
CA LEU H 80 23.31 19.52 -35.47
C LEU H 80 24.25 18.34 -35.18
N LYS H 81 24.06 17.68 -34.04
CA LYS H 81 25.00 16.64 -33.57
C LYS H 81 24.56 15.21 -33.90
N ILE H 82 25.52 14.39 -34.33
CA ILE H 82 25.21 13.02 -34.69
C ILE H 82 25.96 12.03 -33.82
N TRP H 83 25.19 11.19 -33.12
CA TRP H 83 25.78 10.21 -32.21
C TRP H 83 25.60 8.79 -32.75
N LYS H 84 26.68 7.99 -32.68
CA LYS H 84 26.64 6.55 -33.00
C LYS H 84 27.34 5.82 -31.89
N GLY H 85 26.65 4.84 -31.28
CA GLY H 85 27.17 4.10 -30.16
C GLY H 85 27.39 5.01 -28.97
N THR H 86 28.51 4.84 -28.28
CA THR H 86 28.84 5.64 -27.11
C THR H 86 29.54 6.95 -27.44
N GLN H 87 29.79 7.18 -28.72
CA GLN H 87 30.59 8.34 -29.14
C GLN H 87 29.84 9.27 -30.07
N LYS H 88 30.15 10.57 -29.96
CA LYS H 88 29.64 11.57 -30.89
C LYS H 88 30.37 11.41 -32.20
N ALA H 89 29.62 11.18 -33.27
CA ALA H 89 30.23 10.89 -34.58
C ALA H 89 30.55 12.15 -35.41
N SER H 90 29.60 13.08 -35.46
CA SER H 90 29.73 14.23 -36.34
C SER H 90 29.04 15.43 -35.71
N GLU H 91 29.37 16.63 -36.20
CA GLU H 91 28.72 17.85 -35.73
C GLU H 91 28.59 18.71 -36.95
N HIS H 92 27.45 19.39 -37.12
CA HIS H 92 27.21 20.20 -38.32
C HIS H 92 26.53 21.52 -38.00
N PRO H 93 26.91 22.58 -38.73
CA PRO H 93 26.38 23.90 -38.41
C PRO H 93 24.95 24.03 -38.86
N LEU H 94 24.16 24.77 -38.10
CA LEU H 94 22.78 25.11 -38.44
C LEU H 94 22.65 26.63 -38.42
N LEU H 95 21.80 27.18 -39.27
CA LEU H 95 21.72 28.62 -39.36
C LEU H 95 21.09 29.28 -38.14
N ASP H 96 19.86 28.87 -37.87
CA ASP H 96 19.07 29.46 -36.81
C ASP H 96 18.98 28.46 -35.65
N THR H 97 18.45 28.85 -34.50
CA THR H 97 18.22 27.85 -33.46
C THR H 97 16.97 27.07 -33.78
N PRO H 98 17.10 25.74 -33.73
CA PRO H 98 16.13 24.78 -34.25
C PRO H 98 14.98 24.64 -33.32
N VAL H 99 13.81 24.29 -33.83
CA VAL H 99 12.62 24.14 -33.03
C VAL H 99 12.10 22.69 -33.00
N ALA H 100 12.43 21.96 -34.07
CA ALA H 100 11.92 20.63 -34.27
C ALA H 100 12.76 19.96 -35.33
N ILE H 101 12.94 18.65 -35.25
CA ILE H 101 13.44 17.88 -36.38
C ILE H 101 12.64 16.60 -36.58
N CYS H 102 12.20 16.39 -37.80
CA CYS H 102 11.53 15.16 -38.10
C CYS H 102 12.39 14.41 -39.09
N SER H 103 11.96 13.22 -39.48
CA SER H 103 12.71 12.43 -40.42
C SER H 103 11.72 11.57 -41.16
N TYR H 104 11.69 11.71 -42.47
CA TYR H 104 10.64 11.10 -43.26
C TYR H 104 11.20 10.52 -44.56
N ILE H 105 10.35 9.85 -45.32
CA ILE H 105 10.73 9.37 -46.64
C ILE H 105 9.78 9.93 -47.71
N SER H 106 10.36 10.63 -48.69
CA SER H 106 9.59 11.36 -49.69
C SER H 106 8.98 10.44 -50.74
N GLU H 107 9.84 9.69 -51.41
CA GLU H 107 9.45 8.79 -52.48
C GLU H 107 10.12 7.45 -52.22
N ASN H 108 9.46 6.36 -52.59
CA ASN H 108 9.96 5.01 -52.32
C ASN H 108 11.02 4.52 -53.33
N THR H 109 11.41 5.40 -54.25
CA THR H 109 12.34 5.05 -55.32
C THR H 109 13.82 5.10 -54.90
N ALA H 110 14.45 3.92 -54.82
CA ALA H 110 15.88 3.76 -54.44
C ALA H 110 16.31 4.68 -53.29
N PRO H 111 15.49 4.75 -52.21
CA PRO H 111 15.47 5.90 -51.31
C PRO H 111 16.79 6.13 -50.62
N ARG H 112 17.14 7.41 -50.49
CA ARG H 112 18.32 7.91 -49.75
C ARG H 112 18.78 7.17 -48.47
N LEU H 113 17.86 6.77 -47.58
CA LEU H 113 16.42 6.93 -47.70
C LEU H 113 15.91 8.21 -47.07
N PRO H 114 16.35 8.48 -45.83
CA PRO H 114 15.59 9.50 -45.12
C PRO H 114 16.00 10.92 -45.51
N ALA H 115 15.16 11.84 -45.08
CA ALA H 115 15.36 13.24 -45.36
C ALA H 115 15.16 13.97 -44.05
N LEU H 116 16.24 14.38 -43.43
CA LEU H 116 16.17 15.13 -42.18
C LEU H 116 15.54 16.50 -42.40
N ALA H 117 14.49 16.83 -41.67
CA ALA H 117 13.89 18.15 -41.80
C ALA H 117 14.06 18.98 -40.51
N VAL H 118 14.78 20.09 -40.57
CA VAL H 118 14.93 20.97 -39.40
C VAL H 118 14.05 22.19 -39.52
N ALA H 119 13.13 22.38 -38.58
CA ALA H 119 12.36 23.61 -38.59
C ALA H 119 13.10 24.59 -37.70
N ALA H 120 13.02 25.86 -38.08
CA ALA H 120 13.58 26.96 -37.32
C ALA H 120 12.92 28.25 -37.78
N GLY H 121 12.32 28.97 -36.86
CA GLY H 121 11.69 30.22 -37.19
C GLY H 121 10.53 30.04 -38.13
N SER H 122 10.77 30.29 -39.41
CA SER H 122 9.74 30.21 -40.46
C SER H 122 10.24 29.35 -41.60
N HIS H 123 11.50 28.94 -41.50
CA HIS H 123 12.14 28.07 -42.47
C HIS H 123 11.91 26.60 -42.17
N ILE H 124 12.09 25.76 -43.18
CA ILE H 124 12.25 24.34 -42.95
C ILE H 124 13.38 23.87 -43.83
N TYR H 125 14.51 23.53 -43.24
CA TYR H 125 15.62 23.05 -44.03
C TYR H 125 15.54 21.55 -44.21
N ILE H 126 15.19 21.08 -45.41
CA ILE H 126 15.32 19.66 -45.71
C ILE H 126 16.79 19.34 -45.91
N TYR H 127 17.25 18.27 -45.29
CA TYR H 127 18.61 17.78 -45.48
C TYR H 127 18.61 16.43 -46.18
N ARG H 128 19.75 16.12 -46.77
CA ARG H 128 20.20 14.83 -47.28
C ARG H 128 21.46 15.30 -47.92
N ASN H 129 22.59 14.62 -47.83
CA ASN H 129 22.81 13.43 -47.06
C ASN H 129 24.26 13.50 -46.56
N LEU H 130 24.50 14.32 -45.54
CA LEU H 130 23.40 15.00 -44.86
C LEU H 130 23.65 16.50 -44.91
N ARG H 131 24.03 16.93 -46.12
CA ARG H 131 24.23 18.33 -46.47
C ARG H 131 22.84 18.93 -46.68
N PRO H 132 22.69 20.26 -46.52
CA PRO H 132 21.35 20.81 -46.77
C PRO H 132 20.88 20.51 -48.19
N TYR H 133 19.57 20.39 -48.40
CA TYR H 133 19.10 20.03 -49.73
C TYR H 133 17.99 20.96 -50.23
N TYR H 134 17.17 21.51 -49.35
CA TYR H 134 16.17 22.47 -49.83
C TYR H 134 15.75 23.40 -48.69
N LYS H 135 15.22 24.57 -49.02
CA LYS H 135 14.98 25.51 -47.96
C LYS H 135 13.59 26.06 -48.02
N PHE H 136 12.60 25.27 -47.68
CA PHE H 136 11.23 25.76 -47.70
C PHE H 136 11.06 27.01 -46.83
N VAL H 137 10.21 27.93 -47.26
CA VAL H 137 9.89 29.06 -46.39
C VAL H 137 8.39 29.23 -46.30
N LEU H 138 7.88 29.37 -45.09
CA LEU H 138 6.46 29.60 -44.94
C LEU H 138 6.09 30.97 -45.45
N PRO H 139 4.97 31.07 -46.16
CA PRO H 139 4.43 32.38 -46.51
C PRO H 139 3.97 33.08 -45.23
N PRO H 140 4.01 34.41 -45.22
CA PRO H 140 3.56 35.25 -44.11
C PRO H 140 2.06 35.52 -44.19
N GLU H 141 1.47 36.06 -43.12
CA GLU H 141 0.06 36.42 -43.12
C GLU H 141 -0.12 37.93 -43.30
N ASN H 142 -1.27 38.33 -43.84
CA ASN H 142 -1.50 39.74 -44.14
C ASN H 142 -2.04 40.54 -42.95
N VAL H 143 -1.78 41.86 -42.96
CA VAL H 143 -2.19 42.78 -41.88
C VAL H 143 -3.17 43.90 -42.33
N ASN H 144 -3.16 45.06 -41.65
CA ASN H 144 -3.93 46.24 -42.10
C ASN H 144 -3.41 47.64 -41.69
N THR H 145 -2.08 47.84 -41.74
CA THR H 145 -1.47 49.12 -41.33
C THR H 145 -0.32 49.74 -42.20
N GLU H 146 0.23 50.85 -41.69
CA GLU H 146 0.81 51.95 -42.46
C GLU H 146 2.32 52.16 -42.62
N GLU H 147 2.71 52.26 -43.88
CA GLU H 147 4.04 52.74 -44.29
C GLU H 147 4.09 54.27 -44.46
N THR H 213 6.37 36.61 -41.82
CA THR H 213 5.97 37.08 -40.50
C THR H 213 5.71 35.90 -39.56
N THR H 214 5.47 34.72 -40.14
CA THR H 214 5.01 33.60 -39.32
C THR H 214 6.08 32.70 -38.67
N VAL H 215 5.70 32.06 -37.56
CA VAL H 215 6.61 31.22 -36.75
C VAL H 215 6.10 29.78 -36.46
N ILE H 216 6.98 28.80 -36.66
CA ILE H 216 6.65 27.39 -36.50
C ILE H 216 6.77 26.93 -35.05
N THR H 217 5.73 26.26 -34.55
CA THR H 217 5.66 25.78 -33.16
C THR H 217 5.95 24.29 -32.96
N CYS H 218 5.24 23.45 -33.71
CA CYS H 218 5.51 22.02 -33.62
C CYS H 218 5.60 21.55 -35.04
N MET H 219 6.30 20.44 -35.24
CA MET H 219 6.35 19.80 -36.52
C MET H 219 6.31 18.30 -36.36
N ASP H 220 5.56 17.64 -37.23
CA ASP H 220 5.46 16.19 -37.16
C ASP H 220 5.16 15.60 -38.55
N VAL H 221 5.18 14.27 -38.66
CA VAL H 221 4.94 13.62 -39.96
C VAL H 221 3.64 12.82 -40.02
N VAL H 222 3.15 12.62 -41.24
CA VAL H 222 2.00 11.77 -41.53
C VAL H 222 2.36 10.73 -42.55
N LYS H 223 1.97 9.47 -42.32
CA LYS H 223 2.19 8.45 -43.33
C LYS H 223 1.22 8.70 -44.47
N GLN H 224 1.74 8.73 -45.70
CA GLN H 224 0.92 9.03 -46.88
C GLN H 224 -0.01 7.88 -47.26
N ALA H 225 0.56 6.67 -47.27
CA ALA H 225 -0.22 5.47 -47.57
C ALA H 225 0.34 4.19 -46.96
N ILE H 226 -0.58 3.40 -46.44
CA ILE H 226 -0.30 2.10 -45.84
C ILE H 226 0.75 2.09 -44.72
N ASP H 227 0.50 2.86 -43.66
CA ASP H 227 0.61 2.41 -42.27
C ASP H 227 1.92 1.75 -41.79
N GLU H 228 2.89 1.64 -42.69
CA GLU H 228 4.14 0.94 -42.38
C GLU H 228 5.24 1.92 -41.95
N PRO H 229 6.20 1.43 -41.13
CA PRO H 229 7.42 2.19 -40.86
C PRO H 229 8.29 2.24 -42.12
N ASP H 230 9.06 3.33 -42.28
CA ASP H 230 9.75 3.57 -43.54
C ASP H 230 8.73 3.57 -44.68
N ALA H 231 7.77 4.49 -44.60
CA ALA H 231 6.79 4.68 -45.67
C ALA H 231 6.80 6.11 -46.14
N VAL H 232 6.19 6.36 -47.30
CA VAL H 232 6.11 7.71 -47.84
C VAL H 232 5.33 8.56 -46.84
N SER H 233 6.01 9.57 -46.31
CA SER H 233 5.44 10.38 -45.25
C SER H 233 5.54 11.85 -45.65
N CYS H 234 4.80 12.70 -44.95
CA CYS H 234 4.73 14.13 -45.28
C CYS H 234 4.65 15.04 -44.05
N LEU H 235 5.45 16.10 -44.03
CA LEU H 235 5.58 16.95 -42.85
C LEU H 235 4.28 17.67 -42.46
N VAL H 236 3.95 17.61 -41.17
CA VAL H 236 2.82 18.36 -40.62
C VAL H 236 3.39 19.47 -39.74
N VAL H 237 2.95 20.68 -40.03
CA VAL H 237 3.54 21.84 -39.42
C VAL H 237 2.47 22.67 -38.77
N GLY H 238 2.68 22.96 -37.49
CA GLY H 238 1.84 23.88 -36.76
C GLY H 238 2.55 25.22 -36.73
N THR H 239 1.81 26.29 -36.98
CA THR H 239 2.34 27.64 -37.04
C THR H 239 1.70 28.42 -35.93
N GLU H 240 2.48 29.28 -35.26
CA GLU H 240 1.95 30.08 -34.15
C GLU H 240 0.70 30.85 -34.51
N SER H 241 0.56 31.12 -35.81
CA SER H 241 -0.58 31.79 -36.40
C SER H 241 -1.89 31.10 -36.00
N GLY H 242 -1.85 29.77 -35.93
CA GLY H 242 -3.02 28.99 -35.58
C GLY H 242 -3.29 28.01 -36.69
N ARG H 243 -2.29 27.81 -37.53
CA ARG H 243 -2.53 26.94 -38.67
C ARG H 243 -1.77 25.61 -38.58
N ILE H 244 -2.38 24.59 -39.15
CA ILE H 244 -1.74 23.29 -39.31
C ILE H 244 -1.59 23.01 -40.79
N LEU H 245 -0.34 22.80 -41.23
CA LEU H 245 -0.05 22.62 -42.64
C LEU H 245 0.41 21.23 -42.97
N ILE H 246 -0.12 20.64 -44.02
CA ILE H 246 0.49 19.41 -44.50
C ILE H 246 1.08 19.67 -45.88
N LEU H 247 2.30 19.21 -46.09
CA LEU H 247 3.05 19.54 -47.29
C LEU H 247 3.25 18.31 -48.17
N ASN H 248 3.82 18.56 -49.35
CA ASN H 248 4.27 17.53 -50.28
C ASN H 248 5.27 16.57 -49.65
N PRO H 249 5.42 15.39 -50.22
CA PRO H 249 6.45 14.47 -49.70
C PRO H 249 7.89 14.99 -49.71
N ALA H 250 8.16 16.11 -50.36
CA ALA H 250 9.41 16.79 -50.12
C ALA H 250 8.96 18.10 -49.56
N GLY H 251 9.78 18.68 -48.69
CA GLY H 251 9.35 19.84 -47.91
C GLY H 251 8.95 21.08 -48.68
N THR H 252 8.75 20.91 -49.97
CA THR H 252 8.70 22.04 -50.88
C THR H 252 7.41 22.85 -50.89
N ALA H 253 6.25 22.22 -50.70
CA ALA H 253 5.04 23.05 -50.82
C ALA H 253 3.86 22.71 -49.91
N ILE H 254 3.16 23.76 -49.46
CA ILE H 254 1.95 23.61 -48.64
C ILE H 254 0.74 23.06 -49.41
N VAL H 255 0.45 21.77 -49.25
CA VAL H 255 -0.66 21.11 -49.95
C VAL H 255 -2.00 21.34 -49.26
N LYS H 256 -2.03 21.11 -47.94
CA LYS H 256 -3.22 21.35 -47.14
C LYS H 256 -2.90 22.37 -46.04
N ASN H 257 -3.77 23.37 -45.89
CA ASN H 257 -3.60 24.36 -44.84
C ASN H 257 -4.89 24.52 -44.03
N ILE H 258 -4.88 24.00 -42.81
CA ILE H 258 -6.09 24.06 -42.00
C ILE H 258 -6.01 25.08 -40.89
N TRP H 259 -7.01 25.94 -40.88
CA TRP H 259 -7.08 26.99 -39.89
C TRP H 259 -7.75 26.47 -38.64
N VAL H 260 -7.04 26.64 -37.53
CA VAL H 260 -7.56 26.41 -36.20
C VAL H 260 -7.41 27.77 -35.56
N GLY H 261 -8.38 28.18 -34.75
CA GLY H 261 -8.29 29.48 -34.11
C GLY H 261 -6.95 29.73 -33.41
N ILE H 262 -6.60 28.83 -32.50
CA ILE H 262 -5.54 29.06 -31.53
C ILE H 262 -4.15 28.47 -31.85
N THR H 263 -3.15 28.98 -31.13
CA THR H 263 -1.76 28.55 -31.19
C THR H 263 -1.53 27.15 -30.74
N PRO H 264 -1.07 26.29 -31.64
CA PRO H 264 -0.77 24.91 -31.26
C PRO H 264 0.45 24.85 -30.30
N ALA H 265 0.29 24.13 -29.20
CA ALA H 265 1.38 23.92 -28.25
C ALA H 265 2.04 22.55 -28.54
N MET H 266 1.23 21.59 -28.96
CA MET H 266 1.73 20.32 -29.43
C MET H 266 0.71 19.61 -30.31
N ILE H 267 1.20 18.71 -31.17
CA ILE H 267 0.36 18.04 -32.15
C ILE H 267 0.67 16.57 -32.21
N ALA H 268 -0.32 15.77 -32.55
CA ALA H 268 -0.06 14.35 -32.78
C ALA H 268 -0.89 13.88 -33.98
N VAL H 269 -0.29 13.00 -34.79
CA VAL H 269 -0.91 12.58 -36.04
C VAL H 269 -1.22 11.08 -35.98
N GLN H 270 -2.43 10.68 -36.33
CA GLN H 270 -2.76 9.26 -36.44
C GLN H 270 -3.43 9.00 -37.78
N GLY H 271 -3.05 7.93 -38.47
CA GLY H 271 -3.71 7.60 -39.72
C GLY H 271 -2.85 7.75 -40.96
N GLU H 272 -3.50 7.73 -42.13
CA GLU H 272 -2.82 7.92 -43.41
C GLU H 272 -3.55 8.93 -44.26
N LEU H 273 -2.82 9.71 -45.05
CA LEU H 273 -3.47 10.71 -45.88
C LEU H 273 -4.29 10.04 -47.00
N ASP H 274 -4.03 8.75 -47.21
CA ASP H 274 -4.80 7.94 -48.16
C ASP H 274 -6.10 7.37 -47.56
N VAL H 275 -5.97 6.45 -46.59
CA VAL H 275 -7.10 5.81 -45.90
C VAL H 275 -7.97 6.78 -45.10
N GLY H 276 -7.39 7.36 -44.05
CA GLY H 276 -8.07 8.35 -43.22
C GLY H 276 -7.14 8.74 -42.08
N TYR H 277 -7.20 9.99 -41.64
CA TYR H 277 -6.23 10.45 -40.64
C TYR H 277 -6.83 11.43 -39.63
N ARG H 278 -6.28 11.39 -38.42
CA ARG H 278 -6.63 12.33 -37.37
C ARG H 278 -5.41 13.08 -36.83
N ILE H 279 -5.56 14.39 -36.71
CA ILE H 279 -4.53 15.23 -36.12
C ILE H 279 -5.05 15.86 -34.84
N THR H 280 -4.43 15.52 -33.72
CA THR H 280 -4.86 16.05 -32.43
C THR H 280 -3.98 17.23 -32.07
N VAL H 281 -4.61 18.33 -31.65
CA VAL H 281 -3.87 19.54 -31.37
C VAL H 281 -4.11 20.06 -29.97
N ALA H 282 -3.04 20.13 -29.19
CA ALA H 282 -3.13 20.69 -27.87
C ALA H 282 -2.86 22.15 -27.98
N GLY H 283 -3.88 22.93 -27.67
CA GLY H 283 -3.75 24.37 -27.82
C GLY H 283 -3.26 25.04 -26.57
N ARG H 284 -2.56 26.16 -26.74
CA ARG H 284 -2.13 26.95 -25.61
C ARG H 284 -3.32 27.44 -24.79
N ASP H 285 -4.48 27.53 -25.43
CA ASP H 285 -5.69 27.98 -24.74
C ASP H 285 -6.31 26.91 -23.89
N GLY H 286 -5.55 25.81 -23.68
CA GLY H 286 -5.99 24.67 -22.88
C GLY H 286 -7.16 23.85 -23.41
N LYS H 287 -7.39 23.92 -24.71
CA LYS H 287 -8.45 23.14 -25.31
C LYS H 287 -7.80 22.10 -26.18
N LEU H 288 -8.51 21.01 -26.44
CA LEU H 288 -7.98 19.93 -27.26
C LEU H 288 -8.76 19.85 -28.57
N TYR H 289 -8.06 20.04 -29.69
CA TYR H 289 -8.69 20.11 -31.02
C TYR H 289 -8.41 18.88 -31.87
N HIS H 290 -9.40 18.55 -32.70
CA HIS H 290 -9.32 17.37 -33.56
C HIS H 290 -9.54 17.73 -35.01
N ILE H 291 -8.76 17.09 -35.88
CA ILE H 291 -8.92 17.21 -37.33
C ILE H 291 -9.05 15.87 -38.05
N ARG H 292 -10.24 15.62 -38.59
CA ARG H 292 -10.48 14.41 -39.35
C ARG H 292 -10.42 14.72 -40.86
N ASN H 293 -9.50 14.05 -41.54
CA ASN H 293 -9.32 14.16 -42.98
C ASN H 293 -9.38 15.59 -43.45
N GLY H 294 -8.49 16.43 -42.96
CA GLY H 294 -8.45 17.80 -43.41
C GLY H 294 -9.44 18.75 -42.76
N GLU H 295 -10.54 18.23 -42.22
CA GLU H 295 -11.53 19.12 -41.61
C GLU H 295 -11.33 19.29 -40.10
N LEU H 296 -11.47 20.52 -39.62
CA LEU H 296 -11.42 20.76 -38.19
C LEU H 296 -12.76 20.43 -37.54
N SER H 297 -12.75 19.48 -36.62
CA SER H 297 -13.96 19.07 -35.91
C SER H 297 -14.47 20.10 -34.93
N GLN H 298 -15.74 19.93 -34.55
CA GLN H 298 -16.37 20.74 -33.53
C GLN H 298 -16.21 20.09 -32.13
N THR H 299 -15.84 18.81 -32.09
CA THR H 299 -15.59 18.17 -30.81
C THR H 299 -14.34 18.79 -30.19
N ILE H 300 -14.57 19.72 -29.26
CA ILE H 300 -13.49 20.40 -28.54
C ILE H 300 -13.55 20.22 -27.01
N ILE H 301 -12.47 19.72 -26.44
CA ILE H 301 -12.42 19.42 -25.01
C ILE H 301 -11.71 20.50 -24.21
N GLN H 302 -12.32 20.90 -23.10
CA GLN H 302 -11.75 21.96 -22.29
C GLN H 302 -11.01 21.39 -21.09
N LEU H 303 -9.67 21.43 -21.10
CA LEU H 303 -8.91 20.94 -19.96
C LEU H 303 -8.65 22.06 -18.98
N GLU H 304 -8.32 21.68 -17.74
CA GLU H 304 -8.09 22.64 -16.68
C GLU H 304 -6.85 23.50 -16.97
N ALA H 305 -5.65 22.96 -16.74
CA ALA H 305 -4.41 23.69 -17.01
C ALA H 305 -3.98 23.60 -18.48
N GLN H 306 -2.76 24.00 -18.78
CA GLN H 306 -2.25 23.95 -20.17
C GLN H 306 -1.43 22.67 -20.49
N PRO H 307 -1.25 22.36 -21.80
CA PRO H 307 -0.48 21.18 -22.23
C PRO H 307 1.01 21.18 -21.88
N VAL H 308 1.54 19.98 -21.76
CA VAL H 308 2.88 19.75 -21.26
C VAL H 308 3.51 18.61 -22.10
N GLY H 309 2.64 17.77 -22.64
CA GLY H 309 3.02 16.71 -23.54
C GLY H 309 1.75 16.16 -24.15
N LEU H 310 1.88 15.50 -25.30
CA LEU H 310 0.76 14.88 -25.97
C LEU H 310 1.26 13.72 -26.80
N VAL H 311 1.08 12.48 -26.38
CA VAL H 311 1.63 11.35 -27.15
C VAL H 311 0.51 10.39 -27.58
N ARG H 312 0.53 9.96 -28.84
CA ARG H 312 -0.45 8.98 -29.30
C ARG H 312 -0.08 7.58 -28.88
N LEU H 313 -1.07 6.94 -28.25
CA LEU H 313 -0.93 5.58 -27.81
C LEU H 313 -1.80 4.75 -28.74
N ALA H 314 -2.11 3.52 -28.33
CA ALA H 314 -2.89 2.58 -29.16
C ALA H 314 -4.31 3.02 -29.49
N LYS H 315 -5.17 3.06 -28.46
CA LYS H 315 -6.60 3.36 -28.63
C LYS H 315 -6.97 4.82 -28.36
N HIS H 316 -5.99 5.64 -28.00
CA HIS H 316 -6.26 7.04 -27.61
C HIS H 316 -4.99 7.87 -27.56
N VAL H 317 -5.19 9.14 -27.23
CA VAL H 317 -4.09 10.08 -27.09
C VAL H 317 -3.88 10.45 -25.62
N ALA H 318 -2.65 10.69 -25.21
CA ALA H 318 -2.41 11.08 -23.83
C ALA H 318 -2.09 12.56 -23.72
N VAL H 319 -2.95 13.34 -23.07
CA VAL H 319 -2.61 14.74 -22.84
C VAL H 319 -2.07 14.91 -21.44
N GLY H 320 -0.95 15.59 -21.29
CA GLY H 320 -0.47 15.90 -19.96
C GLY H 320 -0.51 17.38 -19.65
N CYS H 321 -1.00 17.72 -18.45
CA CYS H 321 -1.23 19.12 -18.09
C CYS H 321 -0.31 19.60 -16.96
N MET H 322 -0.30 20.93 -16.75
CA MET H 322 0.57 21.57 -15.77
C MET H 322 0.19 21.27 -14.31
N ASN H 323 -1.05 20.87 -14.11
CA ASN H 323 -1.45 20.44 -12.79
C ASN H 323 -1.09 18.97 -12.57
N ASP H 324 -0.02 18.51 -13.23
CA ASP H 324 0.61 17.21 -12.97
C ASP H 324 -0.28 15.98 -13.15
N VAL H 325 -1.14 16.04 -14.16
CA VAL H 325 -2.09 14.99 -14.48
C VAL H 325 -2.05 14.65 -15.98
N VAL H 326 -2.11 13.37 -16.31
CA VAL H 326 -2.20 12.94 -17.70
C VAL H 326 -3.61 12.46 -17.97
N HIS H 327 -4.15 12.77 -19.13
CA HIS H 327 -5.47 12.27 -19.47
C HIS H 327 -5.43 11.50 -20.76
N ALA H 328 -6.18 10.41 -20.84
CA ALA H 328 -6.28 9.63 -22.07
C ALA H 328 -7.64 9.85 -22.74
N TYR H 329 -7.62 10.30 -23.99
CA TYR H 329 -8.85 10.63 -24.69
C TYR H 329 -9.01 9.83 -25.96
N THR H 330 -10.12 9.14 -26.09
CA THR H 330 -10.46 8.43 -27.32
C THR H 330 -10.77 9.46 -28.38
N PRO H 331 -10.63 9.08 -29.66
CA PRO H 331 -10.92 9.95 -30.81
C PRO H 331 -12.28 10.64 -30.75
N THR H 332 -13.30 9.98 -30.18
CA THR H 332 -14.62 10.63 -30.00
C THR H 332 -14.58 11.82 -29.02
N GLY H 333 -13.65 11.77 -28.05
CA GLY H 333 -13.58 12.77 -27.01
C GLY H 333 -13.97 12.20 -25.64
N HIS H 334 -14.33 10.92 -25.61
CA HIS H 334 -14.61 10.24 -24.35
C HIS H 334 -13.33 10.10 -23.54
N LYS H 335 -13.42 10.14 -22.22
CA LYS H 335 -12.20 10.03 -21.41
C LYS H 335 -11.93 8.67 -20.75
N SER H 336 -11.04 7.86 -21.34
CA SER H 336 -10.70 6.54 -20.80
C SER H 336 -10.14 6.52 -19.37
N TRP H 337 -9.01 7.18 -19.13
CA TRP H 337 -8.44 7.19 -17.77
C TRP H 337 -7.75 8.49 -17.39
N SER H 338 -7.10 8.50 -16.24
CA SER H 338 -6.38 9.66 -15.78
C SER H 338 -5.23 9.26 -14.89
N LEU H 339 -4.10 9.93 -15.01
CA LEU H 339 -2.94 9.58 -14.21
C LEU H 339 -2.58 10.74 -13.31
N TYR H 340 -2.48 10.49 -12.01
CA TYR H 340 -2.16 11.56 -11.07
C TYR H 340 -0.74 11.46 -10.57
N LEU H 341 0.03 12.50 -10.78
CA LEU H 341 1.47 12.42 -10.58
C LEU H 341 2.01 13.23 -9.41
N PRO H 342 2.98 12.65 -8.70
CA PRO H 342 3.57 13.25 -7.50
C PRO H 342 4.25 14.59 -7.75
N CYS H 343 5.04 14.71 -8.82
CA CYS H 343 5.70 15.97 -9.12
C CYS H 343 5.31 16.45 -10.49
N HIS H 344 6.09 17.37 -11.05
CA HIS H 344 5.72 18.00 -12.31
C HIS H 344 6.24 17.27 -13.53
N ILE H 345 5.37 17.14 -14.54
CA ILE H 345 5.74 16.51 -15.80
C ILE H 345 6.70 17.37 -16.64
N LEU H 346 7.81 16.79 -17.02
CA LEU H 346 8.82 17.46 -17.82
C LEU H 346 8.91 16.94 -19.24
N ALA H 347 8.53 15.68 -19.44
CA ALA H 347 8.72 15.03 -20.73
C ALA H 347 7.76 13.88 -20.83
N MET H 348 7.20 13.68 -22.01
CA MET H 348 6.34 12.55 -22.27
C MET H 348 6.85 11.93 -23.55
N GLN H 349 6.45 10.69 -23.84
CA GLN H 349 6.94 9.98 -25.02
C GLN H 349 6.20 8.68 -25.28
N ARG H 350 5.90 8.33 -26.53
CA ARG H 350 5.35 6.99 -26.75
C ARG H 350 6.48 6.00 -26.73
N MET H 351 6.20 4.83 -26.16
CA MET H 351 7.13 3.71 -26.08
C MET H 351 6.49 2.52 -26.74
N GLU H 352 6.81 2.33 -28.02
CA GLU H 352 6.24 1.27 -28.83
C GLU H 352 7.14 0.04 -28.89
N VAL H 353 6.74 -1.01 -28.18
CA VAL H 353 7.52 -2.22 -28.15
C VAL H 353 6.86 -3.09 -29.19
N THR H 354 7.65 -3.42 -30.21
CA THR H 354 7.20 -4.21 -31.34
C THR H 354 7.29 -5.71 -31.06
N GLY H 355 6.67 -6.53 -31.90
CA GLY H 355 6.78 -7.97 -31.71
C GLY H 355 5.65 -8.63 -30.94
N GLN H 356 6.00 -9.68 -30.18
CA GLN H 356 4.97 -10.38 -29.44
C GLN H 356 4.42 -9.49 -28.36
N ARG H 357 5.29 -8.68 -27.77
CA ARG H 357 4.91 -7.84 -26.65
C ARG H 357 3.92 -6.73 -27.03
N ASN H 358 4.05 -6.25 -28.26
CA ASN H 358 3.10 -5.30 -28.91
C ASN H 358 2.35 -4.31 -28.02
N THR H 359 3.08 -3.50 -27.28
CA THR H 359 2.43 -2.46 -26.48
C THR H 359 2.93 -1.07 -26.83
N LYS H 360 2.03 -0.10 -26.69
CA LYS H 360 2.38 1.29 -26.90
C LYS H 360 2.32 1.92 -25.54
N ALA H 361 3.43 1.86 -24.82
CA ALA H 361 3.47 2.37 -23.47
C ALA H 361 3.58 3.88 -23.50
N LEU H 362 3.65 4.48 -22.33
CA LEU H 362 3.83 5.91 -22.19
C LEU H 362 4.94 6.12 -21.19
N ILE H 363 5.88 6.98 -21.52
CA ILE H 363 6.97 7.30 -20.61
C ILE H 363 6.74 8.70 -20.06
N VAL H 364 6.82 8.87 -18.74
CA VAL H 364 6.78 10.22 -18.18
C VAL H 364 8.01 10.54 -17.32
N ALA H 365 8.65 11.67 -17.54
CA ALA H 365 9.75 12.03 -16.66
C ALA H 365 9.28 13.22 -15.86
N LEU H 366 9.57 13.18 -14.56
CA LEU H 366 9.11 14.19 -13.62
C LEU H 366 10.25 15.04 -13.15
N SER H 367 9.92 16.25 -12.73
CA SER H 367 10.95 17.19 -12.25
C SER H 367 11.68 16.73 -11.00
N ASN H 368 11.15 15.68 -10.36
CA ASN H 368 11.78 15.10 -9.18
C ASN H 368 12.80 14.04 -9.53
N GLY H 369 12.97 13.81 -10.83
CA GLY H 369 13.95 12.86 -11.30
C GLY H 369 13.42 11.50 -11.70
N GLU H 370 12.19 11.14 -11.33
CA GLU H 370 11.77 9.80 -11.70
C GLU H 370 11.22 9.71 -13.13
N VAL H 371 11.48 8.56 -13.74
CA VAL H 371 11.04 8.28 -15.09
C VAL H 371 10.14 7.09 -15.01
N ARG H 372 8.93 7.20 -15.49
CA ARG H 372 7.95 6.16 -15.30
C ARG H 372 7.44 5.58 -16.60
N VAL H 373 7.17 4.28 -16.64
CA VAL H 373 6.56 3.70 -17.82
C VAL H 373 5.17 3.22 -17.48
N TYR H 374 4.15 3.76 -18.13
CA TYR H 374 2.81 3.26 -17.87
C TYR H 374 2.36 2.41 -19.04
N ASN H 375 1.95 1.18 -18.79
CA ASN H 375 1.20 0.44 -19.79
C ASN H 375 -0.24 0.71 -19.55
N GLU H 376 -0.85 1.53 -20.39
CA GLU H 376 -2.18 2.05 -20.10
C GLU H 376 -2.20 2.70 -18.72
N LYS H 377 -2.93 2.09 -17.78
CA LYS H 377 -3.08 2.63 -16.42
C LYS H 377 -2.04 2.11 -15.43
N LEU H 378 -1.30 1.08 -15.84
CA LEU H 378 -0.46 0.35 -14.91
C LEU H 378 0.95 0.85 -14.87
N LEU H 379 1.41 1.37 -13.73
CA LEU H 379 2.81 1.74 -13.64
C LEU H 379 3.63 0.48 -13.75
N VAL H 380 4.57 0.50 -14.68
CA VAL H 380 5.23 -0.71 -15.09
C VAL H 380 6.71 -0.63 -14.75
N SER H 381 7.25 0.57 -14.69
CA SER H 381 8.63 0.72 -14.27
C SER H 381 8.95 2.13 -13.76
N VAL H 382 9.88 2.22 -12.81
CA VAL H 382 10.38 3.51 -12.38
C VAL H 382 11.88 3.51 -12.18
N HIS H 383 12.55 4.56 -12.63
CA HIS H 383 13.95 4.77 -12.30
C HIS H 383 14.22 6.25 -12.20
N VAL H 384 15.36 6.60 -11.63
CA VAL H 384 15.60 8.00 -11.35
C VAL H 384 16.86 8.60 -11.91
N SER H 385 16.65 9.63 -12.73
CA SER H 385 17.73 10.37 -13.34
C SER H 385 18.26 11.45 -12.43
N PRO H 386 19.58 11.49 -12.26
CA PRO H 386 20.26 12.51 -11.46
C PRO H 386 19.83 13.92 -11.75
N ASN H 387 19.50 14.21 -13.00
CA ASN H 387 19.08 15.55 -13.40
C ASN H 387 17.79 15.49 -14.17
N PRO H 388 17.04 16.58 -14.18
CA PRO H 388 15.76 16.57 -14.90
C PRO H 388 15.89 16.23 -16.41
N VAL H 389 15.09 15.25 -16.83
CA VAL H 389 15.11 14.83 -18.21
C VAL H 389 14.45 15.88 -19.11
N THR H 390 15.22 16.47 -20.02
CA THR H 390 14.64 17.38 -21.00
C THR H 390 14.17 16.75 -22.32
N ALA H 391 14.74 15.60 -22.68
CA ALA H 391 14.38 14.90 -23.93
C ALA H 391 14.34 13.38 -23.79
N LEU H 392 13.29 12.77 -24.34
CA LEU H 392 13.10 11.32 -24.25
C LEU H 392 12.86 10.68 -25.61
N TRP H 393 13.69 9.73 -25.98
CA TRP H 393 13.46 9.04 -27.23
C TRP H 393 13.49 7.56 -27.04
N PHE H 394 12.42 6.89 -27.48
CA PHE H 394 12.43 5.43 -27.46
C PHE H 394 12.24 4.88 -28.84
N GLY H 395 13.23 4.07 -29.24
CA GLY H 395 13.26 3.48 -30.57
C GLY H 395 14.55 2.73 -30.81
N ARG H 396 14.89 2.57 -32.07
CA ARG H 396 16.06 1.78 -32.40
C ARG H 396 17.33 2.60 -32.30
N TYR H 397 18.37 2.03 -31.71
CA TYR H 397 19.63 2.71 -31.67
C TYR H 397 20.69 1.66 -31.65
N GLY H 398 21.73 1.81 -32.46
CA GLY H 398 22.67 0.72 -32.69
C GLY H 398 21.87 -0.40 -33.34
N ARG H 399 22.21 -1.64 -33.02
CA ARG H 399 21.41 -2.72 -33.55
C ARG H 399 20.25 -3.12 -32.62
N GLU H 400 19.87 -2.23 -31.70
CA GLU H 400 18.85 -2.61 -30.72
C GLU H 400 17.53 -1.86 -30.85
N ASP H 401 16.47 -2.62 -31.08
CA ASP H 401 15.17 -2.02 -31.38
C ASP H 401 14.58 -1.21 -30.23
N ASN H 402 14.74 -1.70 -29.00
CA ASN H 402 14.08 -1.08 -27.87
C ASN H 402 15.00 -0.28 -26.94
N THR H 403 15.34 0.92 -27.36
CA THR H 403 16.28 1.74 -26.60
C THR H 403 15.67 3.06 -26.13
N LEU H 404 15.88 3.36 -24.85
CA LEU H 404 15.45 4.63 -24.29
C LEU H 404 16.63 5.56 -24.19
N LEU H 405 16.54 6.67 -24.91
CA LEU H 405 17.57 7.67 -24.87
C LEU H 405 16.98 8.88 -24.21
N ALA H 406 17.71 9.36 -23.21
CA ALA H 406 17.29 10.55 -22.53
C ALA H 406 18.46 11.51 -22.32
N ILE H 407 18.14 12.79 -22.55
CA ILE H 407 19.04 13.90 -22.41
C ILE H 407 18.60 14.67 -21.19
N THR H 408 19.53 14.93 -20.28
CA THR H 408 19.20 15.66 -19.06
C THR H 408 19.49 17.16 -19.17
N LYS H 409 18.87 17.92 -18.29
CA LYS H 409 19.01 19.37 -18.24
C LYS H 409 20.46 19.74 -18.02
N SER H 410 21.21 18.82 -17.41
CA SER H 410 22.63 19.04 -17.20
C SER H 410 23.37 18.77 -18.49
N GLY H 411 22.62 18.44 -19.54
CA GLY H 411 23.28 18.15 -20.77
C GLY H 411 23.82 16.73 -20.89
N ALA H 412 23.51 15.84 -19.96
CA ALA H 412 24.01 14.47 -20.04
C ALA H 412 23.18 13.56 -20.97
N LEU H 413 23.84 12.54 -21.52
CA LEU H 413 23.18 11.53 -22.35
C LEU H 413 23.23 10.19 -21.66
N ASP H 414 22.04 9.62 -21.50
CA ASP H 414 21.90 8.34 -20.84
C ASP H 414 21.11 7.39 -21.74
N ILE H 415 21.61 6.16 -21.87
CA ILE H 415 20.99 5.15 -22.71
C ILE H 415 20.57 3.90 -21.94
N LYS H 416 19.30 3.50 -22.07
CA LYS H 416 18.87 2.28 -21.44
C LYS H 416 18.23 1.40 -22.49
N MET H 417 18.26 0.10 -22.23
CA MET H 417 17.65 -0.88 -23.11
C MET H 417 16.80 -1.93 -22.40
N LEU H 418 15.68 -2.22 -23.03
CA LEU H 418 14.68 -3.11 -22.50
C LEU H 418 15.06 -4.56 -22.78
N PRO H 419 15.23 -5.36 -21.71
CA PRO H 419 15.50 -6.80 -21.79
C PRO H 419 14.55 -7.53 -22.72
N ARG H 420 15.00 -8.63 -23.30
CA ARG H 420 14.17 -9.29 -24.31
C ARG H 420 12.92 -9.83 -23.65
N THR H 421 13.11 -10.28 -22.41
CA THR H 421 12.16 -11.07 -21.65
C THR H 421 11.26 -10.27 -20.72
N ALA H 422 11.52 -8.97 -20.63
CA ALA H 422 10.78 -8.12 -19.70
C ALA H 422 9.37 -7.97 -20.20
N ASN H 423 8.40 -8.42 -19.42
CA ASN H 423 7.02 -8.19 -19.79
C ASN H 423 6.61 -6.84 -19.23
N LEU H 424 5.69 -6.18 -19.90
CA LEU H 424 5.23 -4.90 -19.44
C LEU H 424 3.75 -5.03 -19.16
N GLU H 425 3.32 -6.28 -18.96
CA GLU H 425 1.90 -6.67 -18.88
C GLU H 425 0.97 -6.05 -19.92
PG GTP I . 1.82 -31.99 -33.67
O1G GTP I . 2.15 -32.73 -34.95
O2G GTP I . 2.62 -30.72 -33.56
O3G GTP I . 2.15 -32.83 -32.46
O3B GTP I . 0.23 -31.68 -33.71
PB GTP I . -0.70 -32.21 -34.93
O1B GTP I . -2.08 -31.65 -34.83
O2B GTP I . -0.07 -31.88 -36.27
O3A GTP I . -0.87 -33.78 -34.71
PA GTP I . -0.99 -34.73 -36.00
O1A GTP I . -1.96 -34.13 -36.99
O2A GTP I . 0.41 -34.93 -36.56
O5' GTP I . -1.68 -36.10 -35.51
C5' GTP I . -3.05 -36.11 -35.21
C4' GTP I . -3.29 -37.37 -34.40
O4' GTP I . -4.67 -37.50 -34.14
C3' GTP I . -2.91 -38.53 -35.27
O3' GTP I . -2.62 -39.63 -34.45
C2' GTP I . -4.17 -38.73 -36.07
O2' GTP I . -4.30 -40.04 -36.52
C1' GTP I . -5.25 -38.39 -35.07
N9 GTP I . -6.32 -37.65 -35.72
C8 GTP I . -6.19 -36.56 -36.55
N7 GTP I . -7.43 -36.15 -36.92
C5 GTP I . -8.34 -36.95 -36.34
C6 GTP I . -9.73 -36.99 -36.38
O6 GTP I . -10.35 -36.15 -37.04
N1 GTP I . -10.41 -37.95 -35.66
C2 GTP I . -9.70 -38.88 -34.91
N2 GTP I . -10.35 -39.81 -34.21
N3 GTP I . -8.32 -38.85 -34.86
C4 GTP I . -7.66 -37.90 -35.57
MG MG J . 1.78 -32.16 -36.79
HG HG K . 1.10 -11.95 -22.73
HG HG L . 2.42 -39.33 4.43
HG HG M . -2.48 -38.99 2.16
HG HG N . 7.15 -25.05 12.47
HG HG O . 6.36 -38.79 -2.90
HG HG P . 18.59 -46.77 -2.74
HG HG Q . 5.97 -41.06 -12.66
HG HG R . 20.38 -46.56 -6.96
HG HG S . 19.27 -46.94 -0.73
HG HG T . 7.89 -41.23 -11.48
HG HG U . 2.80 -43.98 -11.20
HG HG V . 4.14 -36.77 6.59
HG HG W . 7.58 -20.04 10.29
HG HG X . -1.62 -38.23 3.94
PG GTP Y . -11.83 10.92 44.89
O1G GTP Y . -12.21 11.85 46.05
O2G GTP Y . -11.55 11.72 43.65
O3G GTP Y . -12.92 9.87 44.66
O3B GTP Y . -10.48 10.12 45.30
PB GTP Y . -9.81 10.18 46.77
O1B GTP Y . -8.32 10.13 46.53
O2B GTP Y . -10.16 11.47 47.47
O3A GTP Y . -10.29 8.89 47.63
PA GTP Y . -10.76 9.17 49.15
O1A GTP Y . -9.63 9.72 50.00
O2A GTP Y . -11.89 10.18 49.09
O5' GTP Y . -11.32 7.77 49.76
C5' GTP Y . -10.66 6.56 49.53
C4' GTP Y . -11.46 5.38 50.08
O4' GTP Y . -10.53 4.46 50.63
C3' GTP Y . -12.24 5.78 51.30
O3' GTP Y . -12.94 4.63 51.75
C2' GTP Y . -11.08 6.04 52.24
O2' GTP Y . -11.47 6.32 53.56
C1' GTP Y . -10.34 4.73 52.02
N9 GTP Y . -8.90 4.88 52.22
C8 GTP Y . -8.15 6.01 52.02
N7 GTP Y . -6.86 5.70 52.32
C5 GTP Y . -6.81 4.41 52.70
C6 GTP Y . -5.76 3.59 53.08
O6 GTP Y . -4.64 4.09 53.12
N1 GTP Y . -6.00 2.27 53.42
C2 GTP Y . -7.29 1.77 53.36
N2 GTP Y . -7.58 0.50 53.67
N3 GTP Y . -8.32 2.59 52.95
C4 GTP Y . -8.08 3.88 52.63
MG MG Z . -10.35 13.47 46.38
HG HG AA . -2.50 11.62 24.40
HG HG BA . -24.78 -14.06 7.61
HG HG CA . -27.84 -17.35 20.51
HG HG DA . -27.51 -10.70 28.26
HG HG EA . -22.34 -19.53 26.28
HG HG FA . -26.03 -5.76 36.11
HG HG GA . -40.90 -7.64 32.12
HG HG HA . -26.90 -14.59 8.45
HG HG IA . -21.52 -21.66 29.30
HG HG JA . -24.72 -3.81 36.96
HG HG KA . -42.60 -8.94 29.80
HG HG LA . -40.35 -3.80 28.62
HG HG MA . -41.69 -6.45 29.99
PG GTP NA . -16.05 35.77 27.45
O1G GTP NA . -16.60 36.50 28.68
O2G GTP NA . -16.00 34.29 27.78
O3G GTP NA . -14.71 36.31 26.97
O3B GTP NA . -17.06 36.01 26.22
PB GTP NA . -18.35 36.98 26.27
O1B GTP NA . -19.32 36.38 25.28
O2B GTP NA . -18.94 37.01 27.66
O3A GTP NA . -17.90 38.48 25.86
PA GTP NA . -18.51 39.78 26.64
O1A GTP NA . -19.94 39.46 27.07
O2A GTP NA . -17.56 40.03 27.80
O5' GTP NA . -18.45 41.04 25.64
C5' GTP NA . -17.28 41.28 24.87
C4' GTP NA . -17.09 42.69 24.33
O4' GTP NA . -18.01 42.90 23.28
C3' GTP NA . -17.37 43.80 25.31
O3' GTP NA . -16.75 44.98 24.80
C2' GTP NA . -18.88 43.88 25.17
O2' GTP NA . -19.53 44.93 25.88
C1' GTP NA . -18.96 43.90 23.65
N9 GTP NA . -20.31 43.57 23.17
C8 GTP NA . -21.21 42.67 23.69
N7 GTP NA . -22.34 42.72 22.93
C5 GTP NA . -22.18 43.63 21.93
C6 GTP NA . -22.99 44.08 20.88
O6 GTP NA . -24.14 43.63 20.71
N1 GTP NA . -22.51 45.05 20.03
C2 GTP NA . -21.23 45.57 20.22
N2 GTP NA . -20.76 46.50 19.40
N3 GTP NA . -20.43 45.12 21.25
C4 GTP NA . -20.89 44.17 22.08
MG MG OA . -18.90 35.48 29.31
HG HG PA . -13.92 15.39 17.53
HG HG QA . 20.63 21.14 3.03
HG HG RA . 17.87 34.31 5.43
HG HG SA . 11.32 37.31 12.66
HG HG TA . 11.30 38.34 2.47
HG HG UA . 4.99 41.31 18.47
HG HG VA . 20.27 41.03 24.31
HG HG WA . 22.39 22.63 4.16
HG HG XA . 21.78 42.21 22.67
HG HG YA . 18.92 39.13 26.50
HG HG ZA . 8.77 38.83 1.08
HG HG AB . 2.92 40.78 19.12
HG HG BB . 19.41 42.77 23.53
HG HG CB . 20.05 34.71 6.77
HG HG DB . 16.19 33.87 4.83
PG GTP EB . 24.85 -12.61 -37.16
O1G GTP EB . 25.31 -13.62 -38.19
O2G GTP EB . 23.58 -13.13 -36.54
O3G GTP EB . 24.49 -11.28 -37.77
O3B GTP EB . 26.07 -12.40 -36.14
PB GTP EB . 27.58 -12.82 -36.55
O1B GTP EB . 28.50 -12.64 -35.37
O2B GTP EB . 27.62 -14.24 -37.07
O3A GTP EB . 28.11 -11.81 -37.68
PA GTP EB . 29.20 -12.24 -38.79
O1A GTP EB . 30.39 -12.93 -38.16
O2A GTP EB . 28.47 -13.07 -39.83
O5' GTP EB . 29.81 -10.88 -39.40
C5' GTP EB . 30.74 -10.20 -38.62
C4' GTP EB . 31.05 -8.90 -39.32
O4' GTP EB . 32.09 -8.30 -38.59
C3' GTP EB . 31.57 -9.21 -40.70
O3' GTP EB . 31.20 -8.19 -41.59
C2' GTP EB . 33.08 -9.28 -40.49
O2' GTP EB . 33.80 -8.78 -41.59
C1' GTP EB . 33.33 -8.42 -39.27
N9 GTP EB . 34.25 -9.09 -38.35
C8 GTP EB . 34.11 -10.34 -37.80
N7 GTP EB . 35.16 -10.57 -36.98
C5 GTP EB . 35.96 -9.47 -36.99
C6 GTP EB . 37.15 -9.16 -36.34
O6 GTP EB . 37.70 -9.96 -35.58
N1 GTP EB . 37.73 -7.94 -36.57
C2 GTP EB . 37.15 -7.03 -37.43
N2 GTP EB . 37.74 -5.85 -37.63
N3 GTP EB . 35.97 -7.34 -38.06
C4 GTP EB . 35.39 -8.54 -37.84
MG MG FB . 26.26 -15.28 -38.38
HG HG GB . 13.94 -13.05 -17.22
HG HG HB . 13.51 21.60 -29.99
HG HG IB . 4.77 22.12 -30.45
HG HG JB . 1.67 14.57 -48.59
HG HG KB . -4.05 20.14 -20.70
HG HG LB . 8.96 14.43 -35.80
HG HG MB . 15.06 7.85 -40.33
HG HG NB . 0.20 16.14 -48.51
HG HG OB . 16.77 21.85 -29.60
HG HG PB . 3.33 10.27 -49.99
HG HG QB . 15.33 4.91 -39.07
HG HG RB . 13.05 7.99 -40.90
HG HG SB . 11.54 22.31 -29.40
HG HG TB . 6.56 21.61 -29.89
HG HG UB . 2.48 22.39 -32.34
#